data_6XNX
#
_entry.id   6XNX
#
_cell.length_a   1.00
_cell.length_b   1.00
_cell.length_c   1.00
_cell.angle_alpha   90.00
_cell.angle_beta   90.00
_cell.angle_gamma   90.00
#
_symmetry.space_group_name_H-M   'P 1'
#
loop_
_entity.id
_entity.type
_entity.pdbx_description
1 polymer 'V(D)J recombination-activating protein 1'
2 polymer 'V(D)J recombination-activating protein 2'
3 polymer '12RSS integration strand DNA (55-MER)'
4 polymer '23RSS integration strand DNA (66-MER)'
5 polymer 'Flanking DNA top strand DNA'
6 polymer '23RSS signal top strand DNA (45-MER)'
7 polymer '12RSS signal top strand DNA (34-MER)'
8 non-polymer 'MAGNESIUM ION'
9 non-polymer 'ZINC ION'
#
loop_
_entity_poly.entity_id
_entity_poly.type
_entity_poly.pdbx_seq_one_letter_code
_entity_poly.pdbx_strand_id
1 'polypeptide(L)'
;GPKKISNCSKIHLSTKLLAVDFPAHFVKSISCQICEHILADPVETSCKHLFCRICILRCLKVMGSYCPSCRYPCFPTDLE
SPVKSFLNILNSLMVKCPAQDCNEEVSLEKYNHHVSSHKESKETLVHINKGGRPRQHLLSLTRRAQKHRLRELKIQVKEF
ADKEEGGDVKAVCLTLFLLALRARNEHRQADELEAIMQGRGSGLQPAVCLAIRVNTFLSCSQYHKMYRTVKAITGRQIFQ
PLHALRNAEKVLLPGYHPFEWQPPLKNVSSRTDVGIIDGLSGLASSVDEYPVDTIAKRFRYDSALVSALMDMEEDILEGM
RSQDLDDYLNGPFTVVVKESCDGMGDVSEKHGSGPAVPEKAVRFSFTVMRITIEHGSQNVKVFEEPKPNSVLCCKPLCLM
LADESDHETLTAILSPLIAEREAMKSSELTLEMGGIPRTFKFIFRGTGYDEKLVREVEGLEASGSVYICTLCDTTRLEAS
QNLVFHSITRSHAENLQRYEVWRSNPYHESVEELRDRVKGVSAKPFIETVPSIDALHCDIGNAAEFYKIFQLEIGEVYKH
PNASKEERKRWQATLDKHLRKRMNLKPIMMMNGNFARKLMTQETVDAVCELIPSEERHEALRELMDLYLKMKPVWRSSCP
AKECPESLCQYSFNSQRFAELLSTKFKYRYEGKITNYFHKTLAHVPEIIERDGSIGAWASEGNESGNKLFRRFRKMNARQ
SKCYEMEDVLKHHWLYTSKYLQKFMNAHNA
;
A,C
2 'polypeptide(L)'
;GPMALQMVTVGHNIALIQPGFSLMNFDGQVFFFGQKGWPKRSCPTGVFHFDIKQNHLKLKPAIFSKDSCYLPPLRYPATC
SYKGSIDSDKHQYIIHGGKTPNNELSDKIYIMSVACKNNKKVTFRCTEKDLVGDVPEPRYGHSIDVVYSRGKSMGVLFGG
RSYMPSTQRTTEKWNSVADCLPHVFLIDFEFGCATSYILPELQDGLSFHVSIARNDTVYILGGHSLASNIRPANLYRIRV
DLPLGTPAVNCTVLPGGISVSSAILTQTNNDEFVIVGGYQLENQKRMVCSLVSLGDNTIEISEMETPDWTSDIKHSKIWF
GSNMGNGTIFLGIPGDNKQAMSEAFYFYTLRCSEEDLSEDQKI
;
B,D
3 'polydeoxyribonucleotide'
;(DG)(DG)(DT)(DC)(DG)(DA)(DG)(DG)(DT)(DT)(DT)(DT)(DT)(DG)(DT)(DA)(DC)(DA)(DG)(DC)
(DC)(DT)(DA)(DC)(DT)(DA)(DC)(DC)(DA)(DC)(DT)(DG)(DT)(DG)(DC)(DG)(DC)(DC)(DG)(DG)
(DT)(DA)(DG)(DC)(DC)(DC)(DT)(DA)(DT)(DC)(DC)(DT)(DG)(DA)(DG)
;
x
4 'polydeoxyribonucleotide'
;(DG)(DG)(DT)(DC)(DG)(DA)(DG)(DG)(DT)(DT)(DT)(DT)(DT)(DG)(DT)(DA)(DC)(DA)(DG)(DC)
(DC)(DA)(DG)(DA)(DC)(DA)(DA)(DC)(DA)(DG)(DC)(DC)(DT)(DA)(DC)(DT)(DA)(DC)(DC)(DA)
(DC)(DT)(DG)(DT)(DG)(DC)(DG)(DG)(DC)(DG)(DG)(DT)(DA)(DG)(DC)(DC)(DC)(DT)(DA)(DT)
(DC)(DC)(DT)(DG)(DA)(DG)
;
y
5 'polydeoxyribonucleotide' (DC)(DT)(DC)(DA)(DG)(DG)(DA)(DT)(DA)(DG)(DG)(DG)(DC)(DT)(DA)(DC) I,J
6 'polydeoxyribonucleotide'
;(DC)(DA)(DC)(DA)(DG)(DT)(DG)(DG)(DT)(DA)(DG)(DT)(DA)(DG)(DG)(DC)(DT)(DG)(DT)(DT)
(DG)(DT)(DC)(DT)(DG)(DG)(DC)(DT)(DG)(DT)(DA)(DC)(DA)(DA)(DA)(DA)(DA)(DC)(DC)(DT)
(DC)(DG)(DA)(DC)(DC)
;
L
7 'polydeoxyribonucleotide'
;(DC)(DA)(DC)(DA)(DG)(DT)(DG)(DG)(DT)(DA)(DG)(DT)(DA)(DG)(DG)(DC)(DT)(DG)(DT)(DA)
(DC)(DA)(DA)(DA)(DA)(DA)(DC)(DC)(DT)(DC)(DG)(DA)(DC)(DC)
;
M
#
loop_
_chem_comp.id
_chem_comp.type
_chem_comp.name
_chem_comp.formula
DA DNA linking 2'-DEOXYADENOSINE-5'-MONOPHOSPHATE 'C10 H14 N5 O6 P'
DC DNA linking 2'-DEOXYCYTIDINE-5'-MONOPHOSPHATE 'C9 H14 N3 O7 P'
DG DNA linking 2'-DEOXYGUANOSINE-5'-MONOPHOSPHATE 'C10 H14 N5 O7 P'
DT DNA linking THYMIDINE-5'-MONOPHOSPHATE 'C10 H15 N2 O8 P'
MG non-polymer 'MAGNESIUM ION' 'Mg 2'
ZN non-polymer 'ZINC ION' 'Zn 2'
#
# COMPACT_ATOMS: atom_id res chain seq x y z
N SER A 202 20.31 -40.13 14.64
CA SER A 202 21.06 -39.18 13.81
C SER A 202 20.22 -37.92 13.60
N GLY A 203 19.82 -37.29 14.69
CA GLY A 203 19.02 -36.09 14.65
C GLY A 203 19.85 -34.83 14.78
N LEU A 204 19.19 -33.70 14.55
CA LEU A 204 19.81 -32.40 14.66
C LEU A 204 19.66 -31.84 16.07
N GLN A 205 20.55 -30.91 16.41
CA GLN A 205 20.48 -30.28 17.70
C GLN A 205 19.40 -29.20 17.69
N PRO A 206 18.86 -28.89 18.86
CA PRO A 206 17.84 -27.84 18.92
C PRO A 206 18.33 -26.50 18.41
N ALA A 207 19.58 -26.15 18.69
CA ALA A 207 20.09 -24.86 18.25
C ALA A 207 20.20 -24.79 16.73
N VAL A 208 20.63 -25.87 16.10
CA VAL A 208 20.75 -25.87 14.65
C VAL A 208 19.38 -25.94 14.00
N CYS A 209 18.45 -26.69 14.59
CA CYS A 209 17.09 -26.68 14.08
C CYS A 209 16.48 -25.29 14.19
N LEU A 210 16.83 -24.58 15.26
CA LEU A 210 16.39 -23.20 15.40
C LEU A 210 17.01 -22.31 14.33
N ALA A 211 18.30 -22.48 14.10
CA ALA A 211 18.95 -21.74 13.02
C ALA A 211 18.24 -21.96 11.71
N ILE A 212 17.88 -23.21 11.42
CA ILE A 212 17.13 -23.51 10.21
C ILE A 212 15.79 -22.78 10.23
N ARG A 213 15.03 -22.95 11.30
CA ARG A 213 13.72 -22.33 11.41
C ARG A 213 13.80 -20.84 11.15
N VAL A 214 14.84 -20.20 11.68
CA VAL A 214 14.94 -18.76 11.66
C VAL A 214 15.46 -18.28 10.30
N ASN A 215 16.66 -18.72 9.95
CA ASN A 215 17.30 -18.23 8.74
C ASN A 215 16.52 -18.63 7.50
N THR A 216 15.87 -19.78 7.53
CA THR A 216 14.95 -20.17 6.49
C THR A 216 13.59 -19.51 6.65
N PHE A 217 13.46 -18.60 7.59
CA PHE A 217 12.25 -17.85 7.82
C PHE A 217 11.07 -18.74 8.17
N LEU A 218 11.33 -20.01 8.44
CA LEU A 218 10.28 -20.92 8.83
C LEU A 218 9.62 -20.44 10.10
N SER A 219 8.32 -20.24 10.04
CA SER A 219 7.58 -20.02 11.25
C SER A 219 7.65 -21.24 12.14
N CYS A 220 7.27 -21.05 13.39
CA CYS A 220 7.20 -22.17 14.30
C CYS A 220 6.08 -23.11 13.91
N SER A 221 5.05 -22.59 13.26
CA SER A 221 3.98 -23.43 12.74
C SER A 221 4.44 -24.20 11.52
N GLN A 222 5.11 -23.51 10.59
CA GLN A 222 5.67 -24.19 9.45
C GLN A 222 6.75 -25.16 9.86
N TYR A 223 7.59 -24.76 10.81
CA TYR A 223 8.61 -25.66 11.29
C TYR A 223 8.01 -26.88 11.96
N HIS A 224 6.92 -26.69 12.71
CA HIS A 224 6.29 -27.83 13.33
C HIS A 224 5.69 -28.76 12.29
N LYS A 225 5.10 -28.21 11.24
CA LYS A 225 4.63 -29.05 10.14
C LYS A 225 5.77 -29.87 9.59
N MET A 226 6.89 -29.21 9.29
CA MET A 226 8.03 -29.91 8.73
C MET A 226 8.54 -30.96 9.70
N TYR A 227 8.63 -30.62 10.97
CA TYR A 227 9.15 -31.53 11.98
C TYR A 227 8.27 -32.76 12.13
N ARG A 228 6.97 -32.56 12.30
CA ARG A 228 6.07 -33.69 12.45
C ARG A 228 6.03 -34.51 11.17
N THR A 229 6.20 -33.87 10.02
CA THR A 229 6.21 -34.60 8.77
C THR A 229 7.46 -35.47 8.65
N VAL A 230 8.61 -34.92 9.04
CA VAL A 230 9.85 -35.67 8.97
C VAL A 230 9.86 -36.77 10.02
N LYS A 231 9.18 -36.53 11.14
CA LYS A 231 9.11 -37.51 12.21
C LYS A 231 8.18 -38.64 11.87
N ALA A 232 7.10 -38.35 11.14
CA ALA A 232 6.14 -39.36 10.75
C ALA A 232 6.52 -40.08 9.47
N ILE A 233 7.39 -39.47 8.67
CA ILE A 233 7.82 -40.06 7.41
C ILE A 233 9.04 -40.91 7.67
N THR A 234 10.08 -40.29 8.22
CA THR A 234 11.28 -41.02 8.60
C THR A 234 11.08 -41.84 9.86
N GLY A 235 10.03 -41.58 10.61
CA GLY A 235 9.80 -42.25 11.88
C GLY A 235 10.69 -41.79 12.99
N ARG A 236 11.73 -41.01 12.72
CA ARG A 236 12.69 -40.59 13.72
C ARG A 236 12.70 -39.07 13.83
N GLN A 237 13.03 -38.59 15.02
CA GLN A 237 13.02 -37.17 15.32
C GLN A 237 14.31 -36.55 14.80
N ILE A 238 14.25 -36.07 13.56
CA ILE A 238 15.38 -35.41 12.95
C ILE A 238 15.43 -33.96 13.39
N PHE A 239 14.33 -33.25 13.21
CA PHE A 239 14.22 -31.89 13.70
C PHE A 239 13.75 -31.89 15.14
N GLN A 240 14.28 -30.97 15.89
CA GLN A 240 13.88 -30.89 17.27
C GLN A 240 12.58 -30.12 17.37
N PRO A 241 11.65 -30.57 18.20
CA PRO A 241 10.36 -29.91 18.30
C PRO A 241 10.50 -28.47 18.77
N LEU A 242 9.36 -27.79 18.75
CA LEU A 242 9.35 -26.36 18.99
C LEU A 242 9.84 -26.04 20.39
N HIS A 243 9.44 -26.82 21.38
CA HIS A 243 9.84 -26.51 22.75
C HIS A 243 11.35 -26.51 22.90
N ALA A 244 12.03 -27.43 22.22
CA ALA A 244 13.47 -27.47 22.27
C ALA A 244 14.05 -26.23 21.60
N LEU A 245 13.43 -25.78 20.53
CA LEU A 245 13.88 -24.58 19.85
C LEU A 245 13.74 -23.37 20.75
N ARG A 246 12.64 -23.28 21.50
CA ARG A 246 12.48 -22.15 22.41
C ARG A 246 13.49 -22.22 23.54
N ASN A 247 13.75 -23.42 24.05
CA ASN A 247 14.77 -23.56 25.09
C ASN A 247 16.13 -23.14 24.55
N ALA A 248 16.37 -23.37 23.27
CA ALA A 248 17.60 -22.88 22.65
C ALA A 248 17.59 -21.37 22.53
N GLU A 249 16.51 -20.81 22.00
CA GLU A 249 16.36 -19.37 21.91
C GLU A 249 16.72 -18.70 23.21
N LYS A 250 16.24 -19.26 24.33
CA LYS A 250 16.57 -18.69 25.63
C LYS A 250 18.05 -18.36 25.72
N VAL A 251 18.88 -19.21 25.11
CA VAL A 251 20.33 -19.04 25.18
C VAL A 251 20.77 -17.89 24.30
N LEU A 252 20.12 -17.71 23.16
CA LEU A 252 20.50 -16.70 22.20
C LEU A 252 19.83 -15.38 22.43
N LEU A 253 18.76 -15.38 23.16
CA LEU A 253 18.06 -14.15 23.45
C LEU A 253 18.66 -13.47 24.67
N PRO A 254 18.54 -12.15 24.74
CA PRO A 254 19.06 -11.44 25.90
C PRO A 254 18.36 -11.87 27.17
N GLY A 255 19.11 -11.86 28.27
CA GLY A 255 18.60 -12.27 29.55
C GLY A 255 19.00 -13.66 29.95
N TYR A 256 20.04 -14.20 29.34
CA TYR A 256 20.53 -15.53 29.64
C TYR A 256 21.96 -15.52 30.17
N HIS A 257 22.85 -14.90 29.45
CA HIS A 257 24.25 -14.94 29.82
C HIS A 257 24.52 -13.97 30.95
N PRO A 258 25.12 -14.41 32.05
CA PRO A 258 25.43 -13.49 33.13
C PRO A 258 26.51 -12.52 32.72
N PHE A 259 26.25 -11.24 32.93
CA PHE A 259 27.21 -10.19 32.66
C PHE A 259 27.25 -9.24 33.83
N GLU A 260 28.27 -8.40 33.84
CA GLU A 260 28.46 -7.46 34.94
C GLU A 260 29.28 -6.30 34.43
N TRP A 261 28.77 -5.09 34.61
CA TRP A 261 29.50 -3.89 34.25
C TRP A 261 30.24 -3.43 35.50
N GLN A 262 31.56 -3.62 35.51
CA GLN A 262 32.31 -3.39 36.74
C GLN A 262 32.13 -1.96 37.24
N PRO A 263 31.97 -0.96 36.40
CA PRO A 263 31.20 0.21 36.79
C PRO A 263 29.72 -0.07 36.59
N PRO A 264 28.97 -0.31 37.65
CA PRO A 264 27.57 -0.67 37.49
C PRO A 264 26.82 0.38 36.68
N LEU A 265 26.13 -0.10 35.65
CA LEU A 265 25.44 0.79 34.74
C LEU A 265 24.50 1.71 35.49
N LYS A 266 24.69 3.01 35.30
CA LYS A 266 23.82 3.98 35.93
C LYS A 266 22.41 3.85 35.39
N ASN A 267 21.46 3.70 36.29
CA ASN A 267 20.03 3.65 36.00
C ASN A 267 19.63 2.41 35.23
N VAL A 268 20.50 1.42 35.13
CA VAL A 268 20.17 0.15 34.50
C VAL A 268 20.21 -0.95 35.55
N SER A 269 19.23 -1.84 35.47
CA SER A 269 19.18 -2.94 36.40
C SER A 269 20.37 -3.87 36.19
N SER A 270 21.01 -4.24 37.30
CA SER A 270 22.07 -5.23 37.23
C SER A 270 21.55 -6.60 36.86
N ARG A 271 20.23 -6.76 36.77
CA ARG A 271 19.65 -8.06 36.48
C ARG A 271 19.98 -8.47 35.05
N THR A 272 20.53 -9.66 34.92
CA THR A 272 20.97 -10.21 33.65
C THR A 272 19.96 -11.20 33.08
N ASP A 273 18.72 -11.13 33.53
CA ASP A 273 17.67 -12.06 33.13
C ASP A 273 16.63 -11.42 32.24
N VAL A 274 16.62 -10.10 32.15
CA VAL A 274 15.58 -9.41 31.42
C VAL A 274 15.82 -9.58 29.92
N GLY A 275 14.76 -9.94 29.21
CA GLY A 275 14.85 -10.10 27.78
C GLY A 275 13.98 -9.11 27.05
N ILE A 276 12.82 -9.58 26.59
CA ILE A 276 11.90 -8.72 25.84
C ILE A 276 11.03 -7.98 26.83
N ILE A 277 11.52 -6.84 27.28
CA ILE A 277 10.75 -5.99 28.18
C ILE A 277 9.88 -5.05 27.36
N ASP A 278 8.93 -4.42 28.04
CA ASP A 278 8.09 -3.43 27.40
C ASP A 278 8.91 -2.21 27.02
N GLY A 279 8.82 -1.83 25.76
CA GLY A 279 9.50 -0.62 25.32
C GLY A 279 8.93 0.62 25.94
N LEU A 280 7.66 0.59 26.33
CA LEU A 280 7.08 1.69 27.06
C LEU A 280 7.92 2.04 28.27
N SER A 281 8.54 1.04 28.87
CA SER A 281 9.45 1.22 29.99
C SER A 281 8.73 1.96 31.13
N GLY A 282 7.63 1.36 31.56
CA GLY A 282 6.82 1.94 32.60
C GLY A 282 6.02 3.14 32.19
N LEU A 283 6.06 3.50 30.91
CA LEU A 283 5.31 4.66 30.44
C LEU A 283 3.88 4.57 30.87
N ALA A 284 3.45 5.55 31.66
CA ALA A 284 2.14 5.51 32.29
C ALA A 284 1.06 5.58 31.23
N SER A 285 0.37 4.48 31.01
CA SER A 285 -0.80 4.45 30.15
C SER A 285 -2.04 4.91 30.87
N SER A 286 -1.88 5.51 32.04
CA SER A 286 -3.00 6.16 32.69
C SER A 286 -3.69 7.09 31.73
N VAL A 287 -5.02 7.14 31.83
CA VAL A 287 -5.82 7.98 30.97
C VAL A 287 -5.51 9.45 31.22
N ASP A 288 -5.01 9.77 32.41
CA ASP A 288 -4.64 11.14 32.73
C ASP A 288 -3.36 11.55 32.06
N GLU A 289 -2.54 10.58 31.68
CA GLU A 289 -1.22 10.82 31.14
C GLU A 289 -1.29 11.02 29.63
N TYR A 290 -0.15 11.30 29.05
CA TYR A 290 -0.06 11.40 27.61
C TYR A 290 -0.45 10.07 26.99
N PRO A 291 -1.36 10.05 26.02
CA PRO A 291 -1.80 8.78 25.46
C PRO A 291 -0.67 8.02 24.82
N VAL A 292 -0.43 6.82 25.32
CA VAL A 292 0.60 5.95 24.78
C VAL A 292 -0.09 5.10 23.72
N ASP A 293 -0.17 5.64 22.52
CA ASP A 293 -0.75 4.94 21.39
C ASP A 293 0.32 4.14 20.67
N THR A 294 0.97 3.25 21.43
CA THR A 294 2.21 2.66 20.97
C THR A 294 2.44 1.33 21.65
N ILE A 295 2.86 0.35 20.87
CA ILE A 295 3.28 -0.95 21.33
C ILE A 295 4.78 -1.02 21.07
N ALA A 296 5.56 -1.04 22.13
CA ALA A 296 7.00 -1.12 22.01
C ALA A 296 7.51 -2.27 22.86
N LYS A 297 8.24 -3.16 22.23
CA LYS A 297 8.96 -4.22 22.92
C LYS A 297 10.43 -4.07 22.60
N ARG A 298 11.25 -4.02 23.63
CA ARG A 298 12.66 -3.83 23.46
C ARG A 298 13.43 -4.80 24.33
N PHE A 299 14.64 -5.08 23.91
CA PHE A 299 15.63 -5.67 24.76
C PHE A 299 16.34 -4.57 25.53
N ARG A 300 16.75 -4.90 26.74
CA ARG A 300 17.63 -4.00 27.45
C ARG A 300 18.97 -3.96 26.74
N TYR A 301 19.43 -2.76 26.43
CA TYR A 301 20.58 -2.60 25.56
C TYR A 301 21.80 -3.32 26.07
N ASP A 302 21.99 -3.41 27.38
CA ASP A 302 23.12 -4.16 27.91
C ASP A 302 22.92 -5.65 27.75
N SER A 303 21.73 -6.15 28.10
CA SER A 303 21.40 -7.53 27.84
C SER A 303 21.53 -7.87 26.37
N ALA A 304 21.07 -6.96 25.51
CA ALA A 304 21.11 -7.20 24.09
C ALA A 304 22.54 -7.27 23.58
N LEU A 305 23.38 -6.36 24.06
CA LEU A 305 24.78 -6.38 23.66
C LEU A 305 25.46 -7.65 24.12
N VAL A 306 25.14 -8.09 25.33
CA VAL A 306 25.71 -9.31 25.85
C VAL A 306 25.32 -10.50 24.99
N SER A 307 24.05 -10.56 24.61
CA SER A 307 23.60 -11.67 23.77
C SER A 307 24.23 -11.59 22.39
N ALA A 308 24.44 -10.38 21.87
CA ALA A 308 25.06 -10.23 20.57
C ALA A 308 26.51 -10.67 20.61
N LEU A 309 27.21 -10.36 21.69
CA LEU A 309 28.60 -10.75 21.82
C LEU A 309 28.72 -12.25 22.03
N MET A 310 28.05 -12.77 23.04
CA MET A 310 28.07 -14.21 23.28
C MET A 310 27.54 -14.97 22.08
N ASP A 311 26.83 -14.29 21.18
CA ASP A 311 26.41 -14.90 19.93
C ASP A 311 27.55 -14.96 18.95
N MET A 312 28.36 -13.90 18.89
CA MET A 312 29.58 -13.89 18.11
C MET A 312 30.80 -14.22 18.95
N GLU A 313 30.60 -14.76 20.14
CA GLU A 313 31.70 -15.29 20.92
C GLU A 313 32.60 -16.14 20.04
N GLU A 314 32.01 -17.12 19.36
CA GLU A 314 32.78 -17.95 18.44
C GLU A 314 33.57 -17.10 17.46
N ASP A 315 32.92 -16.10 16.86
CA ASP A 315 33.59 -15.27 15.87
C ASP A 315 34.68 -14.41 16.51
N ILE A 316 34.42 -13.91 17.72
CA ILE A 316 35.43 -13.13 18.43
C ILE A 316 36.68 -13.97 18.65
N LEU A 317 36.51 -15.18 19.18
CA LEU A 317 37.65 -16.03 19.43
C LEU A 317 38.33 -16.44 18.14
N GLU A 318 37.54 -16.71 17.10
CA GLU A 318 38.10 -17.06 15.81
C GLU A 318 38.98 -15.95 15.27
N GLY A 319 38.56 -14.70 15.46
CA GLY A 319 39.33 -13.59 14.95
C GLY A 319 40.51 -13.26 15.82
N MET A 320 40.42 -13.54 17.12
CA MET A 320 41.58 -13.43 17.99
C MET A 320 42.63 -14.46 17.61
N ARG A 321 42.19 -15.65 17.24
CA ARG A 321 43.11 -16.69 16.80
C ARG A 321 43.72 -16.34 15.45
N SER A 322 42.88 -15.90 14.50
CA SER A 322 43.38 -15.45 13.21
C SER A 322 44.44 -14.37 13.37
N GLN A 323 44.26 -13.47 14.33
CA GLN A 323 45.27 -12.46 14.64
C GLN A 323 46.40 -13.01 15.49
N ASP A 324 46.46 -14.33 15.65
CA ASP A 324 47.51 -14.95 16.46
C ASP A 324 47.45 -14.44 17.89
N LEU A 325 46.24 -14.15 18.36
CA LEU A 325 46.01 -13.67 19.70
C LEU A 325 45.34 -14.78 20.51
N ASP A 326 45.93 -15.09 21.66
CA ASP A 326 45.39 -16.13 22.52
C ASP A 326 43.91 -15.90 22.74
N ASP A 327 43.10 -16.93 22.47
CA ASP A 327 41.68 -16.82 22.70
C ASP A 327 41.35 -17.08 24.16
N TYR A 328 42.10 -16.43 25.05
CA TYR A 328 41.79 -16.34 26.46
C TYR A 328 42.11 -14.95 26.99
N LEU A 329 42.27 -13.99 26.10
CA LEU A 329 42.68 -12.64 26.46
C LEU A 329 41.46 -11.86 26.94
N ASN A 330 41.46 -11.52 28.21
CA ASN A 330 40.40 -10.72 28.80
C ASN A 330 40.59 -9.24 28.56
N GLY A 331 41.53 -8.86 27.69
CA GLY A 331 41.79 -7.47 27.41
C GLY A 331 40.53 -6.75 27.04
N PRO A 332 40.50 -5.44 27.22
CA PRO A 332 39.28 -4.69 26.94
C PRO A 332 38.96 -4.63 25.46
N PHE A 333 37.96 -5.40 25.05
CA PHE A 333 37.48 -5.31 23.69
C PHE A 333 36.63 -4.07 23.53
N THR A 334 37.05 -3.18 22.64
CA THR A 334 36.23 -2.06 22.24
C THR A 334 35.27 -2.58 21.18
N VAL A 335 34.00 -2.61 21.54
CA VAL A 335 32.96 -3.10 20.64
C VAL A 335 32.30 -1.89 20.00
N VAL A 336 32.70 -1.60 18.76
CA VAL A 336 32.12 -0.55 17.98
C VAL A 336 30.80 -1.07 17.43
N VAL A 337 29.71 -0.50 17.93
CA VAL A 337 28.35 -0.89 17.61
C VAL A 337 27.73 0.21 16.78
N LYS A 338 27.03 -0.18 15.72
CA LYS A 338 26.29 0.76 14.89
C LYS A 338 24.84 0.70 15.32
N GLU A 339 24.47 1.53 16.27
CA GLU A 339 23.07 1.62 16.65
C GLU A 339 22.30 2.33 15.57
N SER A 340 21.28 1.66 15.07
CA SER A 340 20.57 2.07 13.87
C SER A 340 19.10 2.12 14.18
N CYS A 341 18.51 3.31 14.07
CA CYS A 341 17.07 3.49 14.17
C CYS A 341 16.51 3.87 12.82
N ASP A 342 15.29 3.45 12.58
CA ASP A 342 14.59 3.81 11.37
C ASP A 342 13.09 3.72 11.61
N GLY A 343 12.37 4.60 10.94
CA GLY A 343 10.95 4.48 10.87
C GLY A 343 10.50 3.77 9.62
N MET A 344 9.41 3.01 9.77
CA MET A 344 8.81 2.29 8.68
C MET A 344 7.31 2.42 8.78
N GLY A 345 6.69 2.99 7.77
CA GLY A 345 5.25 3.09 7.70
C GLY A 345 4.66 1.85 7.09
N ASP A 346 3.42 1.98 6.64
CA ASP A 346 2.70 0.90 6.00
C ASP A 346 2.67 -0.34 6.88
N VAL A 347 2.86 -0.16 8.18
CA VAL A 347 2.80 -1.24 9.15
C VAL A 347 1.35 -1.46 9.52
N SER A 348 0.68 -2.34 8.80
CA SER A 348 -0.75 -2.53 8.98
C SER A 348 -1.06 -2.79 10.43
N GLU A 349 -1.88 -1.92 11.01
CA GLU A 349 -2.32 -2.14 12.37
C GLU A 349 -3.20 -3.37 12.42
N LYS A 350 -3.17 -4.04 13.57
CA LYS A 350 -3.93 -5.24 13.77
C LYS A 350 -5.18 -4.94 14.57
N HIS A 351 -6.25 -5.66 14.26
CA HIS A 351 -7.39 -5.65 15.15
C HIS A 351 -6.97 -6.18 16.51
N GLY A 352 -7.83 -5.99 17.48
CA GLY A 352 -7.66 -6.62 18.77
C GLY A 352 -7.37 -5.62 19.87
N SER A 353 -7.47 -6.13 21.10
CA SER A 353 -7.17 -5.33 22.25
C SER A 353 -5.76 -4.77 22.15
N GLY A 354 -5.61 -3.54 22.63
CA GLY A 354 -4.35 -2.86 22.56
C GLY A 354 -4.55 -1.43 22.14
N PRO A 355 -3.55 -0.60 22.41
CA PRO A 355 -3.64 0.81 22.04
C PRO A 355 -3.86 0.98 20.54
N ALA A 356 -4.51 2.08 20.18
CA ALA A 356 -4.70 2.43 18.78
C ALA A 356 -3.37 2.94 18.24
N VAL A 357 -2.48 1.98 17.99
CA VAL A 357 -1.13 2.29 17.50
C VAL A 357 -1.23 2.82 16.07
N PRO A 358 -0.26 3.63 15.65
CA PRO A 358 -0.23 4.07 14.26
C PRO A 358 0.24 2.97 13.34
N GLU A 359 -0.06 3.14 12.06
CA GLU A 359 0.38 2.20 11.06
C GLU A 359 1.82 2.51 10.67
N LYS A 360 2.66 2.68 11.68
CA LYS A 360 4.04 3.08 11.50
C LYS A 360 4.84 2.47 12.63
N ALA A 361 6.04 2.00 12.30
CA ALA A 361 6.92 1.41 13.28
C ALA A 361 8.27 2.10 13.29
N VAL A 362 9.03 1.77 14.33
CA VAL A 362 10.36 2.29 14.55
C VAL A 362 11.20 1.13 15.02
N ARG A 363 12.22 0.79 14.26
CA ARG A 363 13.13 -0.27 14.64
C ARG A 363 14.43 0.36 15.06
N PHE A 364 14.69 0.38 16.35
CA PHE A 364 16.01 0.67 16.84
C PHE A 364 16.80 -0.62 16.86
N SER A 365 17.84 -0.66 16.06
CA SER A 365 18.69 -1.82 15.93
C SER A 365 20.10 -1.42 16.27
N PHE A 366 20.93 -2.42 16.49
CA PHE A 366 22.33 -2.20 16.68
C PHE A 366 23.09 -3.30 15.96
N THR A 367 24.19 -2.91 15.35
CA THR A 367 25.03 -3.80 14.59
C THR A 367 26.40 -3.77 15.24
N VAL A 368 26.84 -4.90 15.78
CA VAL A 368 28.20 -4.96 16.25
C VAL A 368 29.10 -4.87 15.02
N MET A 369 29.78 -3.75 14.89
CA MET A 369 30.49 -3.47 13.65
C MET A 369 31.91 -3.97 13.72
N ARG A 370 32.61 -3.69 14.81
CA ARG A 370 33.96 -4.21 14.96
C ARG A 370 34.36 -4.29 16.40
N ILE A 371 34.92 -5.44 16.76
CA ILE A 371 35.44 -5.70 18.08
C ILE A 371 36.95 -5.66 17.96
N THR A 372 37.55 -4.67 18.60
CA THR A 372 38.98 -4.45 18.56
C THR A 372 39.54 -4.55 19.97
N ILE A 373 40.44 -5.44 20.17
CA ILE A 373 41.06 -5.60 21.47
C ILE A 373 42.37 -4.83 21.49
N GLU A 374 42.65 -4.18 22.60
CA GLU A 374 43.84 -3.36 22.77
C GLU A 374 44.96 -4.26 23.26
N HIS A 375 45.71 -4.82 22.32
CA HIS A 375 46.79 -5.73 22.68
C HIS A 375 48.05 -4.94 22.99
N GLY A 376 47.93 -3.98 23.91
CA GLY A 376 49.07 -3.20 24.32
C GLY A 376 49.43 -2.12 23.33
N SER A 377 50.01 -2.53 22.21
CA SER A 377 50.58 -1.60 21.24
C SER A 377 49.75 -1.47 19.97
N GLN A 378 48.71 -2.28 19.81
CA GLN A 378 47.90 -2.26 18.60
C GLN A 378 46.45 -2.50 18.98
N ASN A 379 45.55 -1.81 18.27
CA ASN A 379 44.12 -1.98 18.46
C ASN A 379 43.57 -2.97 17.43
N VAL A 380 44.16 -4.16 17.46
CA VAL A 380 43.81 -5.20 16.49
C VAL A 380 42.33 -5.48 16.56
N LYS A 381 41.72 -5.71 15.41
CA LYS A 381 40.29 -5.96 15.32
C LYS A 381 40.06 -7.46 15.26
N VAL A 382 39.64 -8.03 16.39
CA VAL A 382 39.34 -9.45 16.47
C VAL A 382 38.03 -9.79 15.79
N PHE A 383 37.25 -8.79 15.41
CA PHE A 383 36.04 -9.04 14.65
C PHE A 383 35.68 -7.79 13.87
N GLU A 384 35.19 -7.99 12.66
CA GLU A 384 34.71 -6.90 11.84
C GLU A 384 33.57 -7.42 10.99
N GLU A 385 32.41 -6.83 11.15
CA GLU A 385 31.25 -7.29 10.41
C GLU A 385 31.53 -7.17 8.92
N PRO A 386 31.71 -8.29 8.22
CA PRO A 386 32.03 -8.18 6.79
C PRO A 386 30.92 -7.55 6.00
N LYS A 387 29.70 -7.92 6.29
CA LYS A 387 28.53 -7.36 5.65
C LYS A 387 27.76 -6.52 6.67
N PRO A 388 28.26 -5.33 6.98
CA PRO A 388 27.67 -4.54 8.07
C PRO A 388 26.26 -4.11 7.81
N ASN A 389 25.90 -3.85 6.56
CA ASN A 389 24.54 -3.49 6.20
C ASN A 389 23.70 -4.71 5.93
N SER A 390 24.14 -5.86 6.38
CA SER A 390 23.35 -7.06 6.25
C SER A 390 22.23 -7.06 7.26
N VAL A 391 21.13 -7.70 6.89
CA VAL A 391 20.04 -7.86 7.81
C VAL A 391 20.33 -8.98 8.80
N LEU A 392 21.36 -9.76 8.54
CA LEU A 392 21.79 -10.82 9.44
C LEU A 392 22.64 -10.31 10.58
N CYS A 393 22.85 -9.01 10.65
CA CYS A 393 23.74 -8.42 11.62
C CYS A 393 23.15 -7.23 12.33
N CYS A 394 22.15 -6.57 11.76
CA CYS A 394 21.49 -5.45 12.40
C CYS A 394 20.56 -6.02 13.46
N LYS A 395 21.02 -6.01 14.68
CA LYS A 395 20.32 -6.71 15.72
C LYS A 395 19.19 -5.84 16.25
N PRO A 396 17.95 -6.32 16.21
CA PRO A 396 16.85 -5.53 16.74
C PRO A 396 17.01 -5.31 18.22
N LEU A 397 16.75 -4.08 18.63
CA LEU A 397 16.88 -3.69 20.02
C LEU A 397 15.59 -3.13 20.59
N CYS A 398 14.78 -2.51 19.74
CA CYS A 398 13.49 -1.99 20.14
C CYS A 398 12.61 -1.94 18.91
N LEU A 399 11.53 -2.69 18.94
CA LEU A 399 10.49 -2.59 17.94
C LEU A 399 9.37 -1.79 18.59
N MET A 400 9.28 -0.54 18.19
CA MET A 400 8.21 0.34 18.60
C MET A 400 7.18 0.38 17.51
N LEU A 401 5.91 0.33 17.87
CA LEU A 401 4.84 0.52 16.91
C LEU A 401 4.34 1.96 16.97
N ALA A 402 5.28 2.86 16.69
CA ALA A 402 5.03 4.28 16.69
C ALA A 402 5.59 4.90 15.42
N ASP A 403 5.43 6.20 15.31
CA ASP A 403 6.01 6.98 14.24
C ASP A 403 7.29 7.64 14.74
N GLU A 404 8.31 7.66 13.89
CA GLU A 404 9.52 8.35 14.26
C GLU A 404 9.30 9.85 14.29
N SER A 405 8.28 10.33 13.58
CA SER A 405 7.92 11.73 13.63
C SER A 405 7.23 12.09 14.93
N ASP A 406 6.66 11.11 15.61
CA ASP A 406 6.08 11.32 16.93
C ASP A 406 7.19 11.37 17.97
N HIS A 407 7.84 12.52 18.09
CA HIS A 407 9.00 12.62 18.95
C HIS A 407 8.67 12.28 20.39
N GLU A 408 7.46 12.58 20.82
CA GLU A 408 7.07 12.35 22.21
C GLU A 408 7.13 10.87 22.54
N THR A 409 6.42 10.07 21.75
CA THR A 409 6.42 8.63 21.95
C THR A 409 7.78 8.04 21.64
N LEU A 410 8.37 8.41 20.52
CA LEU A 410 9.69 7.93 20.17
C LEU A 410 10.64 8.09 21.33
N THR A 411 10.62 9.25 21.97
CA THR A 411 11.51 9.49 23.09
C THR A 411 11.11 8.68 24.30
N ALA A 412 9.82 8.63 24.62
CA ALA A 412 9.39 7.81 25.73
C ALA A 412 9.89 6.39 25.59
N ILE A 413 10.02 5.91 24.36
CA ILE A 413 10.37 4.52 24.13
C ILE A 413 11.87 4.32 24.03
N LEU A 414 12.59 5.30 23.50
CA LEU A 414 14.00 5.15 23.25
C LEU A 414 14.88 5.67 24.36
N SER A 415 14.47 6.72 25.05
CA SER A 415 15.28 7.28 26.11
C SER A 415 15.74 6.24 27.12
N PRO A 416 15.03 5.15 27.35
CA PRO A 416 15.62 4.05 28.11
C PRO A 416 16.77 3.39 27.39
N LEU A 417 16.60 3.10 26.10
CA LEU A 417 17.70 2.61 25.30
C LEU A 417 18.85 3.59 25.30
N ILE A 418 18.54 4.88 25.21
CA ILE A 418 19.59 5.89 25.15
C ILE A 418 20.28 6.01 26.49
N ALA A 419 19.56 5.78 27.58
CA ALA A 419 20.18 5.83 28.90
C ALA A 419 21.07 4.62 29.12
N GLU A 420 20.62 3.45 28.69
CA GLU A 420 21.47 2.27 28.70
C GLU A 420 22.72 2.50 27.87
N ARG A 421 22.55 3.09 26.69
CA ARG A 421 23.67 3.39 25.82
C ARG A 421 24.65 4.35 26.50
N GLU A 422 24.13 5.40 27.14
CA GLU A 422 24.99 6.38 27.78
C GLU A 422 25.72 5.75 28.96
N ALA A 423 25.06 4.85 29.67
CA ALA A 423 25.71 4.16 30.78
C ALA A 423 26.82 3.24 30.27
N MET A 424 26.53 2.48 29.22
CA MET A 424 27.51 1.58 28.65
C MET A 424 28.66 2.32 28.00
N LYS A 425 28.46 3.58 27.64
CA LYS A 425 29.57 4.43 27.22
C LYS A 425 30.52 4.72 28.35
N SER A 426 30.13 4.42 29.58
CA SER A 426 30.88 4.77 30.77
C SER A 426 31.24 3.54 31.58
N SER A 427 31.22 2.37 30.96
CA SER A 427 31.38 1.13 31.70
C SER A 427 32.03 0.08 30.82
N GLU A 428 32.70 -0.86 31.46
CA GLU A 428 33.25 -2.03 30.80
C GLU A 428 32.40 -3.22 31.16
N LEU A 429 32.14 -4.06 30.18
CA LEU A 429 31.23 -5.19 30.32
C LEU A 429 32.05 -6.46 30.52
N THR A 430 32.19 -6.88 31.77
CA THR A 430 32.75 -8.18 32.09
C THR A 430 31.72 -9.22 31.72
N LEU A 431 32.08 -10.06 30.75
CA LEU A 431 31.23 -11.08 30.20
C LEU A 431 32.07 -12.34 30.03
N GLU A 432 31.57 -13.46 30.52
CA GLU A 432 32.33 -14.70 30.53
C GLU A 432 32.05 -15.44 29.24
N MET A 433 33.01 -15.39 28.32
CA MET A 433 32.92 -16.10 27.05
C MET A 433 34.13 -17.00 26.90
N GLY A 434 33.92 -18.15 26.26
CA GLY A 434 34.98 -19.12 26.16
C GLY A 434 35.52 -19.58 27.49
N GLY A 435 34.78 -19.34 28.57
CA GLY A 435 35.22 -19.65 29.90
C GLY A 435 36.04 -18.57 30.57
N ILE A 436 36.43 -17.55 29.84
CA ILE A 436 37.26 -16.47 30.37
C ILE A 436 36.38 -15.24 30.57
N PRO A 437 36.52 -14.51 31.67
CA PRO A 437 35.77 -13.26 31.83
C PRO A 437 36.37 -12.13 31.01
N ARG A 438 35.94 -12.07 29.75
CA ARG A 438 36.39 -11.01 28.83
C ARG A 438 35.72 -9.71 29.25
N THR A 439 36.33 -8.58 28.92
CA THR A 439 35.75 -7.28 29.20
C THR A 439 35.65 -6.49 27.91
N PHE A 440 34.47 -5.92 27.69
CA PHE A 440 34.17 -5.22 26.46
C PHE A 440 33.85 -3.76 26.75
N LYS A 441 34.63 -2.87 26.16
CA LYS A 441 34.24 -1.48 26.08
C LYS A 441 33.39 -1.30 24.84
N PHE A 442 32.50 -0.32 24.89
CA PHE A 442 31.54 -0.10 23.82
C PHE A 442 31.67 1.30 23.27
N ILE A 443 31.84 1.38 21.96
CA ILE A 443 31.79 2.63 21.22
C ILE A 443 30.53 2.57 20.39
N PHE A 444 29.49 3.26 20.84
CA PHE A 444 28.25 3.31 20.10
C PHE A 444 28.33 4.41 19.06
N ARG A 445 27.87 4.09 17.86
CA ARG A 445 27.95 5.01 16.73
C ARG A 445 26.59 4.99 16.06
N GLY A 446 25.78 5.99 16.35
CA GLY A 446 24.47 6.12 15.78
C GLY A 446 24.47 6.69 14.39
N THR A 447 24.78 5.85 13.42
CA THR A 447 24.85 6.24 12.03
C THR A 447 23.71 5.71 11.20
N GLY A 448 23.05 4.64 11.63
CA GLY A 448 21.97 4.05 10.88
C GLY A 448 20.66 4.78 11.04
N TYR A 449 20.74 6.10 10.98
CA TYR A 449 19.58 6.97 11.10
C TYR A 449 19.41 7.71 9.79
N ASP A 450 18.19 7.67 9.26
CA ASP A 450 17.89 8.53 8.12
C ASP A 450 17.87 9.98 8.56
N GLU A 451 18.42 10.84 7.69
CA GLU A 451 18.65 12.23 8.07
C GLU A 451 17.42 12.85 8.72
N LYS A 452 16.23 12.47 8.26
CA LYS A 452 15.01 12.90 8.93
C LYS A 452 15.08 12.54 10.41
N LEU A 453 15.38 11.27 10.69
CA LEU A 453 15.43 10.82 12.07
C LEU A 453 16.60 11.43 12.81
N VAL A 454 17.73 11.59 12.15
CA VAL A 454 18.86 12.26 12.78
C VAL A 454 18.44 13.62 13.28
N ARG A 455 17.89 14.43 12.38
CA ARG A 455 17.46 15.77 12.75
C ARG A 455 16.43 15.73 13.87
N GLU A 456 15.48 14.80 13.79
CA GLU A 456 14.52 14.66 14.86
C GLU A 456 15.20 14.43 16.20
N VAL A 457 16.11 13.45 16.23
CA VAL A 457 16.72 13.03 17.49
C VAL A 457 17.95 13.85 17.86
N GLU A 458 18.54 14.55 16.90
CA GLU A 458 19.68 15.41 17.18
C GLU A 458 19.29 16.87 17.33
N GLY A 459 18.00 17.14 17.48
CA GLY A 459 17.54 18.47 17.76
C GLY A 459 17.53 19.40 16.57
N LEU A 460 17.67 18.89 15.36
CA LEU A 460 17.83 19.75 14.22
C LEU A 460 16.50 19.95 13.50
N GLU A 461 16.43 21.05 12.78
CA GLU A 461 15.27 21.31 11.96
C GLU A 461 15.18 20.22 10.89
N ALA A 462 14.01 20.13 10.28
CA ALA A 462 13.81 19.08 9.30
C ALA A 462 14.81 19.24 8.16
N SER A 463 14.86 18.20 7.33
CA SER A 463 15.80 18.17 6.22
C SER A 463 15.67 19.43 5.37
N GLY A 464 14.46 19.67 4.88
CA GLY A 464 14.15 20.96 4.34
C GLY A 464 14.48 21.95 5.41
N SER A 465 15.38 22.87 5.10
CA SER A 465 15.83 23.86 6.04
C SER A 465 16.89 24.68 5.36
N VAL A 466 17.14 25.88 5.89
CA VAL A 466 18.31 26.60 5.45
C VAL A 466 19.54 25.92 6.02
N TYR A 467 19.39 25.25 7.16
CA TYR A 467 20.49 24.56 7.81
C TYR A 467 20.44 23.11 7.36
N ILE A 468 21.51 22.69 6.68
CA ILE A 468 21.37 21.64 5.69
C ILE A 468 21.99 20.33 6.14
N CYS A 469 23.01 20.35 6.98
CA CYS A 469 23.73 19.14 7.33
C CYS A 469 23.54 18.81 8.79
N THR A 470 23.42 17.52 9.06
CA THR A 470 23.54 16.96 10.38
C THR A 470 24.98 16.87 10.84
N LEU A 471 25.91 17.35 10.04
CA LEU A 471 27.33 17.28 10.31
C LEU A 471 27.97 18.64 10.46
N CYS A 472 27.76 19.53 9.51
CA CYS A 472 28.29 20.88 9.58
C CYS A 472 27.18 21.87 9.85
N ASP A 473 27.59 23.01 10.40
CA ASP A 473 26.68 24.09 10.75
C ASP A 473 26.56 25.11 9.62
N THR A 474 26.29 24.60 8.43
CA THR A 474 26.28 25.41 7.22
C THR A 474 24.87 25.57 6.71
N THR A 475 24.68 26.57 5.88
CA THR A 475 23.39 26.84 5.28
C THR A 475 23.33 26.28 3.88
N ARG A 476 22.11 26.00 3.44
CA ARG A 476 21.91 25.46 2.11
C ARG A 476 22.53 26.37 1.05
N LEU A 477 22.43 27.68 1.26
CA LEU A 477 23.08 28.63 0.37
C LEU A 477 24.58 28.46 0.42
N GLU A 478 25.17 28.61 1.62
CA GLU A 478 26.60 28.45 1.76
C GLU A 478 27.06 27.10 1.27
N ALA A 479 26.20 26.10 1.34
CA ALA A 479 26.54 24.77 0.88
C ALA A 479 26.43 24.63 -0.62
N SER A 480 25.63 25.47 -1.27
CA SER A 480 25.58 25.52 -2.71
C SER A 480 26.66 26.43 -3.29
N GLN A 481 27.31 27.21 -2.45
CA GLN A 481 28.39 28.08 -2.87
C GLN A 481 29.75 27.46 -2.67
N ASN A 482 30.06 27.03 -1.44
CA ASN A 482 31.31 26.33 -1.15
C ASN A 482 31.26 24.91 -1.67
N LEU A 483 30.30 24.13 -1.20
CA LEU A 483 29.92 22.82 -1.74
C LEU A 483 30.87 21.68 -1.42
N VAL A 484 32.08 21.98 -0.95
CA VAL A 484 32.96 20.91 -0.48
C VAL A 484 33.58 21.24 0.86
N PHE A 485 34.21 22.41 0.95
CA PHE A 485 35.04 22.73 2.10
C PHE A 485 34.13 23.11 3.26
N HIS A 486 33.64 22.07 3.94
CA HIS A 486 32.86 22.21 5.16
C HIS A 486 33.40 21.20 6.15
N SER A 487 33.72 21.66 7.35
CA SER A 487 34.19 20.78 8.39
C SER A 487 33.02 20.20 9.16
N ILE A 488 33.16 18.95 9.60
CA ILE A 488 32.17 18.37 10.47
C ILE A 488 32.24 19.05 11.82
N THR A 489 31.16 19.71 12.19
CA THR A 489 31.06 20.47 13.43
C THR A 489 29.98 19.91 14.35
N ARG A 490 28.88 19.46 13.77
CA ARG A 490 27.73 19.05 14.54
C ARG A 490 27.99 17.76 15.30
N SER A 491 28.05 17.87 16.62
CA SER A 491 28.13 16.73 17.51
C SER A 491 26.91 16.74 18.41
N HIS A 492 26.62 15.58 19.00
CA HIS A 492 25.53 15.50 19.96
C HIS A 492 25.77 16.45 21.11
N ALA A 493 27.02 16.55 21.56
CA ALA A 493 27.33 17.47 22.63
C ALA A 493 27.16 18.91 22.20
N GLU A 494 27.61 19.25 21.00
CA GLU A 494 27.43 20.60 20.49
C GLU A 494 25.95 20.89 20.27
N ASN A 495 25.21 19.91 19.76
CA ASN A 495 23.79 20.12 19.57
C ASN A 495 23.05 20.28 20.89
N LEU A 496 23.51 19.61 21.94
CA LEU A 496 22.93 19.81 23.25
C LEU A 496 23.24 21.21 23.77
N GLN A 497 24.49 21.64 23.64
CA GLN A 497 24.84 22.99 24.07
C GLN A 497 24.06 24.02 23.28
N ARG A 498 23.76 23.71 22.02
CA ARG A 498 23.07 24.66 21.17
C ARG A 498 21.58 24.69 21.48
N TYR A 499 20.99 23.56 21.83
CA TYR A 499 19.62 23.61 22.31
C TYR A 499 19.54 24.30 23.64
N GLU A 500 20.56 24.15 24.48
CA GLU A 500 20.56 24.88 25.73
C GLU A 500 20.69 26.37 25.50
N VAL A 501 21.41 26.75 24.45
CA VAL A 501 21.48 28.15 24.05
C VAL A 501 20.14 28.63 23.53
N TRP A 502 19.49 27.80 22.73
CA TRP A 502 18.19 28.14 22.17
C TRP A 502 17.17 28.34 23.27
N ARG A 503 16.97 27.32 24.09
CA ARG A 503 16.09 27.42 25.25
C ARG A 503 16.47 28.59 26.12
N SER A 504 17.76 28.75 26.42
CA SER A 504 18.20 29.76 27.36
C SER A 504 18.27 31.12 26.70
N ASN A 505 18.54 31.17 25.40
CA ASN A 505 18.79 32.39 24.64
C ASN A 505 19.58 33.38 25.51
N PRO A 506 20.77 33.00 25.96
CA PRO A 506 21.53 33.87 26.86
C PRO A 506 21.88 35.20 26.24
N TYR A 507 22.16 35.23 24.94
CA TYR A 507 22.55 36.44 24.25
C TYR A 507 21.35 37.25 23.79
N HIS A 508 20.18 36.95 24.33
CA HIS A 508 18.95 37.68 24.02
C HIS A 508 18.85 37.99 22.55
N GLU A 509 18.87 36.93 21.75
CA GLU A 509 18.89 37.03 20.30
C GLU A 509 17.52 36.70 19.74
N SER A 510 17.14 37.42 18.69
CA SER A 510 15.89 37.14 18.01
C SER A 510 15.88 35.69 17.57
N VAL A 511 14.71 35.17 17.22
CA VAL A 511 14.64 33.78 16.82
C VAL A 511 15.53 33.50 15.62
N GLU A 512 15.69 34.49 14.74
CA GLU A 512 16.50 34.28 13.54
C GLU A 512 17.98 34.20 13.90
N GLU A 513 18.48 35.23 14.57
CA GLU A 513 19.89 35.21 14.95
C GLU A 513 20.17 34.15 15.99
N LEU A 514 19.20 33.82 16.84
CA LEU A 514 19.37 32.72 17.76
C LEU A 514 19.49 31.39 17.02
N ARG A 515 18.63 31.20 16.03
CA ARG A 515 18.61 29.94 15.25
C ARG A 515 19.89 29.85 14.42
N ASP A 516 20.47 30.98 14.01
CA ASP A 516 21.74 30.97 13.31
C ASP A 516 22.93 30.90 14.25
N ARG A 517 22.70 31.12 15.54
CA ARG A 517 23.73 30.87 16.55
C ARG A 517 23.80 29.39 16.87
N VAL A 518 22.64 28.80 17.15
CA VAL A 518 22.55 27.37 17.40
C VAL A 518 22.48 26.57 16.11
N LYS A 519 22.35 27.24 14.98
CA LYS A 519 22.45 26.59 13.68
C LYS A 519 21.41 25.50 13.53
N GLY A 520 20.16 25.85 13.79
CA GLY A 520 19.05 24.95 13.56
C GLY A 520 18.74 24.03 14.71
N VAL A 521 19.48 24.11 15.81
CA VAL A 521 19.24 23.22 16.95
C VAL A 521 18.25 23.95 17.84
N SER A 522 16.97 23.80 17.51
CA SER A 522 15.89 24.34 18.29
C SER A 522 15.27 23.31 19.21
N ALA A 523 15.50 22.03 18.91
CA ALA A 523 15.04 20.92 19.71
C ALA A 523 16.20 20.32 20.48
N LYS A 524 15.87 19.56 21.45
CA LYS A 524 16.88 18.94 22.27
C LYS A 524 17.22 17.57 21.72
N PRO A 525 18.50 17.28 21.54
CA PRO A 525 18.88 15.92 21.15
C PRO A 525 18.64 14.94 22.28
N PHE A 526 18.07 13.80 21.93
CA PHE A 526 17.92 12.70 22.86
C PHE A 526 18.65 11.46 22.43
N ILE A 527 19.17 11.43 21.21
CA ILE A 527 20.03 10.36 20.74
C ILE A 527 21.36 10.98 20.34
N GLU A 528 22.45 10.32 20.73
CA GLU A 528 23.78 10.74 20.31
C GLU A 528 24.11 9.99 19.04
N THR A 529 23.59 10.48 17.92
CA THR A 529 23.99 9.96 16.63
C THR A 529 25.37 10.50 16.30
N VAL A 530 26.02 9.82 15.37
CA VAL A 530 27.34 10.23 14.91
C VAL A 530 27.12 11.23 13.77
N PRO A 531 27.95 12.25 13.66
CA PRO A 531 27.89 13.07 12.45
C PRO A 531 28.37 12.25 11.27
N SER A 532 27.43 11.81 10.46
CA SER A 532 27.69 10.75 9.49
C SER A 532 26.69 10.87 8.36
N ILE A 533 26.79 9.93 7.44
CA ILE A 533 25.98 9.91 6.23
C ILE A 533 25.38 8.53 6.10
N ASP A 534 24.06 8.53 5.91
CA ASP A 534 23.34 7.26 5.68
C ASP A 534 23.58 6.91 4.22
N ALA A 535 24.61 6.12 3.90
CA ALA A 535 24.94 5.81 2.51
C ALA A 535 23.71 5.36 1.75
N LEU A 536 22.82 4.63 2.41
CA LEU A 536 21.60 4.22 1.75
C LEU A 536 20.80 5.42 1.32
N HIS A 537 20.40 6.24 2.28
CA HIS A 537 19.57 7.38 1.97
C HIS A 537 20.35 8.46 1.26
N CYS A 538 21.67 8.45 1.35
CA CYS A 538 22.46 9.33 0.49
C CYS A 538 22.34 8.92 -0.95
N ASP A 539 22.54 7.64 -1.24
CA ASP A 539 22.36 7.16 -2.60
C ASP A 539 20.95 7.43 -3.09
N ILE A 540 19.96 7.21 -2.23
CA ILE A 540 18.58 7.41 -2.62
C ILE A 540 18.29 8.87 -2.91
N GLY A 541 18.72 9.77 -2.02
CA GLY A 541 18.45 11.18 -2.24
C GLY A 541 19.23 11.74 -3.40
N ASN A 542 20.47 11.30 -3.56
CA ASN A 542 21.28 11.73 -4.68
C ASN A 542 20.73 11.21 -6.00
N ALA A 543 20.19 10.01 -5.99
CA ALA A 543 19.56 9.48 -7.18
C ALA A 543 18.23 10.13 -7.46
N ALA A 544 17.51 10.53 -6.42
CA ALA A 544 16.32 11.33 -6.64
C ALA A 544 16.67 12.68 -7.23
N GLU A 545 17.79 13.25 -6.80
CA GLU A 545 18.20 14.53 -7.34
C GLU A 545 18.71 14.40 -8.76
N PHE A 546 19.38 13.29 -9.06
CA PHE A 546 19.76 13.03 -10.45
C PHE A 546 18.56 12.71 -11.31
N TYR A 547 17.55 12.07 -10.73
CA TYR A 547 16.29 11.85 -11.44
C TYR A 547 15.64 13.19 -11.78
N LYS A 548 15.63 14.10 -10.81
CA LYS A 548 15.12 15.44 -11.08
C LYS A 548 15.99 16.15 -12.10
N ILE A 549 17.30 15.98 -12.02
CA ILE A 549 18.20 16.59 -12.99
C ILE A 549 17.88 16.09 -14.39
N PHE A 550 17.68 14.78 -14.52
CA PHE A 550 17.31 14.22 -15.80
C PHE A 550 16.00 14.82 -16.29
N GLN A 551 15.03 14.93 -15.40
CA GLN A 551 13.78 15.60 -15.75
C GLN A 551 14.05 16.98 -16.33
N LEU A 552 14.86 17.77 -15.62
CA LEU A 552 15.08 19.15 -15.98
C LEU A 552 15.91 19.29 -17.24
N GLU A 553 16.78 18.33 -17.51
CA GLU A 553 17.53 18.34 -18.75
C GLU A 553 16.66 17.93 -19.92
N ILE A 554 15.70 17.03 -19.67
CA ILE A 554 14.68 16.74 -20.65
C ILE A 554 13.88 17.98 -20.95
N GLY A 555 13.75 18.86 -19.97
CA GLY A 555 13.07 20.12 -20.10
C GLY A 555 13.96 21.27 -20.43
N GLU A 556 15.27 21.06 -20.48
CA GLU A 556 16.22 22.10 -20.81
C GLU A 556 16.02 23.31 -19.91
N VAL A 557 15.77 23.02 -18.63
CA VAL A 557 15.59 24.07 -17.64
C VAL A 557 16.83 24.93 -17.53
N TYR A 558 17.97 24.46 -18.03
CA TYR A 558 19.12 25.33 -18.17
C TYR A 558 18.86 26.44 -19.18
N LYS A 559 17.81 26.31 -19.97
CA LYS A 559 17.36 27.33 -20.91
C LYS A 559 16.02 27.93 -20.54
N HIS A 560 15.07 27.10 -20.10
CA HIS A 560 13.70 27.52 -19.81
C HIS A 560 13.40 27.22 -18.34
N PRO A 561 13.89 28.05 -17.43
CA PRO A 561 13.68 27.81 -15.99
C PRO A 561 12.29 28.14 -15.50
N ASN A 562 11.32 28.35 -16.38
CA ASN A 562 10.00 28.80 -15.96
C ASN A 562 8.93 27.90 -16.53
N ALA A 563 9.12 26.59 -16.40
CA ALA A 563 8.10 25.63 -16.79
C ALA A 563 6.88 25.75 -15.86
N SER A 564 5.81 25.02 -16.21
CA SER A 564 4.53 25.11 -15.49
C SER A 564 4.05 23.71 -15.13
N LYS A 565 4.67 23.10 -14.13
CA LYS A 565 4.05 22.06 -13.30
C LYS A 565 3.52 20.87 -14.08
N GLU A 566 3.53 20.96 -15.40
CA GLU A 566 2.89 19.97 -16.24
C GLU A 566 3.79 19.51 -17.38
N GLU A 567 4.57 20.42 -17.95
CA GLU A 567 5.68 19.97 -18.77
C GLU A 567 6.74 19.36 -17.88
N ARG A 568 6.82 19.79 -16.62
CA ARG A 568 7.66 19.10 -15.65
C ARG A 568 7.18 17.67 -15.45
N LYS A 569 5.86 17.49 -15.32
CA LYS A 569 5.31 16.16 -15.22
C LYS A 569 5.53 15.37 -16.50
N ARG A 570 5.49 16.05 -17.64
CA ARG A 570 5.73 15.36 -18.91
C ARG A 570 7.18 14.94 -19.04
N TRP A 571 8.10 15.72 -18.47
CA TRP A 571 9.50 15.33 -18.46
C TRP A 571 9.73 14.15 -17.52
N GLN A 572 9.09 14.19 -16.35
CA GLN A 572 9.15 13.05 -15.47
C GLN A 572 8.60 11.80 -16.15
N ALA A 573 7.53 11.97 -16.92
CA ALA A 573 6.94 10.83 -17.61
C ALA A 573 7.83 10.35 -18.75
N THR A 574 8.48 11.28 -19.44
CA THR A 574 9.44 10.92 -20.47
C THR A 574 10.57 10.09 -19.89
N LEU A 575 11.13 10.58 -18.79
CA LEU A 575 12.17 9.86 -18.08
C LEU A 575 11.69 8.49 -17.65
N ASP A 576 10.47 8.45 -17.07
CA ASP A 576 9.87 7.17 -16.65
C ASP A 576 9.85 6.21 -17.83
N LYS A 577 9.22 6.61 -18.93
CA LYS A 577 9.06 5.76 -20.08
C LYS A 577 10.40 5.30 -20.61
N HIS A 578 11.40 6.17 -20.58
CA HIS A 578 12.68 5.83 -21.16
C HIS A 578 13.45 4.86 -20.28
N LEU A 579 13.58 5.19 -19.01
CA LEU A 579 14.26 4.30 -18.07
C LEU A 579 13.58 2.95 -18.02
N ARG A 580 12.27 2.92 -18.25
CA ARG A 580 11.58 1.65 -18.36
C ARG A 580 11.93 0.96 -19.67
N LYS A 581 12.11 1.74 -20.72
CA LYS A 581 12.42 1.17 -22.03
C LYS A 581 13.88 0.77 -22.12
N ARG A 582 14.76 1.63 -21.62
CA ARG A 582 16.20 1.41 -21.75
C ARG A 582 16.77 0.73 -20.52
N MET A 583 16.67 1.37 -19.36
CA MET A 583 17.22 0.84 -18.13
C MET A 583 16.28 -0.16 -17.45
N ASN A 584 15.10 -0.38 -18.01
CA ASN A 584 14.17 -1.37 -17.50
C ASN A 584 13.70 -1.00 -16.10
N LEU A 585 13.67 0.28 -15.81
CA LEU A 585 13.30 0.80 -14.50
C LEU A 585 11.84 1.20 -14.53
N LYS A 586 11.04 0.56 -13.69
CA LYS A 586 9.66 0.95 -13.58
C LYS A 586 9.55 2.27 -12.83
N PRO A 587 8.56 3.08 -13.14
CA PRO A 587 8.42 4.35 -12.43
C PRO A 587 7.91 4.15 -11.03
N ILE A 588 8.74 4.43 -10.07
CA ILE A 588 8.40 4.22 -8.68
C ILE A 588 8.04 5.55 -8.05
N MET A 589 7.12 5.49 -7.09
CA MET A 589 6.63 6.70 -6.45
C MET A 589 7.75 7.41 -5.70
N MET A 590 8.53 6.64 -4.94
CA MET A 590 9.59 7.17 -4.12
C MET A 590 10.87 6.44 -4.42
N MET A 591 11.93 7.18 -4.67
CA MET A 591 13.21 6.59 -5.02
C MET A 591 13.63 5.59 -3.97
N ASN A 592 13.91 4.37 -4.42
CA ASN A 592 14.50 3.34 -3.59
C ASN A 592 15.95 3.17 -3.96
N GLY A 593 16.67 2.44 -3.13
CA GLY A 593 18.10 2.30 -3.33
C GLY A 593 18.43 1.53 -4.59
N ASN A 594 17.58 0.60 -4.97
CA ASN A 594 17.84 -0.21 -6.15
C ASN A 594 17.63 0.59 -7.41
N PHE A 595 16.51 1.30 -7.49
CA PHE A 595 16.31 2.27 -8.54
C PHE A 595 17.46 3.26 -8.58
N ALA A 596 18.03 3.59 -7.43
CA ALA A 596 19.11 4.56 -7.37
C ALA A 596 20.39 4.00 -7.98
N ARG A 597 20.76 2.79 -7.59
CA ARG A 597 21.98 2.18 -8.09
C ARG A 597 21.86 1.66 -9.50
N LYS A 598 20.64 1.54 -10.02
CA LYS A 598 20.45 1.30 -11.44
C LYS A 598 20.36 2.58 -12.23
N LEU A 599 19.96 3.67 -11.59
CA LEU A 599 19.86 4.97 -12.23
C LEU A 599 21.19 5.69 -12.21
N MET A 600 21.99 5.49 -11.18
CA MET A 600 23.33 6.06 -11.11
C MET A 600 24.31 5.12 -11.79
N THR A 601 24.13 5.01 -13.09
CA THR A 601 25.01 4.27 -13.96
C THR A 601 25.16 5.07 -15.25
N GLN A 602 26.35 4.99 -15.83
CA GLN A 602 26.56 5.66 -17.11
C GLN A 602 25.62 5.11 -18.17
N GLU A 603 25.10 3.90 -17.99
CA GLU A 603 24.06 3.38 -18.85
C GLU A 603 22.81 4.24 -18.75
N THR A 604 22.42 4.60 -17.53
CA THR A 604 21.24 5.42 -17.34
C THR A 604 21.40 6.79 -17.94
N VAL A 605 22.60 7.36 -17.84
CA VAL A 605 22.84 8.66 -18.43
C VAL A 605 22.85 8.56 -19.95
N ASP A 606 23.49 7.52 -20.49
CA ASP A 606 23.44 7.30 -21.92
C ASP A 606 22.01 7.21 -22.41
N ALA A 607 21.13 6.61 -21.62
CA ALA A 607 19.73 6.52 -22.00
C ALA A 607 19.06 7.88 -21.92
N VAL A 608 19.18 8.55 -20.78
CA VAL A 608 18.53 9.82 -20.56
C VAL A 608 18.96 10.84 -21.59
N CYS A 609 20.22 10.80 -21.98
CA CYS A 609 20.73 11.76 -22.95
C CYS A 609 20.02 11.62 -24.28
N GLU A 610 19.53 10.44 -24.59
CA GLU A 610 18.68 10.26 -25.76
C GLU A 610 17.43 11.12 -25.69
N LEU A 611 17.15 11.73 -24.55
CA LEU A 611 16.03 12.62 -24.36
C LEU A 611 16.42 14.09 -24.32
N ILE A 612 17.71 14.38 -24.39
CA ILE A 612 18.21 15.74 -24.31
C ILE A 612 18.77 16.12 -25.67
N PRO A 613 18.24 17.11 -26.35
CA PRO A 613 18.76 17.52 -27.66
C PRO A 613 19.91 18.50 -27.56
N SER A 614 20.87 18.19 -26.68
CA SER A 614 22.04 19.04 -26.49
C SER A 614 23.18 18.15 -26.02
N GLU A 615 24.07 17.78 -26.94
CA GLU A 615 25.21 16.96 -26.55
C GLU A 615 26.07 17.66 -25.51
N GLU A 616 25.92 18.97 -25.35
CA GLU A 616 26.61 19.65 -24.26
C GLU A 616 26.07 19.20 -22.92
N ARG A 617 24.74 19.13 -22.80
CA ARG A 617 24.14 18.58 -21.59
C ARG A 617 24.42 17.10 -21.46
N HIS A 618 24.52 16.37 -22.57
CA HIS A 618 24.98 15.00 -22.51
C HIS A 618 26.32 14.92 -21.81
N GLU A 619 27.27 15.73 -22.25
CA GLU A 619 28.60 15.72 -21.65
C GLU A 619 28.53 16.12 -20.18
N ALA A 620 27.67 17.08 -19.86
CA ALA A 620 27.56 17.52 -18.47
C ALA A 620 27.05 16.40 -17.59
N LEU A 621 25.99 15.72 -18.04
CA LEU A 621 25.42 14.65 -17.25
C LEU A 621 26.37 13.47 -17.14
N ARG A 622 27.07 13.15 -18.23
CA ARG A 622 27.99 12.03 -18.20
C ARG A 622 29.17 12.34 -17.28
N GLU A 623 29.65 13.58 -17.28
CA GLU A 623 30.70 13.94 -16.34
C GLU A 623 30.19 13.91 -14.91
N LEU A 624 28.99 14.42 -14.69
CA LEU A 624 28.40 14.42 -13.37
C LEU A 624 28.29 13.01 -12.83
N MET A 625 27.81 12.08 -13.65
CA MET A 625 27.68 10.71 -13.19
C MET A 625 29.02 10.02 -13.09
N ASP A 626 29.96 10.28 -13.99
CA ASP A 626 31.29 9.72 -13.81
C ASP A 626 31.85 10.10 -12.46
N LEU A 627 31.67 11.37 -12.07
CA LEU A 627 32.15 11.83 -10.78
C LEU A 627 31.36 11.19 -9.66
N TYR A 628 30.05 11.14 -9.80
CA TYR A 628 29.23 10.57 -8.75
C TYR A 628 29.52 9.10 -8.54
N LEU A 629 29.93 8.41 -9.59
CA LEU A 629 30.27 6.99 -9.49
C LEU A 629 31.72 6.76 -9.13
N LYS A 630 32.56 7.77 -9.26
CA LYS A 630 33.89 7.75 -8.68
C LYS A 630 33.85 8.13 -7.21
N MET A 631 32.76 8.73 -6.77
CA MET A 631 32.55 9.14 -5.39
C MET A 631 31.71 8.15 -4.60
N LYS A 632 30.71 7.54 -5.24
CA LYS A 632 29.81 6.64 -4.55
C LYS A 632 30.50 5.45 -3.93
N PRO A 633 31.44 4.78 -4.60
CA PRO A 633 32.13 3.67 -3.97
C PRO A 633 32.67 4.02 -2.60
N VAL A 634 32.97 5.29 -2.38
CA VAL A 634 33.62 5.71 -1.16
C VAL A 634 32.63 5.71 -0.01
N TRP A 635 31.54 6.42 -0.17
CA TRP A 635 30.55 6.49 0.87
C TRP A 635 29.54 5.37 0.78
N ARG A 636 29.78 4.36 -0.05
CA ARG A 636 29.00 3.15 -0.05
C ARG A 636 29.79 1.92 0.35
N SER A 637 31.09 1.91 0.13
CA SER A 637 31.89 0.76 0.47
C SER A 637 31.91 0.56 1.98
N SER A 638 32.06 -0.71 2.37
CA SER A 638 32.27 -1.03 3.78
C SER A 638 33.70 -0.74 4.21
N CYS A 639 34.61 -0.58 3.27
CA CYS A 639 35.97 -0.14 3.54
C CYS A 639 36.57 0.42 2.26
N PRO A 640 36.34 1.68 1.94
CA PRO A 640 36.84 2.22 0.68
C PRO A 640 38.35 2.16 0.54
N ALA A 641 39.09 2.42 1.62
CA ALA A 641 40.53 2.23 1.58
C ALA A 641 40.91 0.83 1.14
N LYS A 642 39.96 -0.09 1.07
CA LYS A 642 40.16 -1.44 0.59
C LYS A 642 39.34 -1.74 -0.66
N GLU A 643 38.12 -1.23 -0.75
CA GLU A 643 37.27 -1.52 -1.89
C GLU A 643 37.45 -0.50 -3.01
N CYS A 644 37.91 0.70 -2.69
CA CYS A 644 38.07 1.75 -3.69
C CYS A 644 39.04 2.81 -3.17
N PRO A 645 40.31 2.46 -2.99
CA PRO A 645 41.25 3.44 -2.42
C PRO A 645 41.56 4.59 -3.34
N GLU A 646 41.63 4.34 -4.65
CA GLU A 646 41.94 5.42 -5.58
C GLU A 646 40.79 6.39 -5.70
N SER A 647 39.56 5.92 -5.49
CA SER A 647 38.41 6.81 -5.49
C SER A 647 38.38 7.66 -4.24
N LEU A 648 38.80 7.10 -3.12
CA LEU A 648 38.89 7.88 -1.89
C LEU A 648 40.01 8.90 -1.95
N CYS A 649 41.14 8.51 -2.54
CA CYS A 649 42.25 9.44 -2.71
C CYS A 649 41.80 10.65 -3.53
N GLN A 650 41.13 10.40 -4.65
CA GLN A 650 40.67 11.44 -5.54
C GLN A 650 39.25 11.88 -5.25
N TYR A 651 38.76 11.61 -4.03
CA TYR A 651 37.39 11.99 -3.72
C TYR A 651 37.26 13.48 -3.53
N SER A 652 38.22 14.10 -2.86
CA SER A 652 38.21 15.55 -2.75
C SER A 652 38.19 16.19 -4.13
N PHE A 653 39.02 15.69 -5.04
CA PHE A 653 39.08 16.28 -6.37
C PHE A 653 37.80 15.99 -7.15
N ASN A 654 37.32 14.75 -7.09
CA ASN A 654 36.12 14.42 -7.83
C ASN A 654 34.93 15.20 -7.30
N SER A 655 34.89 15.45 -6.00
CA SER A 655 33.80 16.22 -5.43
C SER A 655 33.92 17.70 -5.73
N GLN A 656 35.14 18.23 -5.78
CA GLN A 656 35.31 19.59 -6.28
C GLN A 656 34.82 19.71 -7.70
N ARG A 657 35.15 18.72 -8.54
CA ARG A 657 34.71 18.74 -9.93
C ARG A 657 33.20 18.62 -10.02
N PHE A 658 32.61 17.76 -9.20
CA PHE A 658 31.16 17.61 -9.15
C PHE A 658 30.50 18.91 -8.71
N ALA A 659 31.08 19.58 -7.73
CA ALA A 659 30.50 20.82 -7.22
C ALA A 659 30.60 21.93 -8.24
N GLU A 660 31.73 22.05 -8.93
CA GLU A 660 31.82 23.06 -9.97
C GLU A 660 31.00 22.69 -11.19
N LEU A 661 30.69 21.40 -11.37
CA LEU A 661 29.78 21.01 -12.44
C LEU A 661 28.35 21.34 -12.09
N LEU A 662 28.00 21.27 -10.81
CA LEU A 662 26.70 21.75 -10.37
C LEU A 662 26.62 23.27 -10.42
N SER A 663 27.74 23.94 -10.18
CA SER A 663 27.76 25.39 -10.17
C SER A 663 27.84 25.97 -11.58
N THR A 664 28.36 25.21 -12.53
CA THR A 664 28.56 25.69 -13.89
C THR A 664 27.45 25.24 -14.84
N LYS A 665 27.29 23.93 -15.00
CA LYS A 665 26.38 23.38 -15.98
C LYS A 665 25.03 23.02 -15.41
N PHE A 666 24.90 23.01 -14.09
CA PHE A 666 23.63 22.88 -13.41
C PHE A 666 23.45 24.06 -12.47
N LYS A 667 23.84 25.25 -12.93
CA LYS A 667 23.57 26.46 -12.18
C LYS A 667 22.11 26.51 -11.77
N TYR A 668 21.23 26.05 -12.64
CA TYR A 668 19.86 25.80 -12.25
C TYR A 668 19.82 24.63 -11.28
N ARG A 669 18.83 24.65 -10.38
CA ARG A 669 18.65 23.57 -9.38
C ARG A 669 19.80 23.62 -8.34
N TYR A 670 20.84 24.43 -8.53
CA TYR A 670 21.95 24.43 -7.60
C TYR A 670 22.55 25.81 -7.38
N GLU A 671 21.86 26.86 -7.79
CA GLU A 671 22.23 28.21 -7.44
C GLU A 671 21.55 28.58 -6.14
N GLY A 672 22.32 28.66 -5.07
CA GLY A 672 21.78 28.98 -3.77
C GLY A 672 20.99 27.88 -3.12
N LYS A 673 20.88 26.72 -3.77
CA LYS A 673 20.22 25.57 -3.20
C LYS A 673 21.05 24.34 -3.51
N ILE A 674 20.93 23.34 -2.65
CA ILE A 674 21.67 22.09 -2.81
C ILE A 674 21.04 21.08 -1.89
N THR A 675 20.94 19.84 -2.36
CA THR A 675 20.39 18.81 -1.52
C THR A 675 21.32 18.54 -0.34
N ASN A 676 20.71 18.18 0.78
CA ASN A 676 21.50 17.89 1.97
C ASN A 676 22.46 16.75 1.72
N TYR A 677 22.04 15.79 0.91
CA TYR A 677 22.88 14.64 0.67
C TYR A 677 23.94 14.90 -0.39
N PHE A 678 23.70 15.83 -1.31
CA PHE A 678 24.81 16.32 -2.12
C PHE A 678 25.85 16.99 -1.26
N HIS A 679 25.42 17.87 -0.35
CA HIS A 679 26.37 18.51 0.54
C HIS A 679 27.15 17.48 1.32
N LYS A 680 26.48 16.46 1.84
CA LYS A 680 27.18 15.43 2.58
C LYS A 680 28.16 14.67 1.70
N THR A 681 27.69 14.22 0.53
CA THR A 681 28.54 13.50 -0.39
C THR A 681 29.80 14.28 -0.73
N LEU A 682 29.65 15.58 -0.98
CA LEU A 682 30.74 16.35 -1.53
C LEU A 682 31.67 16.89 -0.46
N ALA A 683 31.12 17.27 0.69
CA ALA A 683 31.83 18.03 1.70
C ALA A 683 32.42 17.17 2.80
N HIS A 684 31.68 16.16 3.23
CA HIS A 684 31.98 15.46 4.47
C HIS A 684 32.56 14.08 4.27
N VAL A 685 32.23 13.40 3.18
CA VAL A 685 32.63 12.02 3.00
C VAL A 685 34.11 11.80 3.30
N PRO A 686 35.03 12.58 2.75
CA PRO A 686 36.45 12.35 3.07
C PRO A 686 36.73 12.39 4.55
N GLU A 687 36.11 13.32 5.26
CA GLU A 687 36.30 13.41 6.70
C GLU A 687 35.64 12.26 7.42
N ILE A 688 34.46 11.82 6.97
CA ILE A 688 33.83 10.68 7.60
C ILE A 688 34.63 9.42 7.37
N ILE A 689 35.40 9.34 6.30
CA ILE A 689 36.24 8.18 6.06
C ILE A 689 37.49 8.26 6.91
N GLU A 690 38.09 9.44 7.00
CA GLU A 690 39.23 9.62 7.88
C GLU A 690 38.86 9.35 9.32
N ARG A 691 37.60 9.56 9.68
CA ARG A 691 37.13 9.41 11.04
C ARG A 691 36.69 8.00 11.36
N ASP A 692 35.91 7.40 10.47
CA ASP A 692 35.27 6.13 10.71
C ASP A 692 35.71 5.04 9.75
N GLY A 693 36.53 5.37 8.76
CA GLY A 693 37.06 4.38 7.86
C GLY A 693 36.08 3.96 6.80
N SER A 694 34.82 4.27 7.00
CA SER A 694 33.78 3.87 6.07
C SER A 694 32.51 4.64 6.37
N ILE A 695 31.62 4.65 5.38
CA ILE A 695 30.31 5.26 5.50
C ILE A 695 29.21 4.25 5.20
N GLY A 696 29.36 3.49 4.14
CA GLY A 696 28.37 2.49 3.81
C GLY A 696 28.25 1.43 4.87
N ALA A 697 29.37 1.08 5.51
CA ALA A 697 29.30 0.17 6.62
C ALA A 697 28.39 0.71 7.71
N TRP A 698 28.36 2.02 7.86
CA TRP A 698 27.64 2.68 8.93
C TRP A 698 26.29 3.19 8.48
N ALA A 699 25.66 2.51 7.53
CA ALA A 699 24.43 2.98 6.94
C ALA A 699 23.23 2.34 7.62
N SER A 700 22.08 2.97 7.41
CA SER A 700 20.79 2.42 7.80
C SER A 700 20.37 1.29 6.91
N GLU A 701 21.13 0.99 5.87
CA GLU A 701 20.77 -0.07 4.94
C GLU A 701 20.49 -1.36 5.68
N GLY A 702 21.22 -1.60 6.77
CA GLY A 702 20.97 -2.79 7.56
C GLY A 702 19.63 -2.77 8.25
N ASN A 703 19.36 -1.70 8.99
CA ASN A 703 18.09 -1.62 9.71
C ASN A 703 16.93 -1.49 8.75
N GLU A 704 17.13 -0.81 7.63
CA GLU A 704 16.08 -0.78 6.63
C GLU A 704 15.81 -2.16 6.08
N SER A 705 16.82 -2.83 5.54
CA SER A 705 16.65 -4.20 5.11
C SER A 705 16.00 -5.05 6.19
N GLY A 706 16.24 -4.71 7.45
CA GLY A 706 15.60 -5.40 8.54
C GLY A 706 14.16 -5.03 8.71
N ASN A 707 13.76 -3.90 8.16
CA ASN A 707 12.34 -3.61 8.10
C ASN A 707 11.61 -4.66 7.29
N LYS A 708 12.27 -5.15 6.24
CA LYS A 708 11.66 -6.21 5.44
C LYS A 708 11.40 -7.42 6.29
N LEU A 709 12.35 -7.74 7.16
CA LEU A 709 12.18 -8.88 8.04
C LEU A 709 11.19 -8.60 9.14
N PHE A 710 11.12 -7.36 9.60
CA PHE A 710 10.08 -6.99 10.54
C PHE A 710 8.70 -7.27 9.96
N ARG A 711 8.49 -6.84 8.72
CA ARG A 711 7.25 -7.15 8.03
C ARG A 711 7.05 -8.65 7.90
N ARG A 712 8.09 -9.33 7.44
CA ARG A 712 7.98 -10.77 7.21
C ARG A 712 7.65 -11.51 8.48
N PHE A 713 8.20 -11.06 9.60
CA PHE A 713 8.01 -11.75 10.86
C PHE A 713 6.70 -11.37 11.51
N ARG A 714 6.27 -10.13 11.34
CA ARG A 714 4.94 -9.73 11.77
C ARG A 714 3.89 -10.54 11.04
N LYS A 715 4.11 -10.82 9.77
CA LYS A 715 3.12 -11.56 8.99
C LYS A 715 3.23 -13.05 9.22
N MET A 716 4.45 -13.56 9.39
CA MET A 716 4.73 -14.97 9.22
C MET A 716 5.56 -15.60 10.32
N ASN A 717 6.07 -14.82 11.27
CA ASN A 717 6.87 -15.37 12.35
C ASN A 717 6.52 -14.72 13.68
N ALA A 718 5.29 -14.27 13.85
CA ALA A 718 4.88 -13.61 15.07
C ALA A 718 3.41 -13.89 15.33
N ARG A 719 3.07 -13.92 16.61
CA ARG A 719 1.67 -13.94 17.01
C ARG A 719 0.98 -12.68 16.52
N GLN A 720 -0.15 -12.86 15.87
CA GLN A 720 -0.81 -11.75 15.23
C GLN A 720 -1.70 -11.02 16.21
N SER A 721 -1.11 -10.58 17.30
CA SER A 721 -1.81 -9.86 18.35
C SER A 721 -0.97 -8.68 18.79
N LYS A 722 -1.62 -7.52 18.89
CA LYS A 722 -0.94 -6.32 19.35
C LYS A 722 -0.15 -6.59 20.62
N CYS A 723 -0.65 -7.46 21.47
CA CYS A 723 0.01 -7.75 22.74
C CYS A 723 1.28 -8.57 22.57
N TYR A 724 1.50 -9.13 21.39
CA TYR A 724 2.58 -10.08 21.20
C TYR A 724 3.37 -9.89 19.91
N GLU A 725 2.88 -9.10 18.96
CA GLU A 725 3.55 -9.03 17.66
C GLU A 725 4.97 -8.50 17.81
N MET A 726 5.15 -7.42 18.56
CA MET A 726 6.46 -6.82 18.68
C MET A 726 7.40 -7.73 19.44
N GLU A 727 6.91 -8.34 20.52
CA GLU A 727 7.73 -9.28 21.28
C GLU A 727 8.24 -10.39 20.38
N ASP A 728 7.34 -10.99 19.60
CA ASP A 728 7.70 -12.13 18.78
C ASP A 728 8.61 -11.72 17.64
N VAL A 729 8.33 -10.59 17.01
CA VAL A 729 9.16 -10.13 15.91
C VAL A 729 10.55 -9.81 16.41
N LEU A 730 10.63 -9.13 17.56
CA LEU A 730 11.91 -8.81 18.14
C LEU A 730 12.70 -10.06 18.47
N LYS A 731 12.05 -11.03 19.10
CA LYS A 731 12.69 -12.30 19.38
C LYS A 731 13.22 -12.93 18.11
N HIS A 732 12.38 -13.08 17.09
CA HIS A 732 12.77 -13.84 15.91
C HIS A 732 13.79 -13.07 15.08
N HIS A 733 13.73 -11.75 15.10
CA HIS A 733 14.67 -10.95 14.36
C HIS A 733 15.98 -10.83 15.09
N TRP A 734 15.97 -11.11 16.38
CA TRP A 734 17.21 -11.29 17.10
C TRP A 734 17.86 -12.61 16.75
N LEU A 735 17.05 -13.66 16.78
CA LEU A 735 17.55 -14.97 16.38
C LEU A 735 18.09 -14.96 14.97
N TYR A 736 17.42 -14.24 14.08
CA TYR A 736 17.87 -14.15 12.71
C TYR A 736 19.24 -13.51 12.62
N THR A 737 19.48 -12.52 13.46
CA THR A 737 20.75 -11.81 13.50
C THR A 737 21.77 -12.50 14.37
N SER A 738 21.44 -13.66 14.92
CA SER A 738 22.36 -14.40 15.76
C SER A 738 23.39 -15.10 14.89
N LYS A 739 24.64 -14.71 15.04
CA LYS A 739 25.71 -15.35 14.28
C LYS A 739 25.87 -16.80 14.68
N TYR A 740 25.50 -17.14 15.91
CA TYR A 740 25.53 -18.53 16.34
C TYR A 740 24.73 -19.41 15.39
N LEU A 741 23.56 -18.94 15.00
CA LEU A 741 22.70 -19.70 14.10
C LEU A 741 23.14 -19.56 12.65
N GLN A 742 23.57 -18.37 12.26
CA GLN A 742 24.12 -18.19 10.92
C GLN A 742 25.30 -19.11 10.67
N LYS A 743 26.03 -19.46 11.72
CA LYS A 743 27.10 -20.45 11.57
C LYS A 743 26.53 -21.79 11.15
N PHE A 744 25.57 -22.29 11.91
CA PHE A 744 24.94 -23.55 11.56
C PHE A 744 24.43 -23.51 10.13
N MET A 745 23.94 -22.36 9.71
CA MET A 745 23.49 -22.21 8.33
C MET A 745 24.63 -22.01 7.36
N ASN A 746 25.86 -21.84 7.87
CA ASN A 746 27.04 -21.75 7.04
C ASN A 746 27.96 -22.95 7.24
N ALA A 747 27.47 -24.00 7.89
CA ALA A 747 28.27 -25.20 8.10
C ALA A 747 28.60 -25.91 6.79
N HIS A 748 27.79 -25.71 5.76
CA HIS A 748 28.10 -26.28 4.45
C HIS A 748 29.50 -25.89 4.00
N ASN A 749 29.94 -24.68 4.35
CA ASN A 749 31.27 -24.23 3.98
C ASN A 749 32.32 -24.82 4.92
N ALA A 750 32.19 -24.51 6.21
CA ALA A 750 33.15 -24.95 7.20
C ALA A 750 32.94 -26.42 7.53
N MET B 3 -21.06 24.35 29.35
CA MET B 3 -22.47 24.55 28.91
C MET B 3 -22.56 24.54 27.38
N ALA B 4 -21.94 25.51 26.70
CA ALA B 4 -22.09 25.60 25.24
C ALA B 4 -20.98 24.80 24.57
N LEU B 5 -21.26 23.54 24.28
CA LEU B 5 -20.30 22.67 23.60
C LEU B 5 -20.35 22.96 22.11
N GLN B 6 -19.22 23.42 21.56
CA GLN B 6 -19.12 23.81 20.16
C GLN B 6 -17.98 23.02 19.53
N MET B 7 -18.30 22.07 18.67
CA MET B 7 -17.28 21.31 17.97
C MET B 7 -16.42 22.26 17.15
N VAL B 8 -15.12 22.19 17.36
CA VAL B 8 -14.18 23.16 16.79
C VAL B 8 -13.39 22.49 15.69
N THR B 9 -13.14 23.22 14.63
CA THR B 9 -12.30 22.78 13.54
C THR B 9 -10.96 23.47 13.62
N VAL B 10 -9.90 22.70 13.44
CA VAL B 10 -8.53 23.21 13.46
C VAL B 10 -7.94 23.00 12.08
N GLY B 11 -7.01 23.87 11.71
CA GLY B 11 -6.41 23.79 10.40
C GLY B 11 -4.91 23.97 10.36
N HIS B 12 -4.22 23.03 9.73
CA HIS B 12 -2.81 23.16 9.39
C HIS B 12 -1.92 22.99 10.61
N ASN B 13 -2.53 22.88 11.79
CA ASN B 13 -1.76 22.76 13.02
C ASN B 13 -2.46 21.87 14.03
N ILE B 14 -3.52 21.16 13.63
CA ILE B 14 -4.24 20.29 14.55
C ILE B 14 -3.30 19.28 15.18
N ALA B 15 -2.25 18.91 14.44
CA ALA B 15 -1.33 17.89 14.92
C ALA B 15 -0.51 18.36 16.11
N LEU B 16 -0.44 19.67 16.33
CA LEU B 16 0.34 20.21 17.43
C LEU B 16 -0.41 20.19 18.74
N ILE B 17 -1.74 20.23 18.68
CA ILE B 17 -2.53 20.16 19.90
C ILE B 17 -2.46 18.73 20.40
N GLN B 18 -1.72 18.53 21.48
CA GLN B 18 -1.54 17.23 22.09
C GLN B 18 -2.04 17.28 23.51
N PRO B 19 -2.44 16.15 24.06
CA PRO B 19 -2.72 16.09 25.49
C PRO B 19 -1.54 16.62 26.28
N GLY B 20 -1.85 17.38 27.32
CA GLY B 20 -0.84 18.04 28.09
C GLY B 20 -0.58 19.45 27.66
N PHE B 21 -1.19 19.88 26.57
CA PHE B 21 -1.05 21.25 26.14
C PHE B 21 -1.64 22.19 27.17
N SER B 22 -1.15 23.41 27.15
CA SER B 22 -1.52 24.43 28.11
C SER B 22 -1.95 25.66 27.36
N LEU B 23 -3.03 26.27 27.81
CA LEU B 23 -3.47 27.53 27.27
C LEU B 23 -3.26 28.63 28.29
N MET B 24 -2.90 29.80 27.80
CA MET B 24 -2.60 30.95 28.63
C MET B 24 -3.41 32.13 28.11
N ASN B 25 -4.18 32.76 28.98
CA ASN B 25 -5.07 33.85 28.57
C ASN B 25 -4.43 35.18 28.95
N PHE B 26 -3.58 35.69 28.07
CA PHE B 26 -3.23 37.08 28.05
C PHE B 26 -4.11 37.76 27.02
N ASP B 27 -4.06 39.09 26.99
CA ASP B 27 -4.62 39.79 25.84
C ASP B 27 -6.14 39.65 25.78
N GLY B 28 -6.71 38.83 26.66
CA GLY B 28 -8.00 38.24 26.41
C GLY B 28 -8.02 37.22 25.31
N GLN B 29 -6.98 37.18 24.48
CA GLN B 29 -6.79 36.19 23.44
C GLN B 29 -5.95 35.06 24.00
N VAL B 30 -6.40 33.82 23.77
CA VAL B 30 -5.74 32.69 24.39
C VAL B 30 -4.59 32.22 23.53
N PHE B 31 -3.55 31.71 24.18
CA PHE B 31 -2.33 31.27 23.54
C PHE B 31 -2.05 29.82 23.88
N PHE B 32 -1.72 29.04 22.87
CA PHE B 32 -1.43 27.63 23.03
C PHE B 32 0.07 27.44 23.13
N PHE B 33 0.51 26.69 24.13
CA PHE B 33 1.93 26.55 24.41
C PHE B 33 2.44 25.15 24.11
N GLY B 34 1.85 24.11 24.69
CA GLY B 34 2.47 22.82 24.62
C GLY B 34 2.12 22.06 23.38
N GLN B 35 2.98 22.16 22.38
CA GLN B 35 2.74 21.59 21.08
C GLN B 35 3.39 20.22 20.96
N LYS B 36 2.76 19.36 20.18
CA LYS B 36 3.32 18.05 19.93
C LYS B 36 4.68 18.20 19.28
N GLY B 37 5.61 17.36 19.71
CA GLY B 37 6.95 17.42 19.18
C GLY B 37 7.55 18.77 19.46
N TRP B 38 8.76 18.93 18.99
CA TRP B 38 9.49 20.15 19.26
C TRP B 38 9.02 21.25 18.32
N PRO B 39 9.28 22.49 18.68
CA PRO B 39 8.78 23.60 17.87
C PRO B 39 9.37 23.60 16.49
N LYS B 40 8.51 23.36 15.51
CA LYS B 40 8.94 23.37 14.13
C LYS B 40 9.17 24.81 13.67
N ARG B 41 10.10 24.97 12.72
CA ARG B 41 10.49 26.30 12.30
C ARG B 41 9.31 27.13 11.84
N SER B 42 8.17 26.50 11.55
CA SER B 42 6.94 27.25 11.38
C SER B 42 6.64 28.07 12.62
N CYS B 43 6.77 27.46 13.80
CA CYS B 43 6.63 28.14 15.08
C CYS B 43 7.78 27.71 15.98
N PRO B 44 8.96 28.30 15.80
CA PRO B 44 10.11 27.91 16.60
C PRO B 44 9.93 28.09 18.09
N THR B 45 8.87 28.76 18.50
CA THR B 45 8.68 29.10 19.91
C THR B 45 7.75 28.15 20.62
N GLY B 46 6.89 27.46 19.89
CA GLY B 46 5.98 26.51 20.47
C GLY B 46 4.69 27.13 20.93
N VAL B 47 4.77 28.40 21.26
CA VAL B 47 3.60 29.18 21.65
C VAL B 47 2.86 29.60 20.39
N PHE B 48 1.54 29.61 20.47
CA PHE B 48 0.69 29.88 19.33
C PHE B 48 -0.42 30.83 19.74
N HIS B 49 -0.87 31.61 18.76
CA HIS B 49 -2.08 32.39 18.95
C HIS B 49 -3.28 31.47 18.82
N PHE B 50 -3.78 31.00 19.96
CA PHE B 50 -4.98 30.20 19.99
C PHE B 50 -6.16 31.11 19.66
N ASP B 51 -6.72 30.95 18.46
CA ASP B 51 -7.73 31.87 17.96
C ASP B 51 -8.94 31.05 17.51
N ILE B 52 -9.95 31.00 18.36
CA ILE B 52 -11.24 30.41 18.02
C ILE B 52 -12.08 31.50 17.38
N LYS B 53 -12.38 31.33 16.09
CA LYS B 53 -13.19 32.29 15.35
C LYS B 53 -14.23 31.50 14.56
N GLN B 54 -15.48 31.57 15.00
CA GLN B 54 -16.57 30.88 14.33
C GLN B 54 -16.36 29.37 14.40
N ASN B 55 -16.01 28.91 15.61
CA ASN B 55 -15.78 27.50 15.87
C ASN B 55 -14.64 26.94 15.04
N HIS B 56 -13.79 27.81 14.51
CA HIS B 56 -12.58 27.40 13.83
C HIS B 56 -11.38 27.84 14.64
N LEU B 57 -10.41 26.94 14.78
CA LEU B 57 -9.21 27.20 15.55
C LEU B 57 -8.07 27.47 14.59
N LYS B 58 -7.47 28.64 14.71
CA LYS B 58 -6.32 29.04 13.93
C LYS B 58 -5.16 29.26 14.89
N LEU B 59 -4.24 28.31 14.92
CA LEU B 59 -3.03 28.43 15.74
C LEU B 59 -2.03 29.25 14.95
N LYS B 60 -1.97 30.53 15.24
CA LYS B 60 -1.07 31.41 14.52
C LYS B 60 0.25 31.44 15.26
N PRO B 61 1.35 31.06 14.62
CA PRO B 61 2.64 31.07 15.32
C PRO B 61 2.94 32.38 16.02
N ALA B 62 3.03 32.32 17.34
CA ALA B 62 3.51 33.46 18.09
C ALA B 62 5.03 33.51 18.02
N ILE B 63 5.58 34.53 18.67
CA ILE B 63 7.01 34.73 18.74
C ILE B 63 7.36 35.17 20.14
N PHE B 64 8.62 35.05 20.48
CA PHE B 64 9.12 35.48 21.75
C PHE B 64 9.93 36.75 21.60
N SER B 65 10.13 37.42 22.71
CA SER B 65 10.98 38.59 22.75
C SER B 65 12.43 38.17 22.53
N LYS B 66 13.33 39.14 22.57
CA LYS B 66 14.74 38.85 22.49
C LYS B 66 15.26 38.30 23.81
N ASP B 67 14.83 38.90 24.91
CA ASP B 67 15.23 38.49 26.25
C ASP B 67 14.58 37.23 26.70
N SER B 68 13.89 36.54 25.80
CA SER B 68 13.09 35.40 26.17
C SER B 68 13.88 34.11 26.11
N CYS B 69 13.33 33.10 26.79
CA CYS B 69 13.85 31.74 26.76
C CYS B 69 12.88 30.89 25.95
N TYR B 70 13.38 30.29 24.87
CA TYR B 70 12.54 29.51 23.97
C TYR B 70 12.29 28.16 24.63
N LEU B 71 11.34 28.17 25.55
CA LEU B 71 11.08 27.01 26.36
C LEU B 71 10.55 25.86 25.51
N PRO B 72 10.73 24.63 25.98
CA PRO B 72 10.28 23.49 25.23
C PRO B 72 8.78 23.34 25.29
N PRO B 73 8.20 22.58 24.40
CA PRO B 73 6.80 22.26 24.52
C PRO B 73 6.55 21.34 25.69
N LEU B 74 5.99 21.87 26.75
CA LEU B 74 5.85 21.14 27.99
C LEU B 74 4.45 20.54 28.04
N ARG B 75 4.41 19.23 28.20
CA ARG B 75 3.16 18.52 28.36
C ARG B 75 2.80 18.42 29.82
N TYR B 76 1.53 18.66 30.12
CA TYR B 76 1.00 18.56 31.47
C TYR B 76 1.85 19.34 32.47
N PRO B 77 2.24 20.56 32.14
CA PRO B 77 2.97 21.39 33.09
C PRO B 77 2.02 21.98 34.12
N ALA B 78 2.61 22.75 35.01
CA ALA B 78 1.90 23.51 36.02
C ALA B 78 1.78 24.92 35.51
N THR B 79 0.59 25.28 35.07
CA THR B 79 0.32 26.56 34.44
C THR B 79 -0.54 27.40 35.35
N CYS B 80 -0.06 28.58 35.68
CA CYS B 80 -0.82 29.54 36.45
C CYS B 80 -0.71 30.92 35.80
N SER B 81 -1.71 31.76 36.01
CA SER B 81 -1.54 33.19 35.76
C SER B 81 -1.11 33.90 37.03
N TYR B 82 -0.28 34.92 36.87
CA TYR B 82 0.47 35.50 37.98
C TYR B 82 0.54 37.01 37.80
N LYS B 83 0.30 37.73 38.89
CA LYS B 83 0.36 39.19 38.87
C LYS B 83 1.27 39.72 39.97
N LYS B 90 1.02 43.39 34.50
CA LYS B 90 2.00 42.41 34.02
C LYS B 90 1.30 41.20 33.43
N HIS B 91 0.68 40.42 34.31
CA HIS B 91 -0.06 39.21 33.93
C HIS B 91 0.85 38.21 33.22
N GLN B 92 1.78 37.69 34.00
CA GLN B 92 2.62 36.60 33.57
C GLN B 92 1.86 35.28 33.64
N TYR B 93 2.47 34.26 33.05
CA TYR B 93 2.02 32.88 33.19
C TYR B 93 3.21 32.04 33.64
N ILE B 94 3.09 31.43 34.79
CA ILE B 94 4.08 30.49 35.27
C ILE B 94 3.83 29.13 34.65
N ILE B 95 4.89 28.50 34.19
CA ILE B 95 4.88 27.16 33.63
C ILE B 95 6.00 26.41 34.31
N HIS B 96 5.67 25.58 35.27
CA HIS B 96 6.65 24.71 35.88
C HIS B 96 6.55 23.31 35.32
N GLY B 97 7.69 22.67 35.20
CA GLY B 97 7.68 21.28 34.86
C GLY B 97 7.06 21.00 33.51
N GLY B 98 6.56 19.79 33.41
CA GLY B 98 6.02 19.29 32.17
C GLY B 98 6.99 18.38 31.47
N LYS B 99 6.45 17.53 30.61
CA LYS B 99 7.25 16.60 29.85
C LYS B 99 7.78 17.28 28.61
N THR B 100 9.04 17.65 28.64
CA THR B 100 9.77 18.04 27.46
C THR B 100 9.55 16.97 26.40
N PRO B 101 9.38 17.34 25.14
CA PRO B 101 9.02 16.34 24.13
C PRO B 101 9.99 15.18 24.06
N ASN B 102 11.16 15.32 24.64
CA ASN B 102 12.05 14.20 24.82
C ASN B 102 11.69 13.37 26.03
N ASN B 103 10.48 13.57 26.55
CA ASN B 103 9.96 12.88 27.72
C ASN B 103 10.79 13.14 28.95
N GLU B 104 11.61 14.18 28.90
CA GLU B 104 12.25 14.68 30.09
C GLU B 104 11.32 15.64 30.81
N LEU B 105 11.55 15.80 32.09
CA LEU B 105 10.76 16.71 32.91
C LEU B 105 11.56 17.96 33.17
N SER B 106 10.93 19.11 32.97
CA SER B 106 11.59 20.37 33.21
C SER B 106 11.64 20.65 34.70
N ASP B 107 12.82 21.06 35.18
CA ASP B 107 12.94 21.66 36.49
C ASP B 107 12.72 23.15 36.45
N LYS B 108 12.98 23.77 35.31
CA LYS B 108 12.92 25.22 35.20
C LYS B 108 11.48 25.68 35.30
N ILE B 109 11.33 26.93 35.74
CA ILE B 109 10.06 27.63 35.65
C ILE B 109 10.17 28.58 34.47
N TYR B 110 9.08 28.74 33.74
CA TYR B 110 9.05 29.61 32.59
C TYR B 110 7.93 30.62 32.79
N ILE B 111 8.31 31.89 32.84
CA ILE B 111 7.40 32.99 33.09
C ILE B 111 7.14 33.66 31.76
N MET B 112 5.99 33.37 31.17
CA MET B 112 5.57 33.96 29.91
C MET B 112 4.83 35.25 30.19
N SER B 113 5.51 36.36 29.97
CA SER B 113 4.87 37.66 29.99
C SER B 113 4.39 37.96 28.57
N VAL B 114 4.06 39.21 28.31
CA VAL B 114 3.63 39.64 26.99
C VAL B 114 4.17 41.04 26.73
N ALA B 115 4.68 41.26 25.52
CA ALA B 115 5.14 42.57 25.12
C ALA B 115 4.99 42.71 23.61
N CYS B 116 5.08 43.95 23.14
CA CYS B 116 5.12 44.25 21.72
C CYS B 116 3.94 43.64 20.97
N LYS B 117 2.75 44.12 21.32
CA LYS B 117 1.54 43.72 20.63
C LYS B 117 1.39 44.55 19.35
N ASN B 118 1.40 43.88 18.21
CA ASN B 118 1.29 44.51 16.91
C ASN B 118 -0.09 44.31 16.28
N ASN B 119 -1.08 43.94 17.09
CA ASN B 119 -2.44 43.65 16.65
C ASN B 119 -2.50 42.30 15.94
N LYS B 120 -1.33 41.73 15.64
CA LYS B 120 -1.25 40.39 15.08
C LYS B 120 -0.08 39.58 15.62
N LYS B 121 0.86 40.19 16.34
CA LYS B 121 2.17 39.62 16.60
C LYS B 121 2.55 39.78 18.06
N VAL B 122 1.63 39.41 18.95
CA VAL B 122 1.92 39.42 20.38
C VAL B 122 3.18 38.60 20.66
N THR B 123 4.07 39.15 21.46
CA THR B 123 5.32 38.51 21.81
C THR B 123 5.44 38.33 23.31
N PHE B 124 6.11 37.25 23.71
CA PHE B 124 6.22 36.84 25.09
C PHE B 124 7.66 36.93 25.56
N ARG B 125 7.85 37.43 26.78
CA ARG B 125 9.13 37.36 27.48
C ARG B 125 9.10 36.11 28.33
N CYS B 126 9.31 34.97 27.68
CA CYS B 126 9.31 33.68 28.37
C CYS B 126 10.59 33.55 29.17
N THR B 127 10.68 34.35 30.22
CA THR B 127 11.83 34.29 31.11
C THR B 127 11.96 32.90 31.71
N GLU B 128 13.19 32.52 32.05
CA GLU B 128 13.42 31.26 32.74
C GLU B 128 13.76 31.57 34.19
N LYS B 129 12.78 31.37 35.05
CA LYS B 129 12.97 31.51 36.49
C LYS B 129 13.55 30.20 37.00
N ASP B 130 14.79 30.25 37.47
CA ASP B 130 15.39 29.12 38.15
C ASP B 130 15.18 29.26 39.65
N LEU B 131 15.07 28.13 40.31
CA LEU B 131 14.68 28.08 41.71
C LEU B 131 15.88 27.75 42.60
N VAL B 132 15.93 28.40 43.75
CA VAL B 132 16.96 28.18 44.75
C VAL B 132 16.28 27.81 46.05
N GLY B 133 16.67 26.68 46.62
CA GLY B 133 16.10 26.21 47.86
C GLY B 133 15.54 24.81 47.74
N ASP B 134 14.34 24.60 48.27
CA ASP B 134 13.67 23.32 48.16
C ASP B 134 13.02 23.22 46.77
N VAL B 135 13.88 23.23 45.76
CA VAL B 135 13.40 23.27 44.39
C VAL B 135 12.55 22.03 44.11
N PRO B 136 11.38 22.17 43.49
CA PRO B 136 10.57 20.99 43.22
C PRO B 136 11.21 20.12 42.16
N GLU B 137 11.23 18.82 42.43
CA GLU B 137 11.82 17.90 41.49
C GLU B 137 11.10 18.04 40.14
N PRO B 138 11.79 17.78 39.05
CA PRO B 138 11.13 17.80 37.74
C PRO B 138 9.86 16.97 37.75
N ARG B 139 8.74 17.58 37.41
CA ARG B 139 7.47 16.91 37.52
C ARG B 139 6.48 17.46 36.51
N TYR B 140 5.34 16.79 36.46
CA TYR B 140 4.25 17.17 35.58
C TYR B 140 2.97 16.67 36.21
N GLY B 141 1.84 17.16 35.70
CA GLY B 141 0.57 16.88 36.31
C GLY B 141 0.35 17.61 37.60
N HIS B 142 1.33 18.39 38.04
CA HIS B 142 1.22 19.19 39.24
C HIS B 142 0.39 20.44 38.94
N SER B 143 0.32 21.33 39.92
CA SER B 143 -0.54 22.49 39.83
C SER B 143 0.14 23.63 40.57
N ILE B 144 0.77 24.51 39.82
CA ILE B 144 1.27 25.74 40.38
C ILE B 144 0.13 26.74 40.40
N ASP B 145 0.02 27.50 41.47
CA ASP B 145 -1.06 28.43 41.61
C ASP B 145 -0.65 29.52 42.57
N VAL B 146 -0.96 30.75 42.20
CA VAL B 146 -0.47 31.92 42.90
C VAL B 146 -1.45 32.29 43.99
N VAL B 147 -0.91 32.52 45.18
CA VAL B 147 -1.68 32.99 46.31
C VAL B 147 -1.21 34.40 46.63
N TYR B 148 -2.10 35.19 47.19
CA TYR B 148 -1.79 36.56 47.57
C TYR B 148 -2.19 36.72 49.03
N SER B 149 -1.20 36.63 49.91
CA SER B 149 -1.38 36.80 51.34
C SER B 149 -0.55 37.99 51.81
N ARG B 150 -1.20 38.90 52.53
CA ARG B 150 -0.54 40.06 53.09
C ARG B 150 0.09 40.93 52.00
N GLY B 151 -0.56 40.96 50.84
CA GLY B 151 -0.06 41.72 49.71
C GLY B 151 1.10 41.08 48.97
N LYS B 152 1.84 40.21 49.63
CA LYS B 152 2.91 39.45 48.99
C LYS B 152 2.27 38.37 48.11
N SER B 153 3.10 37.51 47.52
CA SER B 153 2.60 36.49 46.63
C SER B 153 3.56 35.30 46.60
N MET B 154 2.99 34.14 46.34
CA MET B 154 3.74 32.90 46.23
C MET B 154 2.99 31.95 45.31
N GLY B 155 3.73 31.03 44.71
CA GLY B 155 3.13 30.01 43.89
C GLY B 155 3.09 28.68 44.59
N VAL B 156 1.90 28.12 44.79
CA VAL B 156 1.74 26.87 45.51
C VAL B 156 1.84 25.74 44.51
N LEU B 157 3.06 25.26 44.29
CA LEU B 157 3.29 24.08 43.49
C LEU B 157 3.03 22.85 44.34
N PHE B 158 2.12 22.00 43.89
CA PHE B 158 1.79 20.82 44.66
C PHE B 158 1.71 19.60 43.77
N GLY B 159 2.22 18.49 44.28
CA GLY B 159 1.97 17.22 43.67
C GLY B 159 2.68 17.08 42.35
N GLY B 160 2.14 16.20 41.53
CA GLY B 160 2.68 15.97 40.22
C GLY B 160 3.47 14.69 40.12
N ARG B 161 3.31 14.01 39.00
CA ARG B 161 4.15 12.88 38.69
C ARG B 161 5.57 13.34 38.42
N SER B 162 6.52 12.49 38.77
CA SER B 162 7.91 12.67 38.42
C SER B 162 8.50 11.31 38.15
N TYR B 163 9.48 11.28 37.27
CA TYR B 163 10.21 10.05 37.07
C TYR B 163 10.88 9.64 38.36
N MET B 164 11.04 8.33 38.52
CA MET B 164 11.71 7.84 39.70
C MET B 164 13.08 8.50 39.81
N PRO B 165 13.57 8.73 41.02
CA PRO B 165 14.88 9.36 41.16
C PRO B 165 15.96 8.53 40.49
N SER B 166 16.96 9.23 39.93
CA SER B 166 18.07 8.54 39.30
C SER B 166 18.73 7.55 40.23
N THR B 167 18.54 7.71 41.54
CA THR B 167 19.02 6.72 42.49
C THR B 167 18.21 5.44 42.42
N GLN B 168 17.02 5.50 41.83
CA GLN B 168 16.11 4.37 41.80
C GLN B 168 15.45 4.21 40.44
N ARG B 169 15.76 5.07 39.48
CA ARG B 169 15.21 4.96 38.14
C ARG B 169 15.95 3.89 37.37
N THR B 170 15.22 2.89 36.90
CA THR B 170 15.77 1.84 36.08
C THR B 170 15.22 1.95 34.66
N THR B 171 16.06 1.57 33.70
CA THR B 171 15.71 1.73 32.30
C THR B 171 14.58 0.81 31.87
N GLU B 172 14.26 -0.20 32.65
CA GLU B 172 13.10 -1.02 32.37
C GLU B 172 11.82 -0.35 32.82
N LYS B 173 11.91 0.56 33.78
CA LYS B 173 10.80 1.39 34.22
C LYS B 173 11.25 2.84 34.17
N TRP B 174 11.89 3.21 33.06
CA TRP B 174 12.44 4.55 32.90
C TRP B 174 11.35 5.60 32.91
N ASN B 175 10.27 5.35 32.20
CA ASN B 175 9.17 6.28 32.10
C ASN B 175 8.13 6.05 33.17
N SER B 176 8.40 5.17 34.12
CA SER B 176 7.50 4.96 35.24
C SER B 176 7.54 6.19 36.13
N VAL B 177 6.38 6.70 36.44
CA VAL B 177 6.26 7.94 37.19
C VAL B 177 5.69 7.64 38.56
N ALA B 178 6.24 8.31 39.55
CA ALA B 178 5.77 8.28 40.92
C ALA B 178 5.17 9.64 41.23
N ASP B 179 4.00 9.65 41.84
CA ASP B 179 3.45 10.91 42.30
C ASP B 179 4.40 11.55 43.28
N CYS B 180 4.91 12.71 42.91
CA CYS B 180 5.87 13.41 43.75
C CYS B 180 5.41 13.41 45.19
N LEU B 181 6.38 13.42 46.09
CA LEU B 181 6.04 13.50 47.51
C LEU B 181 5.07 14.66 47.72
N PRO B 182 4.00 14.45 48.45
CA PRO B 182 3.01 15.52 48.56
C PRO B 182 3.55 16.67 49.38
N HIS B 183 4.01 17.69 48.68
CA HIS B 183 4.67 18.83 49.27
C HIS B 183 4.15 20.06 48.56
N VAL B 184 3.99 21.14 49.31
CA VAL B 184 3.50 22.40 48.77
C VAL B 184 4.70 23.34 48.75
N PHE B 185 5.34 23.40 47.60
CA PHE B 185 6.43 24.33 47.39
C PHE B 185 5.85 25.72 47.17
N LEU B 186 6.07 26.60 48.13
CA LEU B 186 5.84 28.02 47.92
C LEU B 186 6.99 28.55 47.09
N ILE B 187 6.69 28.97 45.88
CA ILE B 187 7.68 29.43 44.93
C ILE B 187 7.58 30.94 44.87
N ASP B 188 8.59 31.60 45.41
CA ASP B 188 8.71 33.06 45.39
C ASP B 188 9.29 33.43 44.05
N PHE B 189 8.41 33.80 43.13
CA PHE B 189 8.87 34.37 41.87
C PHE B 189 9.48 35.74 42.09
N GLU B 190 9.14 36.40 43.20
CA GLU B 190 9.81 37.64 43.57
C GLU B 190 11.31 37.44 43.62
N PHE B 191 11.77 36.25 43.99
CA PHE B 191 13.18 35.91 44.03
C PHE B 191 13.49 34.54 43.44
N GLY B 192 12.48 33.81 42.98
CA GLY B 192 12.70 32.47 42.49
C GLY B 192 13.23 31.53 43.55
N CYS B 193 12.52 31.44 44.67
CA CYS B 193 12.94 30.64 45.80
C CYS B 193 11.83 29.67 46.17
N ALA B 194 12.13 28.38 46.12
CA ALA B 194 11.15 27.34 46.41
C ALA B 194 11.33 26.86 47.83
N THR B 195 10.26 26.94 48.61
CA THR B 195 10.23 26.51 50.01
C THR B 195 9.24 25.37 50.12
N SER B 196 9.73 24.17 50.38
CA SER B 196 8.86 23.02 50.48
C SER B 196 8.28 22.92 51.88
N TYR B 197 7.11 22.29 51.96
CA TYR B 197 6.40 22.18 53.22
C TYR B 197 5.74 20.82 53.29
N ILE B 198 6.04 20.07 54.34
CA ILE B 198 5.43 18.78 54.56
C ILE B 198 4.14 18.99 55.35
N LEU B 199 3.03 18.57 54.78
CA LEU B 199 1.73 18.70 55.42
C LEU B 199 1.14 17.31 55.65
N PRO B 200 0.86 16.93 56.89
CA PRO B 200 0.34 15.58 57.13
C PRO B 200 -0.99 15.32 56.46
N GLU B 201 -1.80 16.35 56.26
CA GLU B 201 -3.07 16.15 55.58
C GLU B 201 -2.87 15.62 54.18
N LEU B 202 -1.75 15.97 53.55
CA LEU B 202 -1.40 15.49 52.22
C LEU B 202 -0.53 14.25 52.37
N GLN B 203 -1.17 13.12 52.62
CA GLN B 203 -0.46 11.86 52.78
C GLN B 203 -0.16 11.22 51.44
N ASP B 204 -1.04 11.40 50.47
CA ASP B 204 -0.91 10.76 49.17
C ASP B 204 -0.44 11.78 48.15
N GLY B 205 0.53 11.39 47.34
CA GLY B 205 1.00 12.27 46.29
C GLY B 205 -0.04 12.38 45.20
N LEU B 206 -0.46 13.60 44.92
CA LEU B 206 -1.49 13.87 43.94
C LEU B 206 -0.87 14.35 42.64
N SER B 207 -1.62 14.13 41.58
CA SER B 207 -1.25 14.63 40.27
C SER B 207 -2.49 14.79 39.42
N PHE B 208 -2.36 15.64 38.41
CA PHE B 208 -3.46 15.91 37.49
C PHE B 208 -4.67 16.40 38.25
N HIS B 209 -4.41 17.05 39.37
CA HIS B 209 -5.44 17.64 40.18
C HIS B 209 -5.79 19.02 39.67
N VAL B 210 -7.02 19.43 39.93
CA VAL B 210 -7.38 20.82 39.78
C VAL B 210 -6.85 21.58 40.97
N SER B 211 -6.53 22.84 40.74
CA SER B 211 -6.02 23.74 41.77
C SER B 211 -6.66 25.09 41.56
N ILE B 212 -7.46 25.52 42.52
CA ILE B 212 -8.21 26.76 42.44
C ILE B 212 -7.63 27.74 43.44
N ALA B 213 -6.99 28.78 42.94
CA ALA B 213 -6.27 29.72 43.78
C ALA B 213 -7.11 30.96 43.98
N ARG B 214 -7.82 31.00 45.10
CA ARG B 214 -8.38 32.23 45.60
C ARG B 214 -7.31 32.92 46.44
N ASN B 215 -7.63 34.11 46.94
CA ASN B 215 -6.67 34.84 47.75
C ASN B 215 -6.27 34.03 48.98
N ASP B 216 -4.97 33.93 49.19
CA ASP B 216 -4.37 33.36 50.40
C ASP B 216 -4.43 31.85 50.43
N THR B 217 -5.09 31.21 49.47
CA THR B 217 -5.34 29.79 49.59
C THR B 217 -5.43 29.15 48.21
N VAL B 218 -5.13 27.85 48.19
CA VAL B 218 -5.21 27.03 46.99
C VAL B 218 -6.02 25.79 47.31
N TYR B 219 -7.14 25.63 46.64
CA TYR B 219 -7.97 24.44 46.79
C TYR B 219 -7.47 23.40 45.81
N ILE B 220 -6.74 22.42 46.35
CA ILE B 220 -6.43 21.22 45.61
C ILE B 220 -7.68 20.39 45.53
N LEU B 221 -7.89 19.76 44.39
CA LEU B 221 -9.21 19.24 44.09
C LEU B 221 -9.09 18.07 43.11
N GLY B 222 -9.37 16.88 43.58
CA GLY B 222 -9.58 15.77 42.69
C GLY B 222 -8.42 15.47 41.77
N GLY B 223 -7.34 14.97 42.33
CA GLY B 223 -6.23 14.49 41.54
C GLY B 223 -6.27 12.99 41.33
N HIS B 224 -5.10 12.44 41.02
CA HIS B 224 -4.92 11.01 40.86
C HIS B 224 -3.70 10.62 41.65
N SER B 225 -3.89 9.78 42.66
CA SER B 225 -2.77 9.23 43.41
C SER B 225 -2.32 7.95 42.73
N LEU B 226 -1.05 7.91 42.33
CA LEU B 226 -0.55 6.77 41.58
C LEU B 226 -0.18 5.63 42.48
N ALA B 227 0.37 5.94 43.66
CA ALA B 227 0.64 4.89 44.64
C ALA B 227 -0.60 4.05 44.88
N SER B 228 -1.77 4.67 44.85
CA SER B 228 -3.04 3.99 44.99
C SER B 228 -3.76 3.78 43.66
N ASN B 229 -3.34 4.48 42.61
CA ASN B 229 -4.03 4.44 41.32
C ASN B 229 -5.47 4.90 41.48
N ILE B 230 -5.76 5.64 42.54
CA ILE B 230 -7.10 6.07 42.84
C ILE B 230 -7.18 7.59 42.73
N ARG B 231 -8.37 8.06 42.41
CA ARG B 231 -8.64 9.48 42.32
C ARG B 231 -9.41 9.92 43.55
N PRO B 232 -8.71 10.28 44.62
CA PRO B 232 -9.41 10.61 45.86
C PRO B 232 -10.29 11.83 45.71
N ALA B 233 -11.48 11.76 46.29
CA ALA B 233 -12.40 12.88 46.28
C ALA B 233 -12.07 13.85 47.40
N ASN B 234 -10.81 14.24 47.48
CA ASN B 234 -10.37 15.17 48.50
C ASN B 234 -10.40 16.59 47.98
N LEU B 235 -10.44 17.53 48.91
CA LEU B 235 -10.55 18.96 48.62
C LEU B 235 -9.58 19.74 49.48
N TYR B 236 -8.34 19.28 49.52
CA TYR B 236 -7.32 19.93 50.34
C TYR B 236 -7.30 21.42 50.07
N ARG B 237 -7.36 22.20 51.14
CA ARG B 237 -7.26 23.65 51.08
C ARG B 237 -5.93 24.05 51.69
N ILE B 238 -4.99 24.46 50.85
CA ILE B 238 -3.68 24.92 51.32
C ILE B 238 -3.84 26.41 51.58
N ARG B 239 -4.09 26.74 52.84
CA ARG B 239 -4.11 28.13 53.26
C ARG B 239 -2.68 28.59 53.49
N VAL B 240 -2.25 29.56 52.69
CA VAL B 240 -0.88 30.06 52.72
C VAL B 240 -0.91 31.45 53.33
N ASP B 241 -0.11 31.64 54.37
CA ASP B 241 0.02 32.93 55.03
C ASP B 241 1.47 33.40 54.88
N LEU B 242 1.64 34.67 54.55
CA LEU B 242 2.93 35.27 54.31
C LEU B 242 3.12 36.44 55.28
N PRO B 243 3.26 36.15 56.57
CA PRO B 243 3.43 37.24 57.54
C PRO B 243 4.88 37.69 57.66
N LEU B 244 5.52 37.87 56.51
CA LEU B 244 6.91 38.31 56.43
C LEU B 244 7.78 37.57 57.44
N GLY B 245 7.81 36.25 57.27
CA GLY B 245 8.63 35.38 58.09
C GLY B 245 8.80 34.05 57.40
N THR B 246 8.74 32.96 58.15
CA THR B 246 8.62 31.66 57.52
C THR B 246 7.22 31.55 56.94
N PRO B 247 7.04 31.53 55.63
CA PRO B 247 5.69 31.48 55.08
C PRO B 247 4.93 30.27 55.59
N ALA B 248 3.89 30.54 56.38
CA ALA B 248 3.11 29.48 56.99
C ALA B 248 2.19 28.84 55.96
N VAL B 249 1.95 27.54 56.11
CA VAL B 249 1.08 26.81 55.21
C VAL B 249 0.34 25.76 56.00
N ASN B 250 -0.98 25.84 56.00
CA ASN B 250 -1.84 24.89 56.70
C ASN B 250 -2.78 24.28 55.67
N CYS B 251 -2.65 22.97 55.46
CA CYS B 251 -3.58 22.31 54.58
C CYS B 251 -4.82 21.89 55.35
N THR B 252 -5.90 21.67 54.61
CA THR B 252 -7.18 21.30 55.22
C THR B 252 -7.95 20.48 54.21
N VAL B 253 -8.10 19.19 54.48
CA VAL B 253 -8.93 18.34 53.64
C VAL B 253 -10.39 18.64 53.97
N LEU B 254 -11.11 19.15 52.99
CA LEU B 254 -12.46 19.58 53.18
C LEU B 254 -13.44 18.55 52.64
N PRO B 255 -14.62 18.43 53.26
CA PRO B 255 -15.65 17.54 52.72
C PRO B 255 -16.41 18.22 51.60
N GLY B 256 -16.50 17.56 50.45
CA GLY B 256 -17.15 18.13 49.29
C GLY B 256 -16.33 17.93 48.05
N GLY B 257 -15.12 17.40 48.23
CA GLY B 257 -14.26 17.14 47.10
C GLY B 257 -14.86 16.14 46.13
N ILE B 258 -14.25 16.06 44.96
CA ILE B 258 -14.73 15.21 43.89
C ILE B 258 -13.58 14.36 43.37
N SER B 259 -13.88 13.10 43.11
CA SER B 259 -12.89 12.18 42.55
C SER B 259 -12.82 12.44 41.05
N VAL B 260 -11.89 13.30 40.68
CA VAL B 260 -11.63 13.64 39.29
C VAL B 260 -10.13 13.65 39.08
N SER B 261 -9.73 13.73 37.82
CA SER B 261 -8.33 13.87 37.46
C SER B 261 -8.24 14.42 36.06
N SER B 262 -7.18 15.21 35.83
CA SER B 262 -6.95 15.83 34.53
C SER B 262 -8.13 16.69 34.12
N ALA B 263 -8.78 17.30 35.10
CA ALA B 263 -9.94 18.12 34.85
C ALA B 263 -9.52 19.55 34.54
N ILE B 264 -10.34 20.20 33.74
CA ILE B 264 -10.06 21.56 33.32
C ILE B 264 -10.80 22.50 34.24
N LEU B 265 -10.12 23.56 34.65
CA LEU B 265 -10.67 24.53 35.59
C LEU B 265 -10.77 25.88 34.89
N THR B 266 -11.99 26.38 34.77
CA THR B 266 -12.23 27.73 34.26
C THR B 266 -12.74 28.62 35.38
N GLN B 267 -12.50 29.91 35.24
CA GLN B 267 -13.06 30.91 36.13
C GLN B 267 -14.10 31.68 35.34
N THR B 268 -15.32 31.15 35.31
CA THR B 268 -16.41 31.78 34.60
C THR B 268 -16.63 33.19 35.12
N ASN B 269 -17.08 33.28 36.37
CA ASN B 269 -17.24 34.54 37.07
C ASN B 269 -16.28 34.57 38.25
N ASN B 270 -16.16 35.74 38.85
CA ASN B 270 -15.27 35.88 39.98
C ASN B 270 -15.74 34.97 41.11
N ASP B 271 -14.79 34.49 41.90
CA ASP B 271 -15.08 33.64 43.06
C ASP B 271 -15.96 32.45 42.67
N GLU B 272 -15.93 32.10 41.38
CA GLU B 272 -16.72 30.99 40.87
C GLU B 272 -15.97 30.34 39.72
N PHE B 273 -15.89 29.02 39.75
CA PHE B 273 -15.16 28.26 38.76
C PHE B 273 -16.02 27.13 38.25
N VAL B 274 -15.56 26.53 37.16
CA VAL B 274 -16.18 25.35 36.58
C VAL B 274 -15.08 24.32 36.38
N ILE B 275 -15.30 23.14 36.94
CA ILE B 275 -14.42 22.00 36.75
C ILE B 275 -15.10 21.13 35.71
N VAL B 276 -14.55 21.12 34.51
CA VAL B 276 -15.10 20.39 33.39
C VAL B 276 -14.28 19.15 33.18
N GLY B 277 -14.96 18.06 32.88
CA GLY B 277 -14.28 16.88 32.41
C GLY B 277 -13.27 16.37 33.41
N GLY B 278 -12.18 15.86 32.86
CA GLY B 278 -11.24 15.10 33.62
C GLY B 278 -11.64 13.65 33.60
N TYR B 279 -11.25 12.90 34.64
CA TYR B 279 -11.54 11.49 34.70
C TYR B 279 -11.89 11.11 36.12
N GLN B 280 -12.96 10.34 36.26
CA GLN B 280 -13.26 9.69 37.52
C GLN B 280 -12.57 8.36 37.64
N LEU B 281 -12.34 7.70 36.51
CA LEU B 281 -11.63 6.43 36.45
C LEU B 281 -11.09 6.26 35.04
N GLU B 282 -10.00 5.49 34.94
CA GLU B 282 -9.58 5.02 33.64
C GLU B 282 -10.72 4.29 32.94
N ASN B 283 -11.62 3.69 33.72
CA ASN B 283 -12.78 3.02 33.15
C ASN B 283 -13.79 4.03 32.63
N GLN B 284 -13.92 5.17 33.30
CA GLN B 284 -14.96 6.14 33.03
C GLN B 284 -14.42 7.54 33.24
N LYS B 285 -14.47 8.36 32.21
CA LYS B 285 -14.14 9.76 32.37
C LYS B 285 -15.32 10.53 32.94
N ARG B 286 -15.03 11.73 33.40
CA ARG B 286 -16.03 12.51 34.12
C ARG B 286 -16.84 13.35 33.16
N MET B 287 -18.13 13.06 33.09
CA MET B 287 -19.00 13.78 32.19
C MET B 287 -19.75 14.91 32.88
N VAL B 288 -19.72 14.96 34.20
CA VAL B 288 -20.44 15.97 34.95
C VAL B 288 -19.50 17.12 35.26
N CYS B 289 -19.93 18.32 34.92
CA CYS B 289 -19.21 19.51 35.32
C CYS B 289 -19.54 19.84 36.77
N SER B 290 -18.66 20.62 37.40
CA SER B 290 -18.76 20.92 38.81
C SER B 290 -18.51 22.40 39.02
N LEU B 291 -19.56 23.13 39.37
CA LEU B 291 -19.38 24.52 39.75
C LEU B 291 -18.75 24.59 41.13
N VAL B 292 -17.64 25.30 41.22
CA VAL B 292 -16.90 25.46 42.45
C VAL B 292 -17.00 26.94 42.82
N SER B 293 -17.97 27.25 43.68
CA SER B 293 -18.13 28.62 44.16
C SER B 293 -17.28 28.83 45.39
N LEU B 294 -16.55 29.94 45.42
CA LEU B 294 -15.56 30.21 46.44
C LEU B 294 -15.97 31.42 47.26
N GLY B 295 -15.96 31.27 48.57
CA GLY B 295 -15.96 32.40 49.48
C GLY B 295 -14.60 32.55 50.11
N ASP B 296 -14.35 33.75 50.65
CA ASP B 296 -13.01 34.07 51.12
C ASP B 296 -12.42 33.00 52.01
N ASN B 297 -13.26 32.19 52.68
CA ASN B 297 -12.74 31.05 53.42
C ASN B 297 -13.64 29.82 53.31
N THR B 298 -14.32 29.63 52.18
CA THR B 298 -15.18 28.47 52.01
C THR B 298 -15.22 28.08 50.54
N ILE B 299 -15.69 26.87 50.28
CA ILE B 299 -15.77 26.32 48.93
C ILE B 299 -16.99 25.43 48.85
N GLU B 300 -17.71 25.52 47.73
CA GLU B 300 -18.90 24.71 47.50
C GLU B 300 -18.80 24.16 46.09
N ILE B 301 -18.61 22.85 45.98
CA ILE B 301 -18.47 22.19 44.68
C ILE B 301 -19.86 21.70 44.30
N SER B 302 -20.62 22.57 43.63
CA SER B 302 -21.89 22.17 43.08
C SER B 302 -21.65 21.24 41.89
N GLU B 303 -22.74 20.90 41.20
CA GLU B 303 -22.70 20.02 40.05
C GLU B 303 -23.52 20.66 38.93
N MET B 304 -22.84 21.32 38.01
CA MET B 304 -23.51 21.96 36.90
C MET B 304 -24.33 20.95 36.10
N GLU B 305 -25.18 21.48 35.23
CA GLU B 305 -25.90 20.62 34.31
C GLU B 305 -24.91 19.98 33.34
N THR B 306 -24.93 18.66 33.26
CA THR B 306 -24.05 17.96 32.37
C THR B 306 -24.28 18.44 30.94
N PRO B 307 -23.31 19.12 30.33
CA PRO B 307 -23.51 19.58 28.96
C PRO B 307 -23.89 18.43 28.04
N ASP B 308 -24.47 18.78 26.89
CA ASP B 308 -24.92 17.78 25.94
C ASP B 308 -23.69 17.26 25.21
N TRP B 309 -22.87 16.52 25.94
CA TRP B 309 -21.69 15.90 25.38
C TRP B 309 -22.02 15.12 24.12
N THR B 310 -21.35 15.48 23.04
CA THR B 310 -21.51 14.73 21.80
C THR B 310 -21.06 13.29 21.99
N SER B 311 -21.72 12.37 21.29
CA SER B 311 -21.34 10.96 21.39
C SER B 311 -19.88 10.76 21.04
N ASP B 312 -19.34 11.61 20.16
CA ASP B 312 -17.89 11.67 19.97
C ASP B 312 -17.19 11.73 21.32
N ILE B 313 -17.67 12.59 22.20
CA ILE B 313 -17.06 12.78 23.51
C ILE B 313 -17.45 11.66 24.45
N LYS B 314 -18.76 11.46 24.65
CA LYS B 314 -19.23 10.50 25.63
C LYS B 314 -18.54 9.16 25.48
N HIS B 315 -18.16 8.81 24.25
CA HIS B 315 -17.60 7.51 23.95
C HIS B 315 -16.12 7.59 23.59
N SER B 316 -15.43 8.60 24.08
CA SER B 316 -13.99 8.71 23.92
C SER B 316 -13.33 8.42 25.27
N LYS B 317 -12.57 7.34 25.31
CA LYS B 317 -11.88 6.98 26.54
C LYS B 317 -11.05 8.14 27.05
N ILE B 318 -10.22 8.69 26.17
CA ILE B 318 -9.35 9.79 26.54
C ILE B 318 -9.99 11.10 26.17
N TRP B 319 -9.76 12.14 26.99
CA TRP B 319 -10.17 13.54 26.67
C TRP B 319 -9.36 14.56 27.51
N PHE B 320 -8.84 15.60 26.89
CA PHE B 320 -7.90 16.53 27.48
C PHE B 320 -8.41 17.92 27.22
N GLY B 321 -7.79 18.93 27.80
CA GLY B 321 -8.22 20.26 27.52
C GLY B 321 -7.50 21.29 28.34
N SER B 322 -8.00 22.51 28.24
CA SER B 322 -7.38 23.64 28.91
C SER B 322 -8.37 24.79 28.95
N ASN B 323 -8.25 25.60 29.99
CA ASN B 323 -9.09 26.77 30.14
C ASN B 323 -8.57 27.86 29.22
N MET B 324 -9.32 28.13 28.16
CA MET B 324 -8.98 29.24 27.29
C MET B 324 -8.87 30.54 28.06
N GLY B 325 -9.69 30.71 29.10
CA GLY B 325 -9.62 31.85 29.99
C GLY B 325 -10.88 32.69 30.03
N ASN B 326 -11.79 32.51 29.07
CA ASN B 326 -13.04 33.25 29.01
C ASN B 326 -14.18 32.42 29.58
N GLY B 327 -13.90 31.68 30.65
CA GLY B 327 -14.84 30.72 31.15
C GLY B 327 -15.05 29.52 30.28
N THR B 328 -14.42 29.47 29.11
CA THR B 328 -14.60 28.39 28.17
C THR B 328 -13.47 27.38 28.30
N ILE B 329 -13.74 26.18 27.80
CA ILE B 329 -12.84 25.04 27.91
C ILE B 329 -12.59 24.54 26.51
N PHE B 330 -11.32 24.56 26.09
CA PHE B 330 -10.96 23.91 24.85
C PHE B 330 -10.60 22.49 25.21
N LEU B 331 -11.46 21.57 24.85
CA LEU B 331 -11.26 20.16 25.16
C LEU B 331 -11.22 19.34 23.89
N GLY B 332 -10.25 18.45 23.83
CA GLY B 332 -10.08 17.58 22.70
C GLY B 332 -10.26 16.13 23.10
N ILE B 333 -10.56 15.32 22.10
CA ILE B 333 -10.81 13.90 22.26
C ILE B 333 -10.09 13.19 21.13
N PRO B 334 -9.56 12.00 21.35
CA PRO B 334 -8.92 11.28 20.24
C PRO B 334 -9.90 11.07 19.09
N GLY B 335 -9.45 11.44 17.90
CA GLY B 335 -10.25 11.27 16.71
C GLY B 335 -9.95 9.96 15.99
N ASP B 336 -10.36 9.93 14.72
CA ASP B 336 -10.22 8.76 13.88
C ASP B 336 -8.76 8.53 13.49
N ASN B 337 -8.05 7.71 14.25
CA ASN B 337 -6.65 7.40 13.92
C ASN B 337 -6.58 6.20 13.00
N ALA B 340 -5.68 6.84 8.89
CA ALA B 340 -4.42 6.90 9.63
C ALA B 340 -4.18 8.33 10.15
N MET B 341 -4.13 9.28 9.23
CA MET B 341 -3.92 10.69 9.56
C MET B 341 -5.15 11.53 9.25
N SER B 342 -6.34 11.01 9.57
CA SER B 342 -7.55 11.77 9.37
C SER B 342 -7.46 13.09 10.13
N GLU B 343 -7.52 12.99 11.46
CA GLU B 343 -7.26 14.11 12.33
C GLU B 343 -7.03 13.57 13.73
N ALA B 344 -5.88 13.89 14.31
CA ALA B 344 -5.48 13.23 15.54
C ALA B 344 -6.55 13.36 16.62
N PHE B 345 -7.16 14.53 16.71
CA PHE B 345 -8.15 14.79 17.74
C PHE B 345 -9.27 15.65 17.18
N TYR B 346 -10.45 15.47 17.74
CA TYR B 346 -11.56 16.38 17.55
C TYR B 346 -11.57 17.33 18.74
N PHE B 347 -12.01 18.55 18.51
CA PHE B 347 -11.91 19.59 19.51
C PHE B 347 -13.24 20.31 19.69
N TYR B 348 -13.42 20.87 20.88
CA TYR B 348 -14.66 21.49 21.29
C TYR B 348 -14.34 22.68 22.17
N THR B 349 -15.18 23.71 22.08
CA THR B 349 -15.06 24.88 22.95
C THR B 349 -16.32 24.95 23.81
N LEU B 350 -16.26 24.24 24.93
CA LEU B 350 -17.35 24.23 25.88
C LEU B 350 -17.33 25.50 26.72
N ARG B 351 -18.17 26.46 26.36
CA ARG B 351 -18.23 27.73 27.07
C ARG B 351 -19.21 27.63 28.23
N CYS B 352 -19.00 28.51 29.20
CA CYS B 352 -19.83 28.54 30.41
C CYS B 352 -19.99 29.97 30.90
N SER C 202 18.36 -39.24 3.91
CA SER C 202 17.82 -40.57 4.15
C SER C 202 16.37 -40.50 4.61
N GLY C 203 15.62 -41.56 4.34
CA GLY C 203 14.26 -41.69 4.79
C GLY C 203 13.31 -40.60 4.34
N LEU C 204 13.76 -39.63 3.56
CA LEU C 204 12.92 -38.52 3.11
C LEU C 204 12.92 -38.47 1.59
N GLN C 205 11.79 -38.84 0.99
CA GLN C 205 11.71 -38.87 -0.45
C GLN C 205 11.60 -37.46 -1.00
N PRO C 206 11.99 -37.27 -2.26
CA PRO C 206 11.92 -35.93 -2.84
C PRO C 206 10.54 -35.34 -2.84
N ALA C 207 9.50 -36.15 -2.99
CA ALA C 207 8.15 -35.63 -2.93
C ALA C 207 7.83 -35.10 -1.55
N VAL C 208 8.28 -35.80 -0.52
CA VAL C 208 8.05 -35.34 0.84
C VAL C 208 8.84 -34.08 1.12
N CYS C 209 10.06 -34.02 0.61
CA CYS C 209 10.86 -32.82 0.78
C CYS C 209 10.21 -31.65 0.08
N LEU C 210 9.62 -31.89 -1.08
CA LEU C 210 8.92 -30.85 -1.81
C LEU C 210 7.67 -30.40 -1.08
N ALA C 211 6.96 -31.34 -0.48
CA ALA C 211 5.79 -30.98 0.31
C ALA C 211 6.20 -30.09 1.47
N ILE C 212 7.24 -30.50 2.19
CA ILE C 212 7.78 -29.69 3.26
C ILE C 212 8.14 -28.31 2.74
N ARG C 213 8.73 -28.25 1.55
CA ARG C 213 9.18 -26.98 1.02
C ARG C 213 8.01 -26.06 0.73
N VAL C 214 7.04 -26.54 -0.04
CA VAL C 214 5.97 -25.68 -0.51
C VAL C 214 4.99 -25.39 0.62
N ASN C 215 4.55 -26.42 1.34
CA ASN C 215 3.54 -26.23 2.35
C ASN C 215 4.06 -25.39 3.50
N THR C 216 5.34 -25.51 3.79
CA THR C 216 6.01 -24.64 4.74
C THR C 216 6.42 -23.33 4.12
N PHE C 217 6.02 -23.08 2.89
CA PHE C 217 6.33 -21.85 2.19
C PHE C 217 7.81 -21.63 2.07
N LEU C 218 8.57 -22.71 2.22
CA LEU C 218 10.00 -22.63 2.06
C LEU C 218 10.34 -22.37 0.61
N SER C 219 11.16 -21.35 0.38
CA SER C 219 11.69 -21.13 -0.93
C SER C 219 12.77 -22.16 -1.23
N CYS C 220 12.95 -22.42 -2.52
CA CYS C 220 14.04 -23.29 -2.94
C CYS C 220 15.35 -22.83 -2.36
N SER C 221 15.52 -21.53 -2.18
CA SER C 221 16.74 -20.99 -1.62
C SER C 221 16.84 -21.31 -0.13
N GLN C 222 15.76 -21.06 0.60
CA GLN C 222 15.77 -21.35 2.02
C GLN C 222 15.76 -22.85 2.27
N TYR C 223 15.05 -23.59 1.43
CA TYR C 223 15.10 -25.04 1.54
C TYR C 223 16.50 -25.55 1.27
N HIS C 224 17.20 -24.95 0.33
CA HIS C 224 18.57 -25.36 0.07
C HIS C 224 19.46 -25.05 1.25
N LYS C 225 19.29 -23.87 1.84
CA LYS C 225 20.00 -23.56 3.07
C LYS C 225 19.78 -24.65 4.11
N MET C 226 18.52 -25.00 4.34
CA MET C 226 18.21 -26.00 5.34
C MET C 226 18.80 -27.35 4.98
N TYR C 227 18.71 -27.71 3.70
CA TYR C 227 19.16 -29.02 3.28
C TYR C 227 20.67 -29.15 3.39
N ARG C 228 21.41 -28.12 2.98
CA ARG C 228 22.84 -28.16 3.10
C ARG C 228 23.29 -28.09 4.56
N THR C 229 22.57 -27.31 5.37
CA THR C 229 22.88 -27.25 6.80
C THR C 229 22.69 -28.61 7.43
N VAL C 230 21.61 -29.31 7.09
CA VAL C 230 21.34 -30.62 7.63
C VAL C 230 22.36 -31.62 7.12
N LYS C 231 22.70 -31.53 5.84
CA LYS C 231 23.67 -32.44 5.25
C LYS C 231 25.05 -32.24 5.82
N ALA C 232 25.33 -31.05 6.32
CA ALA C 232 26.62 -30.75 6.91
C ALA C 232 26.67 -31.08 8.40
N ILE C 233 25.55 -30.91 9.09
CA ILE C 233 25.51 -31.16 10.52
C ILE C 233 25.36 -32.65 10.80
N THR C 234 24.35 -33.27 10.20
CA THR C 234 24.14 -34.69 10.37
C THR C 234 25.09 -35.51 9.51
N GLY C 235 25.51 -34.96 8.39
CA GLY C 235 26.21 -35.71 7.37
C GLY C 235 25.26 -36.43 6.47
N ARG C 236 24.19 -36.98 7.03
CA ARG C 236 23.17 -37.63 6.25
C ARG C 236 22.47 -36.62 5.37
N GLN C 237 22.00 -37.09 4.21
CA GLN C 237 21.24 -36.25 3.29
C GLN C 237 19.76 -36.49 3.57
N ILE C 238 19.33 -35.96 4.71
CA ILE C 238 17.92 -36.08 5.09
C ILE C 238 17.03 -35.50 4.01
N PHE C 239 17.20 -34.22 3.74
CA PHE C 239 16.41 -33.55 2.73
C PHE C 239 17.00 -33.82 1.36
N GLN C 240 16.13 -34.00 0.41
CA GLN C 240 16.61 -34.23 -0.93
C GLN C 240 17.02 -32.92 -1.57
N PRO C 241 17.98 -32.94 -2.48
CA PRO C 241 18.45 -31.70 -3.07
C PRO C 241 17.38 -31.03 -3.91
N LEU C 242 17.64 -29.76 -4.21
CA LEU C 242 16.69 -28.98 -4.98
C LEU C 242 16.34 -29.64 -6.31
N HIS C 243 17.33 -30.26 -6.97
CA HIS C 243 17.04 -30.87 -8.26
C HIS C 243 16.08 -32.04 -8.12
N ALA C 244 16.17 -32.78 -7.01
CA ALA C 244 15.26 -33.89 -6.81
C ALA C 244 13.85 -33.39 -6.58
N LEU C 245 13.71 -32.30 -5.82
CA LEU C 245 12.41 -31.66 -5.66
C LEU C 245 11.87 -31.20 -6.99
N ARG C 246 12.72 -30.54 -7.79
CA ARG C 246 12.28 -30.03 -9.07
C ARG C 246 11.86 -31.14 -10.01
N ASN C 247 12.45 -32.31 -9.85
CA ASN C 247 12.02 -33.46 -10.64
C ASN C 247 10.73 -34.05 -10.13
N ALA C 248 10.56 -34.07 -8.81
CA ALA C 248 9.30 -34.52 -8.23
C ALA C 248 8.16 -33.62 -8.64
N GLU C 249 8.42 -32.31 -8.77
CA GLU C 249 7.39 -31.38 -9.19
C GLU C 249 6.78 -31.82 -10.51
N LYS C 250 7.60 -32.25 -11.46
CA LYS C 250 7.10 -32.65 -12.76
C LYS C 250 5.92 -33.58 -12.61
N VAL C 251 6.00 -34.52 -11.67
CA VAL C 251 4.94 -35.47 -11.45
C VAL C 251 3.66 -34.77 -11.02
N LEU C 252 3.80 -33.66 -10.32
CA LEU C 252 2.66 -32.95 -9.75
C LEU C 252 2.19 -31.81 -10.63
N LEU C 253 3.08 -31.25 -11.41
CA LEU C 253 2.70 -30.18 -12.30
C LEU C 253 2.01 -30.74 -13.53
N PRO C 254 1.13 -29.96 -14.14
CA PRO C 254 0.50 -30.39 -15.38
C PRO C 254 1.53 -30.63 -16.47
N GLY C 255 1.18 -31.54 -17.37
CA GLY C 255 2.07 -31.89 -18.44
C GLY C 255 2.92 -33.10 -18.16
N TYR C 256 2.48 -33.96 -17.25
CA TYR C 256 3.21 -35.16 -16.90
C TYR C 256 2.38 -36.41 -17.11
N HIS C 257 1.16 -36.41 -16.64
CA HIS C 257 0.37 -37.62 -16.69
C HIS C 257 -0.30 -37.73 -18.06
N PRO C 258 -0.19 -38.88 -18.73
CA PRO C 258 -0.84 -39.01 -20.03
C PRO C 258 -2.34 -39.18 -19.86
N PHE C 259 -3.09 -38.45 -20.67
CA PHE C 259 -4.53 -38.52 -20.63
C PHE C 259 -5.07 -38.37 -22.04
N GLU C 260 -6.35 -38.66 -22.19
CA GLU C 260 -7.03 -38.40 -23.45
C GLU C 260 -8.43 -37.91 -23.13
N TRP C 261 -9.04 -37.27 -24.10
CA TRP C 261 -10.39 -36.79 -23.98
C TRP C 261 -11.27 -37.43 -25.05
N GLN C 262 -12.42 -37.93 -24.64
CA GLN C 262 -13.36 -38.59 -25.55
C GLN C 262 -14.72 -37.93 -25.41
N PRO C 263 -15.17 -37.14 -26.39
CA PRO C 263 -14.43 -36.81 -27.61
C PRO C 263 -13.23 -35.93 -27.36
N PRO C 264 -12.24 -35.99 -28.24
CA PRO C 264 -11.09 -35.10 -28.11
C PRO C 264 -11.51 -33.65 -28.11
N LEU C 265 -10.82 -32.86 -27.31
CA LEU C 265 -11.25 -31.49 -27.06
C LEU C 265 -11.12 -30.64 -28.31
N LYS C 266 -12.18 -29.93 -28.64
CA LYS C 266 -12.16 -29.03 -29.77
C LYS C 266 -11.28 -27.85 -29.46
N ASN C 267 -10.33 -27.56 -30.35
CA ASN C 267 -9.46 -26.40 -30.30
C ASN C 267 -8.44 -26.48 -29.17
N VAL C 268 -8.22 -27.65 -28.61
CA VAL C 268 -7.26 -27.85 -27.54
C VAL C 268 -6.23 -28.87 -27.98
N SER C 269 -4.96 -28.55 -27.73
CA SER C 269 -3.88 -29.46 -28.08
C SER C 269 -4.03 -30.75 -27.30
N SER C 270 -4.02 -31.87 -28.01
CA SER C 270 -4.01 -33.16 -27.35
C SER C 270 -2.69 -33.44 -26.66
N ARG C 271 -1.67 -32.63 -26.93
CA ARG C 271 -0.34 -32.84 -26.36
C ARG C 271 -0.40 -32.79 -24.86
N THR C 272 -0.13 -33.92 -24.22
CA THR C 272 -0.14 -34.03 -22.77
C THR C 272 1.15 -33.56 -22.13
N ASP C 273 2.10 -33.06 -22.92
CA ASP C 273 3.38 -32.58 -22.44
C ASP C 273 3.32 -31.11 -22.04
N VAL C 274 2.12 -30.57 -21.89
CA VAL C 274 1.93 -29.13 -21.78
C VAL C 274 1.71 -28.78 -20.32
N GLY C 275 2.65 -28.06 -19.75
CA GLY C 275 2.54 -27.60 -18.38
C GLY C 275 2.23 -26.13 -18.32
N ILE C 276 3.20 -25.34 -17.88
CA ILE C 276 3.04 -23.89 -17.85
C ILE C 276 3.28 -23.36 -19.25
N ILE C 277 2.33 -22.59 -19.76
CA ILE C 277 2.44 -21.97 -21.04
C ILE C 277 2.15 -20.48 -20.87
N ASP C 278 2.52 -19.72 -21.88
CA ASP C 278 2.25 -18.30 -21.88
C ASP C 278 0.76 -18.06 -21.98
N GLY C 279 0.17 -17.49 -20.93
CA GLY C 279 -1.24 -17.16 -20.96
C GLY C 279 -1.61 -16.25 -22.11
N LEU C 280 -0.64 -15.49 -22.62
CA LEU C 280 -0.87 -14.71 -23.83
C LEU C 280 -1.47 -15.58 -24.91
N SER C 281 -1.00 -16.82 -25.02
CA SER C 281 -1.56 -17.79 -25.95
C SER C 281 -1.44 -17.29 -27.39
N GLY C 282 -0.20 -17.07 -27.79
CA GLY C 282 0.09 -16.59 -29.11
C GLY C 282 -0.29 -15.16 -29.36
N LEU C 283 -0.82 -14.47 -28.35
CA LEU C 283 -1.25 -13.10 -28.52
C LEU C 283 -0.08 -12.24 -28.93
N ALA C 284 -0.18 -11.63 -30.11
CA ALA C 284 0.93 -10.90 -30.69
C ALA C 284 1.17 -9.62 -29.90
N SER C 285 2.37 -9.47 -29.36
CA SER C 285 2.79 -8.23 -28.74
C SER C 285 3.32 -7.25 -29.76
N SER C 286 3.13 -7.53 -31.04
CA SER C 286 3.51 -6.61 -32.09
C SER C 286 2.94 -5.23 -31.82
N VAL C 287 3.72 -4.21 -32.17
CA VAL C 287 3.27 -2.83 -32.04
C VAL C 287 2.01 -2.57 -32.85
N ASP C 288 1.81 -3.36 -33.90
CA ASP C 288 0.64 -3.18 -34.79
C ASP C 288 -0.60 -3.69 -34.07
N GLU C 289 -0.40 -4.62 -33.15
CA GLU C 289 -1.55 -5.25 -32.47
C GLU C 289 -1.91 -4.48 -31.21
N TYR C 290 -2.90 -4.99 -30.49
CA TYR C 290 -3.28 -4.38 -29.24
C TYR C 290 -2.11 -4.45 -28.27
N PRO C 291 -1.79 -3.37 -27.58
CA PRO C 291 -0.64 -3.39 -26.69
C PRO C 291 -0.89 -4.23 -25.47
N VAL C 292 -0.81 -5.54 -25.62
CA VAL C 292 -0.96 -6.42 -24.47
C VAL C 292 0.18 -6.15 -23.50
N ASP C 293 -0.16 -5.57 -22.35
CA ASP C 293 0.80 -5.34 -21.28
C ASP C 293 0.36 -6.24 -20.14
N THR C 294 0.85 -7.47 -20.16
CA THR C 294 0.47 -8.43 -19.15
C THR C 294 1.39 -9.64 -19.24
N ILE C 295 1.84 -10.08 -18.08
CA ILE C 295 2.57 -11.33 -17.95
C ILE C 295 1.55 -12.37 -17.51
N ALA C 296 1.17 -13.24 -18.42
CA ALA C 296 0.20 -14.27 -18.15
C ALA C 296 0.85 -15.62 -18.34
N LYS C 297 0.78 -16.44 -17.31
CA LYS C 297 1.22 -17.81 -17.36
C LYS C 297 0.10 -18.69 -16.85
N ARG C 298 -0.21 -19.73 -17.59
CA ARG C 298 -1.32 -20.58 -17.26
C ARG C 298 -0.97 -22.03 -17.54
N PHE C 299 -1.57 -22.90 -16.76
CA PHE C 299 -1.66 -24.28 -17.11
C PHE C 299 -2.78 -24.47 -18.12
N ARG C 300 -2.57 -25.38 -19.05
CA ARG C 300 -3.65 -25.75 -19.93
C ARG C 300 -4.71 -26.47 -19.12
N TYR C 301 -5.94 -25.97 -19.20
CA TYR C 301 -7.00 -26.43 -18.32
C TYR C 301 -7.11 -27.94 -18.32
N ASP C 302 -6.94 -28.57 -19.48
CA ASP C 302 -6.87 -30.01 -19.57
C ASP C 302 -5.84 -30.54 -18.59
N SER C 303 -4.60 -30.14 -18.81
CA SER C 303 -3.49 -30.64 -18.01
C SER C 303 -3.67 -30.28 -16.55
N ALA C 304 -4.27 -29.14 -16.27
CA ALA C 304 -4.47 -28.72 -14.90
C ALA C 304 -5.46 -29.63 -14.20
N LEU C 305 -6.60 -29.90 -14.83
CA LEU C 305 -7.55 -30.84 -14.26
C LEU C 305 -6.91 -32.21 -14.08
N VAL C 306 -6.09 -32.62 -15.04
CA VAL C 306 -5.51 -33.94 -14.98
C VAL C 306 -4.56 -34.04 -13.82
N SER C 307 -3.73 -33.01 -13.62
CA SER C 307 -2.80 -33.03 -12.51
C SER C 307 -3.52 -32.89 -11.18
N ALA C 308 -4.62 -32.15 -11.15
CA ALA C 308 -5.38 -31.99 -9.93
C ALA C 308 -6.04 -33.29 -9.53
N LEU C 309 -6.52 -34.04 -10.51
CA LEU C 309 -7.11 -35.35 -10.23
C LEU C 309 -6.04 -36.34 -9.81
N MET C 310 -5.05 -36.55 -10.66
CA MET C 310 -3.96 -37.44 -10.32
C MET C 310 -3.33 -37.09 -8.98
N ASP C 311 -3.43 -35.82 -8.58
CA ASP C 311 -2.96 -35.42 -7.26
C ASP C 311 -3.93 -35.86 -6.19
N MET C 312 -5.22 -35.92 -6.52
CA MET C 312 -6.24 -36.50 -5.67
C MET C 312 -6.51 -37.95 -6.00
N GLU C 313 -5.71 -38.54 -6.88
CA GLU C 313 -5.83 -39.96 -7.17
C GLU C 313 -6.03 -40.74 -5.88
N GLU C 314 -5.12 -40.57 -4.94
CA GLU C 314 -5.22 -41.29 -3.68
C GLU C 314 -6.48 -40.89 -2.92
N ASP C 315 -6.83 -39.60 -2.95
CA ASP C 315 -8.05 -39.16 -2.28
C ASP C 315 -9.29 -39.74 -2.93
N ILE C 316 -9.32 -39.77 -4.26
CA ILE C 316 -10.47 -40.33 -4.95
C ILE C 316 -10.63 -41.81 -4.62
N LEU C 317 -9.52 -42.55 -4.67
CA LEU C 317 -9.57 -43.96 -4.32
C LEU C 317 -9.99 -44.16 -2.87
N GLU C 318 -9.45 -43.34 -1.97
CA GLU C 318 -9.83 -43.43 -0.56
C GLU C 318 -11.31 -43.19 -0.37
N GLY C 319 -11.88 -42.27 -1.16
CA GLY C 319 -13.27 -41.92 -0.96
C GLY C 319 -14.23 -42.90 -1.61
N MET C 320 -13.80 -43.50 -2.71
CA MET C 320 -14.61 -44.55 -3.31
C MET C 320 -14.48 -45.87 -2.57
N ARG C 321 -13.41 -46.03 -1.80
CA ARG C 321 -13.34 -47.12 -0.84
C ARG C 321 -14.18 -46.83 0.38
N SER C 322 -14.19 -45.57 0.82
CA SER C 322 -15.02 -45.12 1.93
C SER C 322 -16.50 -45.09 1.57
N GLN C 323 -16.83 -45.10 0.28
CA GLN C 323 -18.21 -45.11 -0.17
C GLN C 323 -18.68 -46.50 -0.57
N ASP C 324 -17.90 -47.52 -0.22
CA ASP C 324 -18.32 -48.91 -0.42
C ASP C 324 -18.34 -49.26 -1.90
N LEU C 325 -17.30 -48.83 -2.61
CA LEU C 325 -17.20 -49.04 -4.04
C LEU C 325 -15.90 -49.74 -4.38
N ASP C 326 -15.85 -50.32 -5.58
CA ASP C 326 -14.62 -50.87 -6.09
C ASP C 326 -13.72 -49.73 -6.56
N ASP C 327 -12.58 -49.59 -5.92
CA ASP C 327 -11.67 -48.52 -6.32
C ASP C 327 -11.01 -48.79 -7.64
N TYR C 328 -11.45 -49.80 -8.39
CA TYR C 328 -11.04 -50.00 -9.77
C TYR C 328 -12.11 -49.56 -10.75
N LEU C 329 -13.10 -48.80 -10.28
CA LEU C 329 -14.19 -48.36 -11.15
C LEU C 329 -13.68 -47.35 -12.16
N ASN C 330 -13.95 -47.62 -13.44
CA ASN C 330 -13.66 -46.68 -14.49
C ASN C 330 -14.86 -45.81 -14.84
N GLY C 331 -15.99 -46.03 -14.18
CA GLY C 331 -17.21 -45.33 -14.48
C GLY C 331 -16.99 -43.83 -14.52
N PRO C 332 -17.86 -43.12 -15.21
CA PRO C 332 -17.64 -41.69 -15.43
C PRO C 332 -17.77 -40.89 -14.16
N PHE C 333 -16.66 -40.34 -13.70
CA PHE C 333 -16.67 -39.43 -12.56
C PHE C 333 -17.06 -38.04 -13.02
N THR C 334 -18.13 -37.52 -12.47
CA THR C 334 -18.49 -36.12 -12.60
C THR C 334 -17.62 -35.37 -11.61
N VAL C 335 -16.71 -34.56 -12.15
CA VAL C 335 -15.84 -33.75 -11.33
C VAL C 335 -16.38 -32.32 -11.34
N VAL C 336 -16.99 -31.93 -10.25
CA VAL C 336 -17.49 -30.58 -10.08
C VAL C 336 -16.35 -29.70 -9.63
N VAL C 337 -16.05 -28.71 -10.46
CA VAL C 337 -14.88 -27.86 -10.36
C VAL C 337 -15.37 -26.45 -10.09
N LYS C 338 -14.80 -25.82 -9.07
CA LYS C 338 -15.14 -24.44 -8.74
C LYS C 338 -14.15 -23.54 -9.44
N GLU C 339 -14.52 -23.12 -10.64
CA GLU C 339 -13.79 -22.06 -11.29
C GLU C 339 -13.81 -20.82 -10.43
N SER C 340 -12.66 -20.17 -10.35
CA SER C 340 -12.48 -19.04 -9.45
C SER C 340 -11.53 -18.07 -10.10
N CYS C 341 -11.98 -16.83 -10.28
CA CYS C 341 -11.15 -15.76 -10.79
C CYS C 341 -11.33 -14.54 -9.91
N ASP C 342 -10.23 -13.86 -9.64
CA ASP C 342 -10.28 -12.65 -8.84
C ASP C 342 -9.12 -11.76 -9.24
N GLY C 343 -9.42 -10.48 -9.41
CA GLY C 343 -8.38 -9.50 -9.50
C GLY C 343 -7.89 -9.13 -8.11
N MET C 344 -6.59 -8.84 -8.05
CA MET C 344 -5.91 -8.64 -6.78
C MET C 344 -5.61 -7.19 -6.49
N GLY C 345 -4.93 -6.53 -7.41
CA GLY C 345 -4.52 -5.16 -7.18
C GLY C 345 -3.35 -5.07 -6.23
N ASP C 346 -2.72 -3.91 -6.17
CA ASP C 346 -1.52 -3.70 -5.36
C ASP C 346 -0.47 -4.75 -5.64
N VAL C 347 -0.46 -5.28 -6.86
CA VAL C 347 0.54 -6.28 -7.25
C VAL C 347 1.69 -5.50 -7.88
N SER C 348 2.57 -5.01 -7.03
CA SER C 348 3.68 -4.18 -7.49
C SER C 348 4.44 -4.87 -8.61
N GLU C 349 4.54 -4.19 -9.75
CA GLU C 349 5.30 -4.73 -10.85
C GLU C 349 6.78 -4.53 -10.60
N LYS C 350 7.58 -5.37 -11.24
CA LYS C 350 9.01 -5.40 -11.03
C LYS C 350 9.72 -4.62 -12.12
N HIS C 351 10.84 -4.02 -11.75
CA HIS C 351 11.76 -3.55 -12.76
C HIS C 351 12.14 -4.72 -13.66
N GLY C 352 12.66 -4.38 -14.84
CA GLY C 352 13.29 -5.36 -15.69
C GLY C 352 12.59 -5.49 -17.04
N SER C 353 13.13 -6.43 -17.80
CA SER C 353 12.59 -6.75 -19.10
C SER C 353 11.10 -7.05 -18.99
N GLY C 354 10.41 -6.92 -20.09
CA GLY C 354 9.04 -7.37 -20.16
C GLY C 354 8.06 -6.22 -20.33
N PRO C 355 6.79 -6.56 -20.42
CA PRO C 355 5.77 -5.54 -20.64
C PRO C 355 5.67 -4.57 -19.47
N ALA C 356 4.96 -3.47 -19.71
CA ALA C 356 4.64 -2.51 -18.67
C ALA C 356 3.33 -2.94 -18.01
N VAL C 357 3.39 -4.10 -17.40
CA VAL C 357 2.22 -4.74 -16.80
C VAL C 357 1.60 -3.83 -15.75
N PRO C 358 0.31 -3.93 -15.50
CA PRO C 358 -0.30 -3.18 -14.42
C PRO C 358 0.14 -3.70 -13.07
N GLU C 359 -0.07 -2.88 -12.05
CA GLU C 359 0.18 -3.32 -10.69
C GLU C 359 -1.08 -4.04 -10.20
N LYS C 360 -1.52 -5.00 -11.00
CA LYS C 360 -2.74 -5.75 -10.73
C LYS C 360 -2.54 -7.14 -11.27
N ALA C 361 -3.26 -8.09 -10.70
CA ALA C 361 -3.20 -9.47 -11.12
C ALA C 361 -4.60 -10.05 -11.21
N VAL C 362 -4.71 -11.10 -12.00
CA VAL C 362 -5.92 -11.88 -12.15
C VAL C 362 -5.54 -13.34 -12.01
N ARG C 363 -6.17 -14.01 -11.07
CA ARG C 363 -5.86 -15.39 -10.72
C ARG C 363 -7.07 -16.24 -11.02
N PHE C 364 -7.08 -16.86 -12.18
CA PHE C 364 -8.09 -17.85 -12.50
C PHE C 364 -7.64 -19.16 -11.88
N SER C 365 -8.35 -19.60 -10.88
CA SER C 365 -8.08 -20.82 -10.19
C SER C 365 -9.22 -21.79 -10.43
N PHE C 366 -9.06 -22.99 -9.90
CA PHE C 366 -10.12 -23.98 -9.95
C PHE C 366 -9.93 -24.92 -8.79
N THR C 367 -10.99 -25.10 -8.03
CA THR C 367 -11.03 -26.05 -6.94
C THR C 367 -11.85 -27.24 -7.39
N VAL C 368 -11.24 -28.42 -7.41
CA VAL C 368 -12.04 -29.61 -7.62
C VAL C 368 -12.86 -29.84 -6.36
N MET C 369 -14.15 -29.66 -6.48
CA MET C 369 -15.01 -29.58 -5.32
C MET C 369 -15.70 -30.90 -5.03
N ARG C 370 -16.07 -31.64 -6.05
CA ARG C 370 -16.92 -32.79 -5.80
C ARG C 370 -16.78 -33.80 -6.92
N ILE C 371 -16.09 -34.89 -6.66
CA ILE C 371 -16.00 -36.00 -7.59
C ILE C 371 -17.04 -37.02 -7.17
N THR C 372 -17.95 -37.33 -8.08
CA THR C 372 -19.01 -38.30 -7.86
C THR C 372 -19.10 -39.23 -9.04
N ILE C 373 -19.09 -40.51 -8.77
CA ILE C 373 -19.20 -41.50 -9.83
C ILE C 373 -20.63 -42.02 -9.86
N GLU C 374 -21.09 -42.37 -11.06
CA GLU C 374 -22.45 -42.86 -11.28
C GLU C 374 -22.44 -44.36 -11.01
N HIS C 375 -22.72 -44.75 -9.78
CA HIS C 375 -22.73 -46.16 -9.39
C HIS C 375 -24.14 -46.68 -9.58
N GLY C 376 -24.53 -46.83 -10.84
CA GLY C 376 -25.85 -47.29 -11.16
C GLY C 376 -26.85 -46.16 -11.26
N SER C 377 -27.59 -45.95 -10.18
CA SER C 377 -28.66 -44.95 -10.14
C SER C 377 -28.21 -43.64 -9.49
N GLN C 378 -27.55 -43.73 -8.34
CA GLN C 378 -27.21 -42.55 -7.56
C GLN C 378 -25.78 -42.14 -7.84
N ASN C 379 -25.52 -40.83 -7.69
CA ASN C 379 -24.20 -40.26 -7.91
C ASN C 379 -23.47 -40.27 -6.58
N VAL C 380 -22.84 -41.41 -6.28
CA VAL C 380 -22.09 -41.52 -5.05
C VAL C 380 -20.90 -40.57 -5.10
N LYS C 381 -20.68 -39.85 -4.00
CA LYS C 381 -19.71 -38.76 -3.95
C LYS C 381 -18.40 -39.30 -3.43
N VAL C 382 -17.52 -39.70 -4.35
CA VAL C 382 -16.24 -40.30 -3.97
C VAL C 382 -15.25 -39.29 -3.45
N PHE C 383 -15.56 -38.01 -3.54
CA PHE C 383 -14.68 -37.00 -2.95
C PHE C 383 -15.37 -35.66 -2.85
N GLU C 384 -15.25 -35.01 -1.71
CA GLU C 384 -15.72 -33.66 -1.49
C GLU C 384 -14.61 -32.87 -0.84
N GLU C 385 -14.26 -31.75 -1.43
CA GLU C 385 -13.26 -30.89 -0.83
C GLU C 385 -13.73 -30.51 0.56
N PRO C 386 -13.11 -31.02 1.61
CA PRO C 386 -13.61 -30.72 2.95
C PRO C 386 -13.57 -29.25 3.27
N LYS C 387 -12.54 -28.56 2.82
CA LYS C 387 -12.37 -27.13 3.02
C LYS C 387 -12.32 -26.49 1.64
N PRO C 388 -13.48 -26.24 1.03
CA PRO C 388 -13.49 -25.80 -0.37
C PRO C 388 -12.88 -24.44 -0.57
N ASN C 389 -12.99 -23.57 0.43
CA ASN C 389 -12.44 -22.23 0.35
C ASN C 389 -11.04 -22.17 0.90
N SER C 390 -10.35 -23.30 0.95
CA SER C 390 -8.98 -23.33 1.39
C SER C 390 -8.07 -22.95 0.24
N VAL C 391 -7.02 -22.20 0.58
CA VAL C 391 -5.98 -21.92 -0.38
C VAL C 391 -5.23 -23.18 -0.75
N LEU C 392 -5.40 -24.24 0.03
CA LEU C 392 -4.75 -25.52 -0.24
C LEU C 392 -5.46 -26.32 -1.30
N CYS C 393 -6.54 -25.80 -1.85
CA CYS C 393 -7.38 -26.56 -2.75
C CYS C 393 -7.73 -25.78 -4.01
N CYS C 394 -7.66 -24.46 -3.99
CA CYS C 394 -7.95 -23.66 -5.16
C CYS C 394 -6.74 -23.73 -6.07
N LYS C 395 -6.75 -24.71 -6.94
CA LYS C 395 -5.63 -24.92 -7.81
C LYS C 395 -5.51 -23.75 -8.76
N PRO C 396 -4.35 -23.10 -8.82
CA PRO C 396 -4.17 -22.02 -9.79
C PRO C 396 -4.12 -22.57 -11.19
N LEU C 397 -4.66 -21.80 -12.10
CA LEU C 397 -4.75 -22.19 -13.49
C LEU C 397 -4.20 -21.13 -14.41
N CYS C 398 -4.32 -19.87 -14.04
CA CYS C 398 -3.79 -18.77 -14.82
C CYS C 398 -3.52 -17.61 -13.89
N LEU C 399 -2.28 -17.16 -13.86
CA LEU C 399 -1.91 -15.93 -13.18
C LEU C 399 -1.48 -14.98 -14.28
N MET C 400 -2.26 -13.93 -14.45
CA MET C 400 -1.90 -12.90 -15.41
C MET C 400 -1.73 -11.58 -14.68
N LEU C 401 -0.66 -10.89 -15.00
CA LEU C 401 -0.44 -9.55 -14.49
C LEU C 401 -1.23 -8.56 -15.34
N ALA C 402 -2.54 -8.58 -15.11
CA ALA C 402 -3.49 -7.77 -15.82
C ALA C 402 -4.48 -7.18 -14.83
N ASP C 403 -5.47 -6.49 -15.37
CA ASP C 403 -6.57 -5.95 -14.62
C ASP C 403 -7.85 -6.62 -15.07
N GLU C 404 -8.62 -7.13 -14.10
CA GLU C 404 -9.90 -7.71 -14.44
C GLU C 404 -10.83 -6.68 -15.04
N SER C 405 -10.61 -5.40 -14.75
CA SER C 405 -11.36 -4.34 -15.38
C SER C 405 -10.91 -4.10 -16.81
N ASP C 406 -9.73 -4.60 -17.20
CA ASP C 406 -9.27 -4.53 -18.57
C ASP C 406 -9.82 -5.74 -19.29
N HIS C 407 -11.03 -5.58 -19.81
CA HIS C 407 -11.74 -6.71 -20.39
C HIS C 407 -11.00 -7.27 -21.60
N GLU C 408 -10.32 -6.43 -22.35
CA GLU C 408 -9.63 -6.90 -23.54
C GLU C 408 -8.52 -7.86 -23.20
N THR C 409 -7.64 -7.44 -22.29
CA THR C 409 -6.53 -8.28 -21.88
C THR C 409 -7.03 -9.51 -21.14
N LEU C 410 -7.91 -9.31 -20.17
CA LEU C 410 -8.51 -10.42 -19.47
C LEU C 410 -9.02 -11.48 -20.43
N THR C 411 -9.75 -11.04 -21.45
CA THR C 411 -10.34 -11.98 -22.39
C THR C 411 -9.29 -12.63 -23.25
N ALA C 412 -8.33 -11.86 -23.74
CA ALA C 412 -7.27 -12.46 -24.53
C ALA C 412 -6.53 -13.53 -23.75
N ILE C 413 -6.43 -13.37 -22.44
CA ILE C 413 -5.69 -14.32 -21.63
C ILE C 413 -6.53 -15.53 -21.28
N LEU C 414 -7.82 -15.31 -21.06
CA LEU C 414 -8.67 -16.35 -20.50
C LEU C 414 -9.44 -17.13 -21.55
N SER C 415 -9.79 -16.51 -22.67
CA SER C 415 -10.54 -17.21 -23.70
C SER C 415 -9.90 -18.53 -24.08
N PRO C 416 -8.59 -18.69 -24.02
CA PRO C 416 -8.04 -20.06 -24.09
C PRO C 416 -8.58 -20.94 -23.00
N LEU C 417 -8.58 -20.45 -21.77
CA LEU C 417 -9.08 -21.22 -20.66
C LEU C 417 -10.56 -21.50 -20.80
N ILE C 418 -11.33 -20.52 -21.26
CA ILE C 418 -12.76 -20.73 -21.42
C ILE C 418 -13.01 -21.69 -22.56
N ALA C 419 -12.18 -21.67 -23.58
CA ALA C 419 -12.32 -22.60 -24.67
C ALA C 419 -12.03 -24.02 -24.22
N GLU C 420 -10.96 -24.18 -23.46
CA GLU C 420 -10.69 -25.48 -22.84
C GLU C 420 -11.84 -25.91 -21.96
N ARG C 421 -12.40 -24.98 -21.18
CA ARG C 421 -13.49 -25.29 -20.27
C ARG C 421 -14.72 -25.77 -21.04
N GLU C 422 -15.06 -25.09 -22.12
CA GLU C 422 -16.20 -25.49 -22.92
C GLU C 422 -15.94 -26.83 -23.61
N ALA C 423 -14.72 -27.03 -24.08
CA ALA C 423 -14.35 -28.30 -24.67
C ALA C 423 -14.54 -29.42 -23.66
N MET C 424 -14.04 -29.22 -22.46
CA MET C 424 -14.12 -30.22 -21.41
C MET C 424 -15.56 -30.48 -21.01
N LYS C 425 -16.40 -29.45 -21.02
CA LYS C 425 -17.81 -29.62 -20.73
C LYS C 425 -18.43 -30.64 -21.67
N SER C 426 -18.01 -30.61 -22.94
CA SER C 426 -18.55 -31.49 -23.97
C SER C 426 -17.67 -32.70 -24.19
N SER C 427 -16.95 -33.14 -23.17
CA SER C 427 -16.00 -34.23 -23.34
C SER C 427 -15.89 -35.02 -22.05
N GLU C 428 -15.04 -36.03 -22.09
CA GLU C 428 -14.88 -36.99 -21.00
C GLU C 428 -13.42 -37.35 -20.93
N LEU C 429 -12.82 -37.19 -19.76
CA LEU C 429 -11.38 -37.30 -19.61
C LEU C 429 -11.01 -38.70 -19.16
N THR C 430 -10.47 -39.48 -20.08
CA THR C 430 -9.88 -40.76 -19.73
C THR C 430 -8.49 -40.52 -19.16
N LEU C 431 -8.27 -41.04 -17.95
CA LEU C 431 -7.07 -40.72 -17.18
C LEU C 431 -6.67 -41.96 -16.40
N GLU C 432 -5.40 -42.32 -16.49
CA GLU C 432 -4.91 -43.56 -15.87
C GLU C 432 -4.60 -43.28 -14.39
N MET C 433 -5.62 -43.51 -13.57
CA MET C 433 -5.50 -43.36 -12.12
C MET C 433 -5.46 -44.74 -11.48
N GLY C 434 -4.51 -44.93 -10.58
CA GLY C 434 -4.42 -46.17 -9.84
C GLY C 434 -4.33 -47.39 -10.74
N GLY C 435 -3.70 -47.22 -11.90
CA GLY C 435 -3.53 -48.30 -12.84
C GLY C 435 -4.73 -48.59 -13.71
N ILE C 436 -5.86 -47.94 -13.45
CA ILE C 436 -7.10 -48.16 -14.19
C ILE C 436 -7.41 -46.90 -14.97
N PRO C 437 -7.90 -46.99 -16.20
CA PRO C 437 -8.32 -45.79 -16.93
C PRO C 437 -9.71 -45.37 -16.49
N ARG C 438 -9.73 -44.28 -15.72
CA ARG C 438 -11.00 -43.75 -15.19
C ARG C 438 -11.46 -42.59 -16.06
N THR C 439 -12.77 -42.46 -16.22
CA THR C 439 -13.32 -41.39 -17.02
C THR C 439 -13.93 -40.32 -16.12
N PHE C 440 -13.56 -39.09 -16.37
CA PHE C 440 -13.97 -37.94 -15.56
C PHE C 440 -14.75 -36.99 -16.45
N LYS C 441 -16.07 -36.94 -16.22
CA LYS C 441 -16.84 -35.82 -16.70
C LYS C 441 -16.55 -34.61 -15.83
N PHE C 442 -16.77 -33.44 -16.40
CA PHE C 442 -16.44 -32.20 -15.71
C PHE C 442 -17.63 -31.26 -15.71
N ILE C 443 -17.91 -30.73 -14.53
CA ILE C 443 -18.91 -29.70 -14.31
C ILE C 443 -18.16 -28.52 -13.75
N PHE C 444 -17.94 -27.52 -14.58
CA PHE C 444 -17.26 -26.31 -14.15
C PHE C 444 -18.31 -25.33 -13.65
N ARG C 445 -18.26 -25.05 -12.36
CA ARG C 445 -19.15 -24.08 -11.75
C ARG C 445 -18.33 -22.83 -11.50
N GLY C 446 -18.54 -21.83 -12.33
CA GLY C 446 -17.89 -20.58 -12.13
C GLY C 446 -18.60 -19.76 -11.09
N THR C 447 -18.03 -19.75 -9.89
CA THR C 447 -18.64 -19.14 -8.73
C THR C 447 -17.69 -18.30 -7.91
N GLY C 448 -16.39 -18.52 -8.03
CA GLY C 448 -15.42 -17.77 -7.27
C GLY C 448 -15.11 -16.43 -7.89
N TYR C 449 -15.99 -15.98 -8.77
CA TYR C 449 -15.91 -14.66 -9.34
C TYR C 449 -16.72 -13.71 -8.48
N ASP C 450 -16.10 -12.60 -8.10
CA ASP C 450 -16.83 -11.54 -7.44
C ASP C 450 -17.84 -10.92 -8.41
N GLU C 451 -18.86 -10.29 -7.84
CA GLU C 451 -19.96 -9.80 -8.66
C GLU C 451 -19.47 -8.82 -9.71
N LYS C 452 -18.48 -8.00 -9.37
CA LYS C 452 -17.87 -7.12 -10.36
C LYS C 452 -17.35 -7.93 -11.53
N LEU C 453 -16.58 -8.96 -11.24
CA LEU C 453 -16.01 -9.80 -12.28
C LEU C 453 -17.07 -10.63 -12.97
N VAL C 454 -18.05 -11.13 -12.23
CA VAL C 454 -19.15 -11.84 -12.85
C VAL C 454 -19.79 -10.97 -13.92
N ARG C 455 -20.09 -9.72 -13.56
CA ARG C 455 -20.71 -8.81 -14.48
C ARG C 455 -19.82 -8.51 -15.66
N GLU C 456 -18.54 -8.28 -15.40
CA GLU C 456 -17.59 -8.10 -16.49
C GLU C 456 -17.66 -9.26 -17.48
N VAL C 457 -17.56 -10.48 -16.97
CA VAL C 457 -17.48 -11.66 -17.81
C VAL C 457 -18.82 -12.20 -18.26
N GLU C 458 -19.90 -11.94 -17.51
CA GLU C 458 -21.22 -12.37 -17.90
C GLU C 458 -21.97 -11.29 -18.67
N GLY C 459 -21.25 -10.29 -19.15
CA GLY C 459 -21.84 -9.31 -20.02
C GLY C 459 -22.73 -8.31 -19.33
N LEU C 460 -22.67 -8.23 -18.02
CA LEU C 460 -23.60 -7.39 -17.30
C LEU C 460 -23.01 -6.03 -17.02
N GLU C 461 -23.89 -5.08 -16.77
CA GLU C 461 -23.47 -3.76 -16.34
C GLU C 461 -22.86 -3.84 -14.95
N ALA C 462 -22.14 -2.81 -14.59
CA ALA C 462 -21.47 -2.80 -13.31
C ALA C 462 -22.48 -2.98 -12.18
N SER C 463 -21.95 -3.30 -11.02
CA SER C 463 -22.82 -3.56 -9.88
C SER C 463 -23.73 -2.39 -9.57
N GLY C 464 -23.31 -1.17 -9.88
CA GLY C 464 -24.15 -0.02 -9.65
C GLY C 464 -25.36 0.06 -10.54
N SER C 465 -25.46 -0.87 -11.48
CA SER C 465 -26.56 -0.79 -12.48
C SER C 465 -27.91 -1.06 -11.85
N VAL C 466 -28.94 -0.32 -12.30
CA VAL C 466 -30.29 -0.54 -11.84
C VAL C 466 -30.59 -2.03 -11.85
N TYR C 467 -30.00 -2.76 -12.77
CA TYR C 467 -30.17 -4.20 -12.86
C TYR C 467 -29.17 -4.82 -11.89
N ILE C 468 -29.70 -5.40 -10.84
CA ILE C 468 -28.97 -5.47 -9.58
C ILE C 468 -28.32 -6.82 -9.37
N CYS C 469 -28.83 -7.88 -9.99
CA CYS C 469 -28.33 -9.21 -9.73
C CYS C 469 -27.71 -9.81 -10.99
N THR C 470 -26.75 -10.69 -10.75
CA THR C 470 -26.23 -11.60 -11.74
C THR C 470 -27.06 -12.86 -11.85
N LEU C 471 -28.12 -12.96 -11.06
CA LEU C 471 -28.99 -14.11 -11.02
C LEU C 471 -30.38 -13.83 -11.56
N CYS C 472 -31.00 -12.72 -11.17
CA CYS C 472 -32.32 -12.36 -11.61
C CYS C 472 -32.25 -11.10 -12.47
N ASP C 473 -33.26 -10.95 -13.31
CA ASP C 473 -33.42 -9.77 -14.15
C ASP C 473 -34.27 -8.72 -13.45
N THR C 474 -33.86 -8.35 -12.25
CA THR C 474 -34.63 -7.44 -11.43
C THR C 474 -33.91 -6.12 -11.32
N THR C 475 -34.68 -5.03 -11.25
CA THR C 475 -34.10 -3.74 -10.99
C THR C 475 -33.86 -3.56 -9.50
N ARG C 476 -32.89 -2.72 -9.19
CA ARG C 476 -32.60 -2.42 -7.80
C ARG C 476 -33.84 -1.93 -7.08
N LEU C 477 -34.70 -1.20 -7.78
CA LEU C 477 -35.94 -0.74 -7.20
C LEU C 477 -36.88 -1.92 -6.92
N GLU C 478 -37.15 -2.73 -7.93
CA GLU C 478 -37.97 -3.92 -7.72
C GLU C 478 -37.39 -4.78 -6.62
N ALA C 479 -36.07 -4.84 -6.53
CA ALA C 479 -35.43 -5.66 -5.51
C ALA C 479 -35.58 -5.06 -4.13
N SER C 480 -35.70 -3.75 -4.03
CA SER C 480 -35.99 -3.11 -2.76
C SER C 480 -37.47 -3.18 -2.40
N GLN C 481 -38.34 -3.42 -3.37
CA GLN C 481 -39.76 -3.56 -3.10
C GLN C 481 -40.14 -4.99 -2.76
N ASN C 482 -39.75 -5.93 -3.62
CA ASN C 482 -40.02 -7.34 -3.36
C ASN C 482 -39.07 -7.89 -2.31
N LEU C 483 -37.78 -7.88 -2.61
CA LEU C 483 -36.68 -8.14 -1.68
C LEU C 483 -36.49 -9.59 -1.31
N VAL C 484 -37.43 -10.47 -1.63
CA VAL C 484 -37.26 -11.87 -1.26
C VAL C 484 -37.68 -12.84 -2.35
N PHE C 485 -38.52 -12.40 -3.27
CA PHE C 485 -39.18 -13.29 -4.22
C PHE C 485 -38.64 -13.00 -5.61
N HIS C 486 -37.53 -13.66 -5.92
CA HIS C 486 -36.88 -13.56 -7.22
C HIS C 486 -36.32 -14.92 -7.57
N SER C 487 -36.72 -15.46 -8.71
CA SER C 487 -36.10 -16.66 -9.22
C SER C 487 -34.71 -16.33 -9.74
N ILE C 488 -33.98 -17.38 -10.11
CA ILE C 488 -32.69 -17.22 -10.76
C ILE C 488 -32.96 -17.28 -12.25
N THR C 489 -33.10 -16.11 -12.85
CA THR C 489 -33.42 -15.96 -14.25
C THR C 489 -32.19 -16.08 -15.12
N ARG C 490 -31.08 -15.53 -14.65
CA ARG C 490 -29.93 -15.29 -15.50
C ARG C 490 -29.11 -16.56 -15.68
N SER C 491 -28.29 -16.54 -16.71
CA SER C 491 -27.43 -17.65 -17.06
C SER C 491 -26.56 -17.21 -18.22
N HIS C 492 -25.44 -17.90 -18.38
CA HIS C 492 -24.53 -17.56 -19.46
C HIS C 492 -25.22 -17.68 -20.80
N ALA C 493 -26.08 -18.69 -20.96
CA ALA C 493 -26.80 -18.84 -22.20
C ALA C 493 -27.81 -17.72 -22.40
N GLU C 494 -28.57 -17.41 -21.35
CA GLU C 494 -29.52 -16.32 -21.43
C GLU C 494 -28.80 -15.01 -21.67
N ASN C 495 -27.69 -14.78 -20.98
CA ASN C 495 -26.94 -13.56 -21.16
C ASN C 495 -26.32 -13.47 -22.55
N LEU C 496 -25.96 -14.61 -23.14
CA LEU C 496 -25.49 -14.61 -24.51
C LEU C 496 -26.60 -14.24 -25.47
N GLN C 497 -27.75 -14.89 -25.33
CA GLN C 497 -28.89 -14.53 -26.15
C GLN C 497 -29.21 -13.06 -25.99
N ARG C 498 -29.01 -12.52 -24.81
CA ARG C 498 -29.39 -11.15 -24.52
C ARG C 498 -28.38 -10.16 -25.06
N TYR C 499 -27.10 -10.50 -25.05
CA TYR C 499 -26.15 -9.65 -25.76
C TYR C 499 -26.39 -9.70 -27.25
N GLU C 500 -26.73 -10.87 -27.77
CA GLU C 500 -27.07 -10.94 -29.18
C GLU C 500 -28.27 -10.08 -29.51
N VAL C 501 -29.21 -10.00 -28.58
CA VAL C 501 -30.37 -9.13 -28.74
C VAL C 501 -29.94 -7.67 -28.69
N TRP C 502 -29.13 -7.32 -27.71
CA TRP C 502 -28.67 -5.96 -27.55
C TRP C 502 -27.92 -5.50 -28.79
N ARG C 503 -27.13 -6.39 -29.35
CA ARG C 503 -26.33 -6.08 -30.52
C ARG C 503 -27.21 -5.98 -31.77
N SER C 504 -28.00 -7.02 -32.03
CA SER C 504 -28.83 -7.03 -33.22
C SER C 504 -30.04 -6.13 -33.08
N ASN C 505 -30.45 -5.84 -31.84
CA ASN C 505 -31.68 -5.09 -31.58
C ASN C 505 -32.80 -5.53 -32.52
N PRO C 506 -33.16 -6.82 -32.50
CA PRO C 506 -34.16 -7.33 -33.45
C PRO C 506 -35.55 -6.77 -33.24
N TYR C 507 -35.75 -5.95 -32.21
CA TYR C 507 -37.02 -5.31 -31.96
C TYR C 507 -36.93 -3.81 -32.16
N HIS C 508 -35.80 -3.31 -32.63
CA HIS C 508 -35.62 -1.91 -32.95
C HIS C 508 -36.09 -1.03 -31.80
N GLU C 509 -35.43 -1.21 -30.67
CA GLU C 509 -35.79 -0.54 -29.43
C GLU C 509 -34.75 0.52 -29.09
N SER C 510 -35.19 1.51 -28.33
CA SER C 510 -34.27 2.47 -27.76
C SER C 510 -33.25 1.76 -26.88
N VAL C 511 -32.23 2.50 -26.47
CA VAL C 511 -31.22 1.91 -25.63
C VAL C 511 -31.78 1.53 -24.28
N GLU C 512 -32.74 2.31 -23.78
CA GLU C 512 -33.31 2.04 -22.47
C GLU C 512 -34.20 0.81 -22.49
N GLU C 513 -35.17 0.79 -23.40
CA GLU C 513 -36.07 -0.36 -23.48
C GLU C 513 -35.34 -1.59 -24.02
N LEU C 514 -34.33 -1.38 -24.83
CA LEU C 514 -33.50 -2.50 -25.25
C LEU C 514 -32.75 -3.09 -24.06
N ARG C 515 -32.06 -2.24 -23.31
CA ARG C 515 -31.41 -2.68 -22.10
C ARG C 515 -32.37 -3.45 -21.20
N ASP C 516 -33.60 -2.97 -21.10
CA ASP C 516 -34.60 -3.70 -20.32
C ASP C 516 -34.90 -5.05 -20.92
N ARG C 517 -34.95 -5.12 -22.25
CA ARG C 517 -35.20 -6.39 -22.92
C ARG C 517 -34.10 -7.38 -22.62
N VAL C 518 -32.86 -6.90 -22.60
CA VAL C 518 -31.70 -7.73 -22.28
C VAL C 518 -31.35 -7.64 -20.81
N LYS C 519 -31.93 -6.69 -20.08
CA LYS C 519 -31.79 -6.61 -18.63
C LYS C 519 -30.34 -6.42 -18.24
N GLY C 520 -29.68 -5.47 -18.89
CA GLY C 520 -28.35 -5.06 -18.54
C GLY C 520 -27.25 -5.76 -19.28
N VAL C 521 -27.56 -6.74 -20.12
CA VAL C 521 -26.54 -7.50 -20.82
C VAL C 521 -26.23 -6.72 -22.09
N SER C 522 -25.37 -5.71 -21.94
CA SER C 522 -24.87 -4.95 -23.07
C SER C 522 -23.56 -5.50 -23.60
N ALA C 523 -22.88 -6.31 -22.80
CA ALA C 523 -21.62 -6.90 -23.18
C ALA C 523 -21.80 -8.39 -23.42
N LYS C 524 -20.86 -8.96 -24.15
CA LYS C 524 -20.96 -10.37 -24.47
C LYS C 524 -20.43 -11.19 -23.31
N PRO C 525 -21.23 -12.10 -22.77
CA PRO C 525 -20.72 -12.99 -21.73
C PRO C 525 -19.48 -13.72 -22.20
N PHE C 526 -18.39 -13.49 -21.48
CA PHE C 526 -17.11 -14.09 -21.81
C PHE C 526 -16.94 -15.44 -21.12
N ILE C 527 -17.36 -15.54 -19.88
CA ILE C 527 -17.19 -16.74 -19.08
C ILE C 527 -18.55 -17.31 -18.70
N GLU C 528 -18.63 -18.63 -18.70
CA GLU C 528 -19.82 -19.35 -18.26
C GLU C 528 -19.74 -19.50 -16.75
N THR C 529 -20.04 -18.41 -16.06
CA THR C 529 -20.15 -18.44 -14.61
C THR C 529 -21.52 -18.91 -14.21
N VAL C 530 -21.60 -19.49 -13.02
CA VAL C 530 -22.86 -19.97 -12.48
C VAL C 530 -23.54 -18.78 -11.82
N PRO C 531 -24.84 -18.60 -12.01
CA PRO C 531 -25.51 -17.51 -11.31
C PRO C 531 -25.61 -17.80 -9.83
N SER C 532 -24.51 -17.57 -9.13
CA SER C 532 -24.42 -17.86 -7.71
C SER C 532 -23.98 -16.63 -6.93
N ILE C 533 -23.58 -16.85 -5.69
CA ILE C 533 -23.24 -15.78 -4.77
C ILE C 533 -21.83 -16.03 -4.26
N ASP C 534 -21.00 -15.00 -4.28
CA ASP C 534 -19.68 -15.08 -3.67
C ASP C 534 -19.87 -14.87 -2.17
N ALA C 535 -20.03 -15.97 -1.45
CA ALA C 535 -20.26 -15.89 -0.02
C ALA C 535 -19.29 -14.94 0.64
N LEU C 536 -18.02 -14.99 0.25
CA LEU C 536 -17.05 -14.07 0.81
C LEU C 536 -17.49 -12.65 0.59
N HIS C 537 -17.65 -12.26 -0.67
CA HIS C 537 -17.97 -10.89 -0.98
C HIS C 537 -19.39 -10.53 -0.63
N CYS C 538 -20.27 -11.53 -0.46
CA CYS C 538 -21.57 -11.26 0.12
C CYS C 538 -21.41 -10.83 1.57
N ASP C 539 -20.61 -11.56 2.34
CA ASP C 539 -20.30 -11.13 3.69
C ASP C 539 -19.70 -9.74 3.70
N ILE C 540 -18.73 -9.51 2.80
CA ILE C 540 -18.09 -8.21 2.72
C ILE C 540 -19.12 -7.12 2.49
N GLY C 541 -19.91 -7.26 1.44
CA GLY C 541 -20.82 -6.20 1.06
C GLY C 541 -21.95 -6.02 2.05
N ASN C 542 -22.48 -7.12 2.56
CA ASN C 542 -23.55 -7.04 3.53
C ASN C 542 -23.05 -6.45 4.83
N ALA C 543 -21.81 -6.73 5.21
CA ALA C 543 -21.25 -6.13 6.39
C ALA C 543 -20.91 -4.69 6.18
N ALA C 544 -20.52 -4.31 4.97
CA ALA C 544 -20.30 -2.90 4.67
C ALA C 544 -21.61 -2.16 4.71
N GLU C 545 -22.69 -2.81 4.29
CA GLU C 545 -23.99 -2.16 4.34
C GLU C 545 -24.49 -2.06 5.76
N PHE C 546 -24.26 -3.09 6.57
CA PHE C 546 -24.55 -2.99 8.00
C PHE C 546 -23.69 -1.92 8.66
N TYR C 547 -22.45 -1.78 8.21
CA TYR C 547 -21.56 -0.77 8.74
C TYR C 547 -22.09 0.62 8.44
N LYS C 548 -22.55 0.83 7.20
CA LYS C 548 -23.18 2.09 6.86
C LYS C 548 -24.49 2.26 7.61
N ILE C 549 -25.24 1.19 7.77
CA ILE C 549 -26.46 1.21 8.56
C ILE C 549 -26.17 1.71 9.97
N PHE C 550 -25.09 1.22 10.56
CA PHE C 550 -24.69 1.67 11.88
C PHE C 550 -24.33 3.14 11.84
N GLN C 551 -23.56 3.55 10.83
CA GLN C 551 -23.27 4.97 10.66
C GLN C 551 -24.54 5.79 10.69
N LEU C 552 -25.58 5.30 10.02
CA LEU C 552 -26.80 6.08 9.86
C LEU C 552 -27.62 6.08 11.14
N GLU C 553 -27.84 4.91 11.73
CA GLU C 553 -28.51 4.84 13.02
C GLU C 553 -27.85 5.76 14.02
N ILE C 554 -26.52 5.80 14.03
CA ILE C 554 -25.80 6.79 14.83
C ILE C 554 -26.22 8.18 14.44
N GLY C 555 -26.57 8.39 13.17
CA GLY C 555 -27.07 9.64 12.68
C GLY C 555 -28.56 9.79 12.74
N GLU C 556 -29.27 8.75 13.19
CA GLU C 556 -30.71 8.79 13.28
C GLU C 556 -31.33 9.18 11.95
N VAL C 557 -30.74 8.68 10.86
CA VAL C 557 -31.21 9.02 9.53
C VAL C 557 -32.64 8.57 9.31
N TYR C 558 -33.11 7.58 10.07
CA TYR C 558 -34.53 7.26 10.04
C TYR C 558 -35.37 8.43 10.49
N LYS C 559 -34.77 9.37 11.22
CA LYS C 559 -35.41 10.61 11.61
C LYS C 559 -34.93 11.80 10.80
N HIS C 560 -33.70 11.75 10.29
CA HIS C 560 -33.05 12.86 9.59
C HIS C 560 -32.68 12.37 8.20
N PRO C 561 -33.61 12.36 7.25
CA PRO C 561 -33.29 11.84 5.91
C PRO C 561 -32.06 12.48 5.33
N ASN C 562 -32.01 13.81 5.33
CA ASN C 562 -30.82 14.49 4.86
C ASN C 562 -29.85 14.68 6.02
N ALA C 563 -28.59 14.87 5.66
CA ALA C 563 -27.52 14.95 6.65
C ALA C 563 -26.24 15.37 5.95
N SER C 564 -25.41 16.09 6.68
CA SER C 564 -24.19 16.61 6.09
C SER C 564 -23.21 15.49 5.81
N LYS C 565 -22.52 15.60 4.67
CA LYS C 565 -21.54 14.58 4.30
C LYS C 565 -20.47 14.43 5.37
N GLU C 566 -19.97 15.54 5.89
CA GLU C 566 -18.98 15.47 6.96
C GLU C 566 -19.60 15.06 8.28
N GLU C 567 -20.88 15.34 8.49
CA GLU C 567 -21.56 14.76 9.64
C GLU C 567 -21.65 13.24 9.50
N ARG C 568 -21.79 12.74 8.28
CA ARG C 568 -21.76 11.31 8.06
C ARG C 568 -20.36 10.75 8.29
N LYS C 569 -19.33 11.49 7.89
CA LYS C 569 -17.97 11.09 8.23
C LYS C 569 -17.78 11.04 9.73
N ARG C 570 -18.43 11.94 10.44
CA ARG C 570 -18.34 11.97 11.89
C ARG C 570 -19.03 10.76 12.51
N TRP C 571 -20.18 10.38 11.95
CA TRP C 571 -20.84 9.14 12.37
C TRP C 571 -19.95 7.94 12.13
N GLN C 572 -19.30 7.90 10.96
CA GLN C 572 -18.40 6.81 10.65
C GLN C 572 -17.24 6.76 11.62
N ALA C 573 -16.73 7.93 12.00
CA ALA C 573 -15.63 7.96 12.96
C ALA C 573 -16.09 7.52 14.34
N THR C 574 -17.30 7.89 14.72
CA THR C 574 -17.87 7.41 15.98
C THR C 574 -17.93 5.90 15.98
N LEU C 575 -18.51 5.34 14.93
CA LEU C 575 -18.61 3.89 14.81
C LEU C 575 -17.23 3.25 14.82
N ASP C 576 -16.27 3.86 14.17
CA ASP C 576 -14.92 3.31 14.14
C ASP C 576 -14.32 3.29 15.53
N LYS C 577 -14.31 4.44 16.20
CA LYS C 577 -13.77 4.51 17.55
C LYS C 577 -14.43 3.50 18.45
N HIS C 578 -15.73 3.28 18.28
CA HIS C 578 -16.43 2.40 19.20
C HIS C 578 -16.14 0.94 18.89
N LEU C 579 -16.29 0.54 17.63
CA LEU C 579 -15.92 -0.80 17.22
C LEU C 579 -14.52 -1.14 17.65
N ARG C 580 -13.62 -0.16 17.65
CA ARG C 580 -12.29 -0.38 18.18
C ARG C 580 -12.31 -0.54 19.70
N LYS C 581 -13.16 0.25 20.37
CA LYS C 581 -13.24 0.16 21.81
C LYS C 581 -13.82 -1.17 22.25
N ARG C 582 -14.95 -1.54 21.67
CA ARG C 582 -15.72 -2.68 22.15
C ARG C 582 -15.37 -3.96 21.39
N MET C 583 -15.55 -3.93 20.08
CA MET C 583 -15.26 -5.09 19.25
C MET C 583 -13.79 -5.19 18.87
N ASN C 584 -12.99 -4.22 19.27
CA ASN C 584 -11.54 -4.32 19.21
C ASN C 584 -11.03 -4.38 17.78
N LEU C 585 -11.93 -4.23 16.82
CA LEU C 585 -11.56 -4.33 15.42
C LEU C 585 -11.39 -2.92 14.85
N LYS C 586 -10.21 -2.68 14.29
CA LYS C 586 -9.81 -1.36 13.90
C LYS C 586 -10.55 -0.89 12.66
N PRO C 587 -10.43 0.40 12.32
CA PRO C 587 -11.03 0.89 11.09
C PRO C 587 -10.19 0.48 9.89
N ILE C 588 -10.86 -0.01 8.87
CA ILE C 588 -10.21 -0.44 7.65
C ILE C 588 -10.76 0.35 6.48
N MET C 589 -9.88 0.64 5.53
CA MET C 589 -10.27 1.41 4.35
C MET C 589 -11.42 0.72 3.64
N MET C 590 -11.19 -0.50 3.19
CA MET C 590 -12.19 -1.30 2.50
C MET C 590 -12.52 -2.51 3.34
N MET C 591 -13.80 -2.79 3.47
CA MET C 591 -14.25 -3.91 4.28
C MET C 591 -13.57 -5.20 3.86
N ASN C 592 -13.12 -5.95 4.85
CA ASN C 592 -12.57 -7.28 4.67
C ASN C 592 -13.47 -8.27 5.39
N GLY C 593 -13.19 -9.54 5.17
CA GLY C 593 -14.05 -10.57 5.71
C GLY C 593 -13.97 -10.67 7.22
N ASN C 594 -12.77 -10.60 7.77
CA ASN C 594 -12.64 -10.73 9.21
C ASN C 594 -13.35 -9.60 9.92
N PHE C 595 -13.30 -8.41 9.36
CA PHE C 595 -14.11 -7.30 9.86
C PHE C 595 -15.59 -7.59 9.68
N ALA C 596 -15.96 -8.19 8.56
CA ALA C 596 -17.35 -8.50 8.29
C ALA C 596 -17.88 -9.61 9.19
N ARG C 597 -16.98 -10.33 9.85
CA ARG C 597 -17.33 -11.40 10.76
C ARG C 597 -17.35 -10.95 12.20
N LYS C 598 -16.35 -10.15 12.59
CA LYS C 598 -16.38 -9.51 13.89
C LYS C 598 -17.41 -8.42 13.97
N LEU C 599 -17.96 -8.00 12.84
CA LEU C 599 -18.98 -6.97 12.79
C LEU C 599 -20.37 -7.54 12.66
N MET C 600 -20.56 -8.52 11.80
CA MET C 600 -21.83 -9.24 11.72
C MET C 600 -21.91 -10.16 12.93
N THR C 601 -22.03 -9.51 14.09
CA THR C 601 -22.05 -10.17 15.37
C THR C 601 -23.04 -9.44 16.26
N GLN C 602 -23.68 -10.19 17.16
CA GLN C 602 -24.66 -9.58 18.03
C GLN C 602 -24.00 -8.66 19.05
N GLU C 603 -22.78 -8.98 19.48
CA GLU C 603 -22.09 -8.07 20.38
C GLU C 603 -21.65 -6.82 19.67
N THR C 604 -21.40 -6.91 18.37
CA THR C 604 -21.09 -5.73 17.59
C THR C 604 -22.30 -4.80 17.53
N VAL C 605 -23.47 -5.36 17.25
CA VAL C 605 -24.65 -4.52 17.20
C VAL C 605 -24.98 -3.98 18.57
N ASP C 606 -24.69 -4.73 19.63
CA ASP C 606 -24.82 -4.18 20.97
C ASP C 606 -23.93 -2.95 21.15
N ALA C 607 -22.65 -3.08 20.80
CA ALA C 607 -21.73 -1.96 20.89
C ALA C 607 -22.27 -0.76 20.11
N VAL C 608 -22.77 -1.01 18.91
CA VAL C 608 -23.29 0.09 18.10
C VAL C 608 -24.50 0.72 18.76
N CYS C 609 -25.45 -0.10 19.18
CA CYS C 609 -26.58 0.37 19.95
C CYS C 609 -26.15 1.31 21.06
N GLU C 610 -25.02 1.02 21.71
CA GLU C 610 -24.50 1.96 22.69
C GLU C 610 -24.33 3.35 22.11
N LEU C 611 -24.30 3.48 20.80
CA LEU C 611 -24.15 4.75 20.12
C LEU C 611 -25.45 5.33 19.62
N ILE C 612 -26.56 4.63 19.84
CA ILE C 612 -27.87 5.05 19.35
C ILE C 612 -28.75 5.30 20.56
N PRO C 613 -29.40 6.46 20.68
CA PRO C 613 -30.25 6.68 21.86
C PRO C 613 -31.56 5.94 21.79
N SER C 614 -32.06 5.66 20.58
CA SER C 614 -33.37 5.06 20.41
C SER C 614 -33.26 3.55 20.57
N GLU C 615 -33.86 3.02 21.64
CA GLU C 615 -33.90 1.59 21.84
C GLU C 615 -34.77 0.88 20.81
N GLU C 616 -35.68 1.61 20.19
CA GLU C 616 -36.43 1.04 19.07
C GLU C 616 -35.49 0.71 17.92
N ARG C 617 -34.56 1.62 17.62
CA ARG C 617 -33.54 1.32 16.63
C ARG C 617 -32.60 0.25 17.13
N HIS C 618 -32.34 0.21 18.43
CA HIS C 618 -31.55 -0.89 18.97
C HIS C 618 -32.19 -2.22 18.60
N GLU C 619 -33.49 -2.35 18.81
CA GLU C 619 -34.14 -3.61 18.53
C GLU C 619 -34.25 -3.87 17.04
N ALA C 620 -34.45 -2.83 16.25
CA ALA C 620 -34.41 -2.99 14.81
C ALA C 620 -33.09 -3.57 14.36
N LEU C 621 -31.99 -3.02 14.88
CA LEU C 621 -30.66 -3.49 14.50
C LEU C 621 -30.41 -4.90 15.02
N ARG C 622 -30.78 -5.16 16.26
CA ARG C 622 -30.56 -6.48 16.83
C ARG C 622 -31.35 -7.52 16.07
N GLU C 623 -32.56 -7.19 15.63
CA GLU C 623 -33.34 -8.12 14.85
C GLU C 623 -32.75 -8.30 13.46
N LEU C 624 -32.33 -7.20 12.85
CA LEU C 624 -31.67 -7.28 11.56
C LEU C 624 -30.48 -8.21 11.62
N MET C 625 -29.65 -8.07 12.64
CA MET C 625 -28.49 -8.92 12.77
C MET C 625 -28.88 -10.34 13.15
N ASP C 626 -29.86 -10.53 14.02
CA ASP C 626 -30.30 -11.88 14.34
C ASP C 626 -30.72 -12.61 13.08
N LEU C 627 -31.43 -11.92 12.20
CA LEU C 627 -31.85 -12.53 10.95
C LEU C 627 -30.67 -12.74 10.03
N TYR C 628 -29.81 -11.75 9.91
CA TYR C 628 -28.65 -11.88 9.04
C TYR C 628 -27.76 -13.02 9.47
N LEU C 629 -27.71 -13.32 10.77
CA LEU C 629 -26.90 -14.39 11.29
C LEU C 629 -27.63 -15.72 11.33
N LYS C 630 -28.96 -15.70 11.27
CA LYS C 630 -29.70 -16.92 10.99
C LYS C 630 -29.63 -17.27 9.51
N MET C 631 -29.24 -16.31 8.68
CA MET C 631 -29.13 -16.51 7.26
C MET C 631 -27.69 -16.75 6.79
N LYS C 632 -26.73 -16.08 7.41
CA LYS C 632 -25.35 -16.17 6.98
C LYS C 632 -24.78 -17.57 7.03
N PRO C 633 -25.08 -18.40 8.02
CA PRO C 633 -24.62 -19.79 7.98
C PRO C 633 -25.00 -20.47 6.69
N VAL C 634 -26.11 -20.06 6.10
CA VAL C 634 -26.65 -20.77 4.95
C VAL C 634 -25.81 -20.51 3.73
N TRP C 635 -25.46 -19.26 3.49
CA TRP C 635 -24.64 -18.92 2.34
C TRP C 635 -23.17 -18.82 2.70
N ARG C 636 -22.79 -19.26 3.89
CA ARG C 636 -21.39 -19.46 4.24
C ARG C 636 -21.04 -20.92 4.48
N SER C 637 -22.00 -21.71 4.95
CA SER C 637 -21.78 -23.13 5.14
C SER C 637 -21.36 -23.77 3.82
N SER C 638 -20.30 -24.56 3.88
CA SER C 638 -19.96 -25.43 2.77
C SER C 638 -20.98 -26.53 2.57
N CYS C 639 -21.84 -26.76 3.55
CA CYS C 639 -22.95 -27.69 3.43
C CYS C 639 -24.02 -27.34 4.45
N PRO C 640 -24.87 -26.35 4.16
CA PRO C 640 -25.86 -25.93 5.15
C PRO C 640 -26.82 -27.02 5.56
N ALA C 641 -27.07 -28.01 4.71
CA ALA C 641 -27.87 -29.14 5.12
C ALA C 641 -27.21 -29.95 6.23
N LYS C 642 -25.91 -29.78 6.42
CA LYS C 642 -25.17 -30.50 7.44
C LYS C 642 -24.48 -29.58 8.44
N GLU C 643 -24.63 -28.27 8.30
CA GLU C 643 -24.04 -27.32 9.23
C GLU C 643 -25.04 -26.32 9.78
N CYS C 644 -26.19 -26.15 9.14
CA CYS C 644 -27.21 -25.23 9.60
C CYS C 644 -28.54 -25.59 8.92
N PRO C 645 -29.06 -26.78 9.16
CA PRO C 645 -30.20 -27.25 8.37
C PRO C 645 -31.45 -26.43 8.58
N GLU C 646 -31.77 -26.14 9.84
CA GLU C 646 -32.98 -25.39 10.13
C GLU C 646 -32.77 -23.88 10.02
N SER C 647 -31.52 -23.43 10.07
CA SER C 647 -31.24 -22.05 9.67
C SER C 647 -31.49 -21.86 8.17
N LEU C 648 -31.46 -22.95 7.41
CA LEU C 648 -31.76 -22.90 5.99
C LEU C 648 -33.24 -23.08 5.74
N CYS C 649 -33.86 -24.06 6.39
CA CYS C 649 -35.29 -24.26 6.24
C CYS C 649 -36.05 -22.99 6.60
N GLN C 650 -35.56 -22.26 7.60
CA GLN C 650 -36.13 -21.00 8.00
C GLN C 650 -35.52 -19.83 7.24
N TYR C 651 -34.78 -20.10 6.17
CA TYR C 651 -34.10 -19.02 5.47
C TYR C 651 -35.09 -18.14 4.73
N SER C 652 -36.04 -18.72 4.02
CA SER C 652 -37.04 -17.92 3.35
C SER C 652 -37.77 -17.03 4.33
N PHE C 653 -38.08 -17.56 5.52
CA PHE C 653 -38.81 -16.78 6.50
C PHE C 653 -37.94 -15.69 7.10
N ASN C 654 -36.72 -16.04 7.51
CA ASN C 654 -35.84 -15.03 8.08
C ASN C 654 -35.50 -13.96 7.06
N SER C 655 -35.46 -14.31 5.78
CA SER C 655 -35.21 -13.33 4.74
C SER C 655 -36.41 -12.44 4.50
N GLN C 656 -37.62 -13.01 4.53
CA GLN C 656 -38.81 -12.17 4.50
C GLN C 656 -38.82 -11.19 5.66
N ARG C 657 -38.41 -11.64 6.84
CA ARG C 657 -38.41 -10.77 8.00
C ARG C 657 -37.32 -9.72 7.90
N PHE C 658 -36.16 -10.10 7.36
CA PHE C 658 -35.10 -9.16 7.10
C PHE C 658 -35.57 -8.08 6.13
N ALA C 659 -36.28 -8.48 5.08
CA ALA C 659 -36.79 -7.53 4.11
C ALA C 659 -37.85 -6.63 4.71
N GLU C 660 -38.72 -7.19 5.56
CA GLU C 660 -39.70 -6.37 6.26
C GLU C 660 -38.99 -5.32 7.09
N LEU C 661 -37.99 -5.73 7.85
CA LEU C 661 -37.27 -4.80 8.71
C LEU C 661 -36.48 -3.79 7.88
N LEU C 662 -36.10 -4.16 6.68
CA LEU C 662 -35.33 -3.28 5.82
C LEU C 662 -36.21 -2.22 5.18
N SER C 663 -37.40 -2.61 4.75
CA SER C 663 -38.32 -1.72 4.08
C SER C 663 -39.27 -1.04 5.04
N THR C 664 -39.19 -1.34 6.32
CA THR C 664 -40.00 -0.71 7.34
C THR C 664 -39.16 0.08 8.33
N LYS C 665 -38.20 -0.58 8.98
CA LYS C 665 -37.38 0.07 9.99
C LYS C 665 -36.13 0.71 9.42
N PHE C 666 -35.71 0.32 8.23
CA PHE C 666 -34.56 0.91 7.57
C PHE C 666 -34.91 1.46 6.20
N LYS C 667 -36.17 1.80 5.98
CA LYS C 667 -36.60 2.28 4.68
C LYS C 667 -35.94 3.60 4.30
N TYR C 668 -35.28 4.27 5.25
CA TYR C 668 -34.48 5.43 4.90
C TYR C 668 -33.27 5.05 4.08
N ARG C 669 -32.94 3.77 4.03
CA ARG C 669 -31.80 3.27 3.30
C ARG C 669 -32.19 2.32 2.18
N TYR C 670 -33.40 1.78 2.22
CA TYR C 670 -33.85 0.75 1.32
C TYR C 670 -35.22 1.08 0.76
N GLU C 671 -35.39 2.31 0.31
CA GLU C 671 -36.56 2.71 -0.46
C GLU C 671 -36.11 3.00 -1.88
N GLY C 672 -36.50 2.13 -2.80
CA GLY C 672 -36.06 2.26 -4.16
C GLY C 672 -34.62 1.94 -4.38
N LYS C 673 -33.92 1.44 -3.37
CA LYS C 673 -32.56 0.99 -3.51
C LYS C 673 -32.29 -0.13 -2.53
N ILE C 674 -31.35 -0.98 -2.90
CA ILE C 674 -30.96 -2.13 -2.10
C ILE C 674 -29.62 -2.61 -2.62
N THR C 675 -28.77 -3.07 -1.72
CA THR C 675 -27.50 -3.60 -2.15
C THR C 675 -27.71 -4.88 -2.92
N ASN C 676 -26.83 -5.13 -3.89
CA ASN C 676 -26.97 -6.30 -4.72
C ASN C 676 -26.80 -7.56 -3.91
N TYR C 677 -25.94 -7.50 -2.89
CA TYR C 677 -25.69 -8.67 -2.10
C TYR C 677 -26.77 -8.89 -1.06
N PHE C 678 -27.47 -7.84 -0.63
CA PHE C 678 -28.69 -8.06 0.12
C PHE C 678 -29.75 -8.74 -0.73
N HIS C 679 -29.92 -8.28 -1.96
CA HIS C 679 -30.87 -8.93 -2.85
C HIS C 679 -30.52 -10.40 -3.02
N LYS C 680 -29.24 -10.69 -3.24
CA LYS C 680 -28.82 -12.08 -3.38
C LYS C 680 -29.07 -12.86 -2.10
N THR C 681 -28.62 -12.33 -0.97
CA THR C 681 -28.79 -12.97 0.31
C THR C 681 -30.25 -13.32 0.56
N LEU C 682 -31.16 -12.42 0.21
CA LEU C 682 -32.54 -12.56 0.61
C LEU C 682 -33.34 -13.37 -0.39
N ALA C 683 -33.08 -13.17 -1.67
CA ALA C 683 -33.92 -13.69 -2.74
C ALA C 683 -33.44 -15.01 -3.30
N HIS C 684 -32.13 -15.14 -3.49
CA HIS C 684 -31.59 -16.21 -4.29
C HIS C 684 -30.92 -17.30 -3.48
N VAL C 685 -30.59 -17.05 -2.23
CA VAL C 685 -29.85 -18.03 -1.44
C VAL C 685 -30.58 -19.37 -1.40
N PRO C 686 -31.86 -19.44 -1.07
CA PRO C 686 -32.51 -20.76 -1.06
C PRO C 686 -32.46 -21.48 -2.39
N GLU C 687 -32.64 -20.75 -3.48
CA GLU C 687 -32.55 -21.37 -4.80
C GLU C 687 -31.16 -21.92 -5.04
N ILE C 688 -30.13 -21.17 -4.63
CA ILE C 688 -28.77 -21.61 -4.84
C ILE C 688 -28.43 -22.79 -3.94
N ILE C 689 -29.08 -22.89 -2.79
CA ILE C 689 -28.87 -24.03 -1.93
C ILE C 689 -29.49 -25.27 -2.54
N GLU C 690 -30.75 -25.16 -2.97
CA GLU C 690 -31.41 -26.31 -3.56
C GLU C 690 -30.81 -26.69 -4.91
N ARG C 691 -30.03 -25.80 -5.52
CA ARG C 691 -29.39 -26.10 -6.80
C ARG C 691 -27.97 -26.62 -6.61
N ASP C 692 -27.10 -25.82 -6.01
CA ASP C 692 -25.70 -26.18 -5.85
C ASP C 692 -25.46 -26.97 -4.58
N GLY C 693 -26.33 -26.81 -3.59
CA GLY C 693 -26.16 -27.44 -2.31
C GLY C 693 -25.44 -26.57 -1.30
N SER C 694 -24.66 -25.61 -1.76
CA SER C 694 -23.97 -24.69 -0.89
C SER C 694 -23.69 -23.40 -1.64
N ILE C 695 -23.27 -22.40 -0.89
CA ILE C 695 -22.81 -21.14 -1.44
C ILE C 695 -21.42 -20.78 -0.96
N GLY C 696 -21.15 -20.95 0.33
CA GLY C 696 -19.82 -20.71 0.83
C GLY C 696 -18.79 -21.58 0.17
N ALA C 697 -19.13 -22.85 -0.05
CA ALA C 697 -18.21 -23.74 -0.74
C ALA C 697 -17.80 -23.15 -2.08
N TRP C 698 -18.71 -22.47 -2.73
CA TRP C 698 -18.52 -21.96 -4.09
C TRP C 698 -18.13 -20.49 -4.10
N ALA C 699 -17.41 -20.05 -3.08
CA ALA C 699 -17.06 -18.66 -2.95
C ALA C 699 -15.69 -18.37 -3.54
N SER C 700 -15.44 -17.09 -3.78
CA SER C 700 -14.12 -16.59 -4.14
C SER C 700 -13.16 -16.62 -2.98
N GLU C 701 -13.64 -17.03 -1.80
CA GLU C 701 -12.78 -17.03 -0.59
C GLU C 701 -11.48 -17.76 -0.88
N GLY C 702 -11.58 -18.95 -1.49
CA GLY C 702 -10.40 -19.74 -1.75
C GLY C 702 -9.42 -19.03 -2.66
N ASN C 703 -9.90 -18.46 -3.75
CA ASN C 703 -9.01 -17.80 -4.69
C ASN C 703 -8.46 -16.51 -4.12
N GLU C 704 -9.14 -15.92 -3.13
CA GLU C 704 -8.59 -14.74 -2.48
C GLU C 704 -7.49 -15.12 -1.49
N SER C 705 -7.70 -16.17 -0.72
CA SER C 705 -6.59 -16.70 0.05
C SER C 705 -5.45 -17.06 -0.88
N GLY C 706 -5.79 -17.53 -2.08
CA GLY C 706 -4.78 -17.76 -3.07
C GLY C 706 -4.10 -16.50 -3.53
N ASN C 707 -4.81 -15.37 -3.48
CA ASN C 707 -4.16 -14.09 -3.72
C ASN C 707 -3.11 -13.82 -2.68
N LYS C 708 -3.42 -14.16 -1.44
CA LYS C 708 -2.44 -14.02 -0.37
C LYS C 708 -1.21 -14.84 -0.70
N LEU C 709 -1.42 -16.09 -1.09
CA LEU C 709 -0.29 -16.95 -1.38
C LEU C 709 0.40 -16.56 -2.66
N PHE C 710 -0.31 -15.93 -3.59
CA PHE C 710 0.31 -15.39 -4.77
C PHE C 710 1.27 -14.28 -4.41
N ARG C 711 0.85 -13.36 -3.56
CA ARG C 711 1.76 -12.37 -3.03
C ARG C 711 2.96 -13.02 -2.38
N ARG C 712 2.72 -14.00 -1.51
CA ARG C 712 3.80 -14.63 -0.78
C ARG C 712 4.78 -15.31 -1.73
N PHE C 713 4.27 -15.96 -2.76
CA PHE C 713 5.13 -16.69 -3.68
C PHE C 713 5.85 -15.75 -4.63
N ARG C 714 5.20 -14.67 -5.03
CA ARG C 714 5.84 -13.69 -5.87
C ARG C 714 6.96 -12.98 -5.13
N LYS C 715 6.83 -12.87 -3.82
CA LYS C 715 7.85 -12.19 -3.04
C LYS C 715 8.91 -13.14 -2.53
N MET C 716 8.58 -14.42 -2.37
CA MET C 716 9.42 -15.33 -1.63
C MET C 716 9.56 -16.72 -2.24
N ASN C 717 8.90 -17.01 -3.36
CA ASN C 717 9.00 -18.34 -3.95
C ASN C 717 9.00 -18.26 -5.46
N ALA C 718 9.50 -17.17 -6.02
CA ALA C 718 9.54 -17.00 -7.46
C ALA C 718 10.75 -16.19 -7.87
N ARG C 719 11.24 -16.48 -9.07
CA ARG C 719 12.24 -15.63 -9.68
C ARG C 719 11.67 -14.23 -9.83
N GLN C 720 12.40 -13.25 -9.31
CA GLN C 720 11.88 -11.90 -9.28
C GLN C 720 12.13 -11.20 -10.60
N SER C 721 11.74 -11.85 -11.69
CA SER C 721 11.84 -11.29 -13.02
C SER C 721 10.51 -11.45 -13.72
N LYS C 722 10.08 -10.40 -14.41
CA LYS C 722 8.80 -10.42 -15.09
C LYS C 722 8.67 -11.66 -15.96
N CYS C 723 9.76 -12.08 -16.58
CA CYS C 723 9.71 -13.22 -17.48
C CYS C 723 9.35 -14.51 -16.77
N TYR C 724 9.51 -14.55 -15.46
CA TYR C 724 9.42 -15.79 -14.72
C TYR C 724 8.61 -15.71 -13.44
N GLU C 725 8.20 -14.51 -13.00
CA GLU C 725 7.46 -14.41 -11.76
C GLU C 725 6.18 -15.24 -11.82
N MET C 726 5.42 -15.11 -12.89
CA MET C 726 4.14 -15.80 -12.94
C MET C 726 4.32 -17.29 -13.12
N GLU C 727 5.28 -17.70 -13.95
CA GLU C 727 5.55 -19.12 -14.11
C GLU C 727 5.88 -19.76 -12.77
N ASP C 728 6.76 -19.12 -12.01
CA ASP C 728 7.21 -19.71 -10.76
C ASP C 728 6.12 -19.67 -9.70
N VAL C 729 5.39 -18.56 -9.61
CA VAL C 729 4.32 -18.46 -8.66
C VAL C 729 3.26 -19.50 -8.96
N LEU C 730 2.97 -19.71 -10.23
CA LEU C 730 1.98 -20.69 -10.64
C LEU C 730 2.44 -22.11 -10.33
N LYS C 731 3.70 -22.41 -10.63
CA LYS C 731 4.26 -23.71 -10.27
C LYS C 731 4.13 -23.95 -8.78
N HIS C 732 4.57 -22.98 -7.97
CA HIS C 732 4.58 -23.20 -6.53
C HIS C 732 3.19 -23.20 -5.95
N HIS C 733 2.28 -22.44 -6.52
CA HIS C 733 0.92 -22.40 -6.00
C HIS C 733 0.13 -23.61 -6.45
N TRP C 734 0.58 -24.27 -7.51
CA TRP C 734 0.01 -25.54 -7.86
C TRP C 734 0.49 -26.63 -6.92
N LEU C 735 1.79 -26.61 -6.62
CA LEU C 735 2.32 -27.57 -5.67
C LEU C 735 1.73 -27.38 -4.29
N TYR C 736 1.56 -26.13 -3.87
CA TYR C 736 0.97 -25.86 -2.58
C TYR C 736 -0.41 -26.49 -2.48
N THR C 737 -1.15 -26.46 -3.56
CA THR C 737 -2.49 -27.02 -3.63
C THR C 737 -2.50 -28.50 -3.90
N SER C 738 -1.34 -29.10 -4.08
CA SER C 738 -1.27 -30.52 -4.35
C SER C 738 -1.74 -31.31 -3.14
N LYS C 739 -2.87 -31.97 -3.28
CA LYS C 739 -3.37 -32.85 -2.22
C LYS C 739 -2.38 -33.96 -1.91
N TYR C 740 -1.45 -34.22 -2.83
CA TYR C 740 -0.42 -35.23 -2.59
C TYR C 740 0.60 -34.73 -1.59
N LEU C 741 1.17 -33.56 -1.85
CA LEU C 741 2.07 -32.94 -0.89
C LEU C 741 1.37 -32.67 0.43
N GLN C 742 0.11 -32.26 0.38
CA GLN C 742 -0.63 -32.06 1.61
C GLN C 742 -0.81 -33.36 2.37
N LYS C 743 -1.06 -34.46 1.67
CA LYS C 743 -1.07 -35.76 2.32
C LYS C 743 0.24 -35.99 3.07
N PHE C 744 1.35 -35.81 2.37
CA PHE C 744 2.64 -36.01 3.01
C PHE C 744 2.79 -35.12 4.24
N MET C 745 2.20 -33.94 4.21
CA MET C 745 2.32 -33.03 5.33
C MET C 745 1.33 -33.32 6.44
N ASN C 746 0.33 -34.16 6.18
CA ASN C 746 -0.57 -34.67 7.20
C ASN C 746 -0.24 -36.10 7.57
N ALA C 747 1.01 -36.52 7.33
CA ALA C 747 1.45 -37.86 7.65
C ALA C 747 1.43 -38.13 9.14
N HIS C 748 1.59 -37.10 9.97
CA HIS C 748 1.48 -37.28 11.41
C HIS C 748 0.17 -37.91 11.83
N ASN C 749 -0.83 -37.90 10.95
CA ASN C 749 -2.12 -38.49 11.24
C ASN C 749 -2.22 -39.91 10.70
N MET D 3 1.80 17.40 -39.68
CA MET D 3 2.40 18.74 -39.81
C MET D 3 2.15 19.56 -38.54
N ALA D 4 0.89 19.87 -38.25
CA ALA D 4 0.55 20.72 -37.11
C ALA D 4 0.25 19.80 -35.93
N LEU D 5 1.27 19.53 -35.13
CA LEU D 5 1.08 18.68 -33.97
C LEU D 5 0.70 19.51 -32.76
N GLN D 6 -0.28 19.00 -32.00
CA GLN D 6 -0.70 19.68 -30.79
C GLN D 6 -1.19 18.64 -29.79
N MET D 7 -0.59 18.60 -28.62
CA MET D 7 -1.02 17.66 -27.60
C MET D 7 -2.45 17.93 -27.20
N VAL D 8 -3.27 16.92 -27.30
CA VAL D 8 -4.67 16.97 -26.94
C VAL D 8 -4.80 16.62 -25.47
N THR D 9 -5.85 17.14 -24.84
CA THR D 9 -6.15 16.86 -23.45
C THR D 9 -7.51 16.20 -23.33
N VAL D 10 -7.57 15.13 -22.55
CA VAL D 10 -8.83 14.51 -22.19
C VAL D 10 -8.66 13.83 -20.85
N GLY D 11 -9.60 14.07 -19.94
CA GLY D 11 -9.50 13.56 -18.58
C GLY D 11 -10.60 12.57 -18.27
N HIS D 12 -11.76 12.78 -18.88
CA HIS D 12 -12.90 11.91 -18.70
C HIS D 12 -13.16 11.15 -19.99
N ASN D 13 -13.42 9.86 -19.87
CA ASN D 13 -13.59 8.93 -20.97
C ASN D 13 -12.28 8.70 -21.73
N ILE D 14 -11.16 9.19 -21.20
CA ILE D 14 -9.87 8.94 -21.83
C ILE D 14 -9.58 7.45 -21.87
N ALA D 15 -9.90 6.74 -20.79
CA ALA D 15 -9.57 5.32 -20.70
C ALA D 15 -10.23 4.52 -21.80
N LEU D 16 -11.22 5.07 -22.46
CA LEU D 16 -11.93 4.34 -23.51
C LEU D 16 -11.14 4.34 -24.80
N ILE D 17 -10.28 5.33 -25.00
CA ILE D 17 -9.49 5.42 -26.22
C ILE D 17 -8.40 4.38 -26.12
N GLN D 18 -8.62 3.28 -26.77
CA GLN D 18 -7.64 2.23 -26.86
C GLN D 18 -7.12 2.15 -28.28
N PRO D 19 -5.96 1.54 -28.46
CA PRO D 19 -5.52 1.23 -29.81
C PRO D 19 -6.52 0.34 -30.51
N GLY D 20 -6.64 0.57 -31.81
CA GLY D 20 -7.64 -0.09 -32.60
C GLY D 20 -8.91 0.69 -32.73
N PHE D 21 -9.06 1.74 -31.95
CA PHE D 21 -10.20 2.61 -32.09
C PHE D 21 -10.26 3.18 -33.50
N SER D 22 -11.46 3.52 -33.90
CA SER D 22 -11.74 3.92 -35.27
C SER D 22 -12.59 5.17 -35.23
N LEU D 23 -12.03 6.27 -35.73
CA LEU D 23 -12.79 7.48 -35.85
C LEU D 23 -13.57 7.49 -37.15
N MET D 24 -14.69 8.19 -37.12
CA MET D 24 -15.57 8.28 -38.27
C MET D 24 -15.98 9.74 -38.42
N ASN D 25 -15.72 10.31 -39.58
CA ASN D 25 -16.09 11.69 -39.84
C ASN D 25 -17.47 11.71 -40.47
N PHE D 26 -18.41 12.35 -39.80
CA PHE D 26 -19.78 12.51 -40.27
C PHE D 26 -20.04 14.00 -40.37
N ASP D 27 -19.94 14.53 -41.58
CA ASP D 27 -20.20 15.95 -41.84
C ASP D 27 -19.36 16.83 -40.91
N GLY D 28 -18.09 16.46 -40.79
CA GLY D 28 -17.16 17.23 -39.99
C GLY D 28 -17.12 16.80 -38.54
N GLN D 29 -18.25 16.30 -38.05
CA GLN D 29 -18.33 15.84 -36.68
C GLN D 29 -17.59 14.51 -36.57
N VAL D 30 -16.54 14.48 -35.76
CA VAL D 30 -15.75 13.27 -35.62
C VAL D 30 -16.33 12.41 -34.51
N PHE D 31 -16.27 11.10 -34.71
CA PHE D 31 -16.95 10.17 -33.83
C PHE D 31 -16.03 9.02 -33.48
N PHE D 32 -15.87 8.81 -32.19
CA PHE D 32 -15.01 7.74 -31.70
C PHE D 32 -15.76 6.42 -31.71
N PHE D 33 -14.99 5.35 -31.84
CA PHE D 33 -15.54 4.01 -31.82
C PHE D 33 -14.39 3.05 -31.60
N GLY D 34 -14.67 1.96 -30.91
CA GLY D 34 -13.65 1.00 -30.58
C GLY D 34 -13.14 1.26 -29.20
N GLN D 35 -14.06 1.66 -28.33
CA GLN D 35 -13.73 2.03 -26.97
C GLN D 35 -13.09 0.86 -26.24
N LYS D 36 -12.33 1.19 -25.21
CA LYS D 36 -11.77 0.16 -24.35
C LYS D 36 -12.87 -0.50 -23.56
N GLY D 37 -12.92 -1.80 -23.63
CA GLY D 37 -13.87 -2.55 -22.88
C GLY D 37 -15.21 -2.51 -23.56
N TRP D 38 -16.16 -3.00 -22.87
CA TRP D 38 -17.50 -3.01 -23.42
C TRP D 38 -18.19 -1.69 -23.11
N PRO D 39 -19.25 -1.39 -23.84
CA PRO D 39 -19.93 -0.11 -23.65
C PRO D 39 -20.51 0.03 -22.25
N LYS D 40 -20.06 1.05 -21.55
CA LYS D 40 -20.60 1.36 -20.26
C LYS D 40 -21.89 2.18 -20.42
N ARG D 41 -22.69 2.19 -19.36
CA ARG D 41 -23.97 2.87 -19.42
C ARG D 41 -23.82 4.36 -19.66
N SER D 42 -22.63 4.91 -19.42
CA SER D 42 -22.36 6.27 -19.88
C SER D 42 -22.61 6.39 -21.38
N CYS D 43 -22.01 5.50 -22.16
CA CYS D 43 -22.22 5.44 -23.61
C CYS D 43 -22.44 3.99 -24.01
N PRO D 44 -23.65 3.47 -23.80
CA PRO D 44 -23.93 2.06 -24.14
C PRO D 44 -23.66 1.69 -25.56
N THR D 45 -23.44 2.66 -26.45
CA THR D 45 -23.20 2.35 -27.84
C THR D 45 -21.73 2.10 -28.13
N GLY D 46 -20.86 2.75 -27.39
CA GLY D 46 -19.46 2.74 -27.68
C GLY D 46 -19.04 3.73 -28.73
N VAL D 47 -19.99 4.44 -29.32
CA VAL D 47 -19.71 5.52 -30.26
C VAL D 47 -19.84 6.83 -29.52
N PHE D 48 -18.86 7.71 -29.69
CA PHE D 48 -18.80 8.96 -28.98
C PHE D 48 -18.56 10.10 -29.96
N HIS D 49 -19.03 11.28 -29.57
CA HIS D 49 -18.63 12.51 -30.25
C HIS D 49 -17.20 12.81 -29.86
N PHE D 50 -16.34 12.90 -30.87
CA PHE D 50 -14.91 13.13 -30.70
C PHE D 50 -14.63 14.62 -30.82
N ASP D 51 -15.15 15.38 -29.85
CA ASP D 51 -15.16 16.82 -29.95
C ASP D 51 -13.89 17.38 -29.36
N ILE D 52 -12.99 17.83 -30.21
CA ILE D 52 -11.76 18.47 -29.78
C ILE D 52 -12.00 19.98 -29.83
N LYS D 53 -12.08 20.59 -28.66
CA LYS D 53 -12.24 22.03 -28.52
C LYS D 53 -11.02 22.58 -27.79
N GLN D 54 -10.33 23.52 -28.43
CA GLN D 54 -9.14 24.12 -27.83
C GLN D 54 -8.10 23.04 -27.55
N ASN D 55 -8.09 22.03 -28.42
CA ASN D 55 -7.17 20.91 -28.29
C ASN D 55 -7.38 20.16 -26.99
N HIS D 56 -8.61 20.18 -26.49
CA HIS D 56 -9.05 19.31 -25.42
C HIS D 56 -10.11 18.38 -25.99
N LEU D 57 -9.92 17.08 -25.81
CA LEU D 57 -10.80 16.10 -26.40
C LEU D 57 -11.88 15.71 -25.41
N LYS D 58 -13.12 15.77 -25.86
CA LYS D 58 -14.28 15.33 -25.10
C LYS D 58 -14.94 14.21 -25.87
N LEU D 59 -15.18 13.09 -25.19
CA LEU D 59 -15.94 11.99 -25.75
C LEU D 59 -17.37 12.12 -25.24
N LYS D 60 -18.22 12.64 -26.06
CA LYS D 60 -19.59 12.78 -25.61
C LYS D 60 -20.38 11.53 -25.95
N PRO D 61 -20.97 10.86 -24.99
CA PRO D 61 -21.77 9.68 -25.32
C PRO D 61 -22.77 9.93 -26.42
N ALA D 62 -22.59 9.26 -27.54
CA ALA D 62 -23.56 9.27 -28.63
C ALA D 62 -24.60 8.19 -28.42
N ILE D 63 -25.72 8.36 -29.09
CA ILE D 63 -26.80 7.40 -29.02
C ILE D 63 -26.99 6.80 -30.40
N PHE D 64 -27.79 5.76 -30.47
CA PHE D 64 -28.07 5.06 -31.70
C PHE D 64 -29.54 5.22 -32.06
N SER D 65 -29.85 4.80 -33.28
CA SER D 65 -31.23 4.74 -33.72
C SER D 65 -31.96 3.67 -32.94
N LYS D 66 -33.24 3.50 -33.26
CA LYS D 66 -34.00 2.40 -32.70
C LYS D 66 -33.70 1.11 -33.43
N ASP D 67 -33.75 1.19 -34.78
CA ASP D 67 -33.47 0.02 -35.63
C ASP D 67 -31.96 -0.23 -35.70
N SER D 68 -31.19 0.44 -34.86
CA SER D 68 -29.75 0.27 -34.88
C SER D 68 -29.34 -1.04 -34.22
N CYS D 69 -28.21 -1.55 -34.69
CA CYS D 69 -27.53 -2.68 -34.06
C CYS D 69 -26.42 -2.13 -33.18
N TYR D 70 -26.56 -2.29 -31.87
CA TYR D 70 -25.59 -1.75 -30.93
C TYR D 70 -24.35 -2.61 -31.02
N LEU D 71 -23.46 -2.22 -31.92
CA LEU D 71 -22.33 -3.05 -32.25
C LEU D 71 -21.30 -3.06 -31.13
N PRO D 72 -20.44 -4.06 -31.09
CA PRO D 72 -19.43 -4.13 -30.08
C PRO D 72 -18.33 -3.12 -30.32
N PRO D 73 -17.58 -2.77 -29.31
CA PRO D 73 -16.41 -1.93 -29.54
C PRO D 73 -15.36 -2.71 -30.30
N LEU D 74 -15.27 -2.42 -31.58
CA LEU D 74 -14.35 -3.13 -32.45
C LEU D 74 -13.05 -2.35 -32.51
N ARG D 75 -11.96 -3.00 -32.16
CA ARG D 75 -10.65 -2.41 -32.21
C ARG D 75 -9.88 -3.04 -33.36
N TYR D 76 -9.25 -2.19 -34.16
CA TYR D 76 -8.56 -2.60 -35.37
C TYR D 76 -9.52 -3.22 -36.39
N PRO D 77 -10.65 -2.59 -36.66
CA PRO D 77 -11.52 -3.03 -37.75
C PRO D 77 -11.21 -2.29 -39.04
N ALA D 78 -11.91 -2.70 -40.07
CA ALA D 78 -11.83 -2.05 -41.37
C ALA D 78 -12.92 -1.00 -41.44
N THR D 79 -12.54 0.27 -41.42
CA THR D 79 -13.48 1.36 -41.48
C THR D 79 -13.32 2.10 -42.80
N CYS D 80 -14.42 2.26 -43.50
CA CYS D 80 -14.47 3.05 -44.71
C CYS D 80 -15.72 3.93 -44.67
N SER D 81 -15.85 4.77 -45.69
CA SER D 81 -17.02 5.61 -45.87
C SER D 81 -17.70 5.20 -47.16
N TYR D 82 -18.87 4.59 -47.07
CA TYR D 82 -19.50 4.00 -48.23
C TYR D 82 -19.87 5.07 -49.26
N LYS D 83 -20.27 6.24 -48.78
CA LYS D 83 -20.68 7.31 -49.68
C LYS D 83 -20.59 8.67 -48.98
N LYS D 90 -25.65 10.06 -48.14
CA LYS D 90 -25.85 9.28 -46.92
C LYS D 90 -24.65 9.40 -46.00
N HIS D 91 -23.49 9.04 -46.54
CA HIS D 91 -22.22 9.07 -45.81
C HIS D 91 -22.29 8.16 -44.58
N GLN D 92 -22.40 6.87 -44.86
CA GLN D 92 -22.38 5.85 -43.84
C GLN D 92 -21.03 5.14 -43.81
N TYR D 93 -20.55 4.89 -42.60
CA TYR D 93 -19.26 4.25 -42.39
C TYR D 93 -19.41 2.74 -42.34
N ILE D 94 -18.69 2.04 -43.18
CA ILE D 94 -18.62 0.59 -43.13
C ILE D 94 -17.59 0.20 -42.10
N ILE D 95 -17.92 -0.77 -41.27
CA ILE D 95 -17.04 -1.28 -40.23
C ILE D 95 -17.09 -2.80 -40.32
N HIS D 96 -16.05 -3.40 -40.87
CA HIS D 96 -15.95 -4.83 -40.91
C HIS D 96 -14.93 -5.31 -39.90
N GLY D 97 -15.13 -6.53 -39.43
CA GLY D 97 -14.16 -7.13 -38.57
C GLY D 97 -13.95 -6.34 -37.30
N GLY D 98 -12.80 -6.58 -36.71
CA GLY D 98 -12.44 -5.96 -35.47
C GLY D 98 -12.49 -6.94 -34.32
N LYS D 99 -11.74 -6.61 -33.28
CA LYS D 99 -11.69 -7.43 -32.08
C LYS D 99 -12.79 -6.98 -31.14
N THR D 100 -13.82 -7.79 -31.02
CA THR D 100 -14.75 -7.65 -29.92
C THR D 100 -13.97 -7.64 -28.61
N PRO D 101 -14.35 -6.80 -27.65
CA PRO D 101 -13.56 -6.71 -26.41
C PRO D 101 -13.33 -8.03 -25.74
N ASN D 102 -14.04 -9.07 -26.15
CA ASN D 102 -13.76 -10.43 -25.75
C ASN D 102 -12.72 -11.07 -26.64
N ASN D 103 -11.95 -10.25 -27.33
CA ASN D 103 -10.93 -10.72 -28.26
C ASN D 103 -11.50 -11.74 -29.22
N GLU D 104 -12.77 -11.57 -29.55
CA GLU D 104 -13.42 -12.25 -30.64
C GLU D 104 -13.43 -11.34 -31.86
N LEU D 105 -13.29 -11.95 -33.03
CA LEU D 105 -13.33 -11.22 -34.27
C LEU D 105 -14.74 -11.22 -34.81
N SER D 106 -15.16 -10.10 -35.36
CA SER D 106 -16.52 -9.94 -35.83
C SER D 106 -16.60 -10.24 -37.31
N ASP D 107 -17.35 -11.29 -37.66
CA ASP D 107 -17.68 -11.53 -39.06
C ASP D 107 -18.74 -10.56 -39.56
N LYS D 108 -19.34 -9.80 -38.66
CA LYS D 108 -20.41 -8.89 -39.02
C LYS D 108 -19.84 -7.66 -39.70
N ILE D 109 -20.66 -7.03 -40.52
CA ILE D 109 -20.41 -5.68 -40.97
C ILE D 109 -21.35 -4.75 -40.22
N TYR D 110 -20.91 -3.54 -40.00
CA TYR D 110 -21.68 -2.54 -39.28
C TYR D 110 -21.63 -1.26 -40.11
N ILE D 111 -22.73 -0.97 -40.77
CA ILE D 111 -22.90 0.25 -41.55
C ILE D 111 -23.49 1.29 -40.63
N MET D 112 -22.64 2.17 -40.13
CA MET D 112 -23.03 3.24 -39.23
C MET D 112 -23.37 4.46 -40.06
N SER D 113 -24.65 4.65 -40.31
CA SER D 113 -25.15 5.86 -40.91
C SER D 113 -25.50 6.86 -39.80
N VAL D 114 -25.75 8.10 -40.18
CA VAL D 114 -26.29 9.10 -39.26
C VAL D 114 -27.77 9.22 -39.54
N ALA D 115 -28.59 8.94 -38.53
CA ALA D 115 -30.03 8.92 -38.67
C ALA D 115 -30.65 10.28 -38.38
N CYS D 116 -30.10 11.01 -37.41
CA CYS D 116 -30.66 12.29 -37.01
C CYS D 116 -29.57 13.11 -36.34
N LYS D 117 -29.56 14.41 -36.65
CA LYS D 117 -28.61 15.35 -36.07
C LYS D 117 -29.38 16.43 -35.33
N ASN D 118 -29.18 16.48 -34.02
CA ASN D 118 -29.84 17.45 -33.15
C ASN D 118 -28.94 17.75 -31.97
N ASN D 119 -28.98 18.99 -31.50
CA ASN D 119 -28.06 19.51 -30.49
C ASN D 119 -26.62 19.40 -30.95
N LYS D 120 -26.39 19.06 -32.21
CA LYS D 120 -25.16 18.41 -32.66
C LYS D 120 -24.94 17.07 -31.96
N LYS D 121 -25.95 16.61 -31.23
CA LYS D 121 -25.97 15.27 -30.66
C LYS D 121 -26.55 14.34 -31.73
N VAL D 122 -25.68 13.61 -32.38
CA VAL D 122 -26.04 12.81 -33.53
C VAL D 122 -26.52 11.45 -33.07
N THR D 123 -27.59 10.98 -33.71
CA THR D 123 -28.09 9.64 -33.52
C THR D 123 -27.63 8.80 -34.69
N PHE D 124 -27.16 7.59 -34.40
CA PHE D 124 -26.60 6.72 -35.42
C PHE D 124 -27.54 5.58 -35.74
N ARG D 125 -27.37 5.04 -36.93
CA ARG D 125 -28.03 3.82 -37.38
C ARG D 125 -26.91 2.85 -37.72
N CYS D 126 -26.48 2.09 -36.72
CA CYS D 126 -25.41 1.11 -36.90
C CYS D 126 -26.02 -0.19 -37.38
N THR D 127 -26.54 -0.13 -38.61
CA THR D 127 -27.20 -1.28 -39.18
C THR D 127 -26.22 -2.43 -39.36
N GLU D 128 -26.56 -3.59 -38.81
CA GLU D 128 -25.78 -4.78 -39.09
C GLU D 128 -26.00 -5.21 -40.52
N LYS D 129 -24.91 -5.51 -41.21
CA LYS D 129 -24.93 -6.05 -42.56
C LYS D 129 -24.27 -7.41 -42.51
N ASP D 130 -25.03 -8.43 -42.89
CA ASP D 130 -24.48 -9.78 -43.02
C ASP D 130 -24.04 -9.99 -44.47
N LEU D 131 -23.04 -10.83 -44.65
CA LEU D 131 -22.34 -10.94 -45.92
C LEU D 131 -22.72 -12.26 -46.56
N VAL D 132 -23.69 -12.19 -47.46
CA VAL D 132 -24.03 -13.35 -48.27
C VAL D 132 -22.88 -13.64 -49.22
N GLY D 133 -22.80 -14.89 -49.65
CA GLY D 133 -21.79 -15.29 -50.61
C GLY D 133 -20.53 -15.74 -49.93
N ASP D 134 -19.42 -15.06 -50.24
CA ASP D 134 -18.11 -15.42 -49.71
C ASP D 134 -17.77 -14.50 -48.54
N VAL D 135 -18.44 -14.75 -47.42
CA VAL D 135 -18.13 -14.07 -46.17
C VAL D 135 -16.63 -14.18 -45.96
N PRO D 136 -15.91 -13.08 -45.79
CA PRO D 136 -14.46 -13.18 -45.82
C PRO D 136 -13.90 -14.09 -44.74
N GLU D 137 -13.96 -13.64 -43.50
CA GLU D 137 -13.83 -14.42 -42.29
C GLU D 137 -13.83 -13.41 -41.16
N PRO D 138 -13.95 -13.84 -39.92
CA PRO D 138 -13.68 -12.93 -38.82
C PRO D 138 -12.22 -12.51 -38.81
N ARG D 139 -11.95 -11.22 -39.04
CA ARG D 139 -10.59 -10.74 -39.14
C ARG D 139 -10.48 -9.35 -38.56
N TYR D 140 -9.24 -8.86 -38.52
CA TYR D 140 -8.96 -7.52 -38.05
C TYR D 140 -7.63 -7.07 -38.60
N GLY D 141 -7.37 -5.78 -38.48
CA GLY D 141 -6.16 -5.19 -39.01
C GLY D 141 -6.20 -5.18 -40.52
N HIS D 142 -7.40 -5.33 -41.04
CA HIS D 142 -7.61 -5.41 -42.46
C HIS D 142 -8.05 -4.06 -42.99
N SER D 143 -8.41 -4.02 -44.27
CA SER D 143 -8.84 -2.79 -44.89
C SER D 143 -10.17 -3.03 -45.58
N ILE D 144 -11.03 -2.03 -45.53
CA ILE D 144 -12.22 -1.97 -46.35
C ILE D 144 -12.25 -0.56 -46.94
N ASP D 145 -12.56 -0.49 -48.22
CA ASP D 145 -12.57 0.80 -48.89
C ASP D 145 -13.43 0.70 -50.13
N VAL D 146 -14.36 1.63 -50.29
CA VAL D 146 -15.35 1.54 -51.36
C VAL D 146 -14.74 2.07 -52.64
N VAL D 147 -14.78 1.24 -53.67
CA VAL D 147 -14.45 1.63 -55.03
C VAL D 147 -15.75 2.01 -55.71
N TYR D 148 -15.65 2.76 -56.80
CA TYR D 148 -16.82 3.21 -57.54
C TYR D 148 -16.58 2.91 -59.02
N SER D 149 -17.05 1.75 -59.45
CA SER D 149 -16.90 1.30 -60.82
C SER D 149 -18.26 1.37 -61.50
N ARG D 150 -18.36 2.18 -62.56
CA ARG D 150 -19.58 2.26 -63.34
C ARG D 150 -20.75 2.74 -62.50
N GLY D 151 -20.46 3.63 -61.55
CA GLY D 151 -21.48 4.12 -60.65
C GLY D 151 -21.88 3.14 -59.57
N LYS D 152 -21.40 1.90 -59.64
CA LYS D 152 -21.64 0.92 -58.60
C LYS D 152 -20.55 1.06 -57.55
N SER D 153 -20.95 1.33 -56.32
CA SER D 153 -20.02 1.36 -55.21
C SER D 153 -19.91 -0.04 -54.62
N MET D 154 -18.69 -0.46 -54.37
CA MET D 154 -18.42 -1.81 -53.90
C MET D 154 -17.25 -1.76 -52.93
N GLY D 155 -17.43 -2.29 -51.74
CA GLY D 155 -16.35 -2.33 -50.78
C GLY D 155 -15.29 -3.31 -51.23
N VAL D 156 -14.04 -2.92 -51.12
CA VAL D 156 -12.92 -3.81 -51.33
C VAL D 156 -12.33 -4.08 -49.98
N LEU D 157 -12.39 -5.33 -49.58
CA LEU D 157 -11.91 -5.79 -48.29
C LEU D 157 -10.66 -6.60 -48.55
N PHE D 158 -9.53 -6.07 -48.12
CA PHE D 158 -8.27 -6.78 -48.21
C PHE D 158 -7.81 -7.20 -46.83
N GLY D 159 -7.19 -8.36 -46.79
CA GLY D 159 -7.08 -9.11 -45.57
C GLY D 159 -6.26 -8.41 -44.51
N GLY D 160 -6.53 -8.82 -43.28
CA GLY D 160 -5.79 -8.44 -42.13
C GLY D 160 -5.51 -9.65 -41.29
N ARG D 161 -5.40 -9.47 -39.98
CA ARG D 161 -5.14 -10.59 -39.10
C ARG D 161 -6.45 -11.29 -38.74
N SER D 162 -6.37 -12.61 -38.60
CA SER D 162 -7.48 -13.38 -38.09
C SER D 162 -6.91 -14.49 -37.22
N TYR D 163 -7.69 -14.88 -36.23
CA TYR D 163 -7.30 -16.03 -35.45
C TYR D 163 -7.25 -17.26 -36.33
N MET D 164 -6.42 -18.21 -35.93
CA MET D 164 -6.28 -19.42 -36.71
C MET D 164 -7.65 -20.07 -36.86
N PRO D 165 -7.90 -20.72 -38.00
CA PRO D 165 -9.21 -21.34 -38.19
C PRO D 165 -9.50 -22.35 -37.08
N SER D 166 -10.77 -22.38 -36.66
CA SER D 166 -11.19 -23.23 -35.55
C SER D 166 -10.71 -24.66 -35.68
N THR D 167 -10.29 -25.08 -36.88
CA THR D 167 -9.71 -26.40 -37.03
C THR D 167 -8.27 -26.44 -36.56
N GLN D 168 -7.51 -25.38 -36.83
CA GLN D 168 -6.11 -25.31 -36.46
C GLN D 168 -5.87 -24.49 -35.20
N ARG D 169 -6.92 -23.88 -34.65
CA ARG D 169 -6.77 -23.00 -33.49
C ARG D 169 -6.61 -23.86 -32.25
N THR D 170 -5.52 -23.65 -31.53
CA THR D 170 -5.29 -24.30 -30.26
C THR D 170 -5.25 -23.26 -29.15
N THR D 171 -5.68 -23.69 -27.96
CA THR D 171 -5.78 -22.78 -26.84
C THR D 171 -4.41 -22.32 -26.35
N GLU D 172 -3.38 -23.13 -26.57
CA GLU D 172 -2.03 -22.69 -26.27
C GLU D 172 -1.59 -21.60 -27.24
N LYS D 173 -2.27 -21.48 -28.37
CA LYS D 173 -2.03 -20.45 -29.37
C LYS D 173 -3.36 -19.89 -29.82
N TRP D 174 -4.27 -19.75 -28.87
CA TRP D 174 -5.61 -19.23 -29.13
C TRP D 174 -5.54 -17.88 -29.82
N ASN D 175 -4.89 -16.93 -29.18
CA ASN D 175 -4.80 -15.57 -29.68
C ASN D 175 -3.74 -15.42 -30.75
N SER D 176 -3.22 -16.53 -31.25
CA SER D 176 -2.26 -16.48 -32.33
C SER D 176 -2.99 -16.08 -33.60
N VAL D 177 -2.47 -15.09 -34.25
CA VAL D 177 -3.09 -14.54 -35.44
C VAL D 177 -2.27 -14.94 -36.65
N ALA D 178 -2.99 -15.15 -37.75
CA ALA D 178 -2.42 -15.35 -39.06
C ALA D 178 -3.01 -14.30 -39.97
N ASP D 179 -2.17 -13.70 -40.81
CA ASP D 179 -2.70 -12.81 -41.82
C ASP D 179 -3.57 -13.61 -42.78
N CYS D 180 -4.81 -13.18 -42.92
CA CYS D 180 -5.76 -13.91 -43.73
C CYS D 180 -5.19 -14.17 -45.12
N LEU D 181 -5.69 -15.22 -45.75
CA LEU D 181 -5.37 -15.47 -47.14
C LEU D 181 -5.52 -14.17 -47.91
N PRO D 182 -4.48 -13.70 -48.58
CA PRO D 182 -4.60 -12.39 -49.19
C PRO D 182 -5.57 -12.44 -50.34
N HIS D 183 -6.79 -12.02 -50.06
CA HIS D 183 -7.89 -12.04 -51.00
C HIS D 183 -8.50 -10.67 -51.03
N VAL D 184 -9.14 -10.37 -52.14
CA VAL D 184 -9.87 -9.12 -52.30
C VAL D 184 -11.33 -9.47 -52.34
N PHE D 185 -12.02 -9.21 -51.25
CA PHE D 185 -13.44 -9.48 -51.15
C PHE D 185 -14.18 -8.25 -51.66
N LEU D 186 -15.02 -8.45 -52.66
CA LEU D 186 -15.88 -7.39 -53.15
C LEU D 186 -17.19 -7.46 -52.40
N ILE D 187 -17.29 -6.64 -51.35
CA ILE D 187 -18.47 -6.56 -50.53
C ILE D 187 -19.48 -5.71 -51.28
N ASP D 188 -20.51 -6.35 -51.80
CA ASP D 188 -21.67 -5.63 -52.30
C ASP D 188 -22.60 -5.35 -51.15
N PHE D 189 -23.06 -4.10 -51.07
CA PHE D 189 -23.94 -3.67 -50.00
C PHE D 189 -25.38 -3.52 -50.42
N GLU D 190 -25.65 -3.08 -51.66
CA GLU D 190 -27.02 -3.13 -52.16
C GLU D 190 -27.47 -4.57 -52.34
N PHE D 191 -26.52 -5.50 -52.44
CA PHE D 191 -26.81 -6.93 -52.48
C PHE D 191 -26.34 -7.65 -51.22
N GLY D 192 -25.69 -6.94 -50.30
CA GLY D 192 -25.18 -7.57 -49.10
C GLY D 192 -24.25 -8.74 -49.33
N CYS D 193 -23.66 -8.83 -50.51
CA CYS D 193 -22.84 -9.98 -50.88
C CYS D 193 -21.36 -9.63 -50.83
N ALA D 194 -20.55 -10.67 -50.70
CA ALA D 194 -19.10 -10.56 -50.72
C ALA D 194 -18.54 -11.59 -51.67
N THR D 195 -17.51 -11.21 -52.42
CA THR D 195 -16.92 -12.07 -53.43
C THR D 195 -15.41 -12.00 -53.32
N SER D 196 -14.79 -13.12 -53.00
CA SER D 196 -13.35 -13.17 -52.83
C SER D 196 -12.67 -13.36 -54.17
N TYR D 197 -11.46 -12.81 -54.29
CA TYR D 197 -10.70 -12.87 -55.52
C TYR D 197 -9.26 -13.18 -55.15
N ILE D 198 -8.77 -14.33 -55.60
CA ILE D 198 -7.40 -14.75 -55.32
C ILE D 198 -6.51 -14.09 -56.37
N LEU D 199 -5.84 -13.04 -55.98
CA LEU D 199 -4.98 -12.32 -56.89
C LEU D 199 -3.55 -12.83 -56.78
N PRO D 200 -2.92 -13.23 -57.88
CA PRO D 200 -1.53 -13.70 -57.79
C PRO D 200 -0.57 -12.64 -57.32
N GLU D 201 -0.91 -11.37 -57.50
CA GLU D 201 -0.04 -10.30 -57.01
C GLU D 201 -0.05 -10.26 -55.49
N LEU D 202 -1.17 -10.60 -54.87
CA LEU D 202 -1.33 -10.61 -53.43
C LEU D 202 -1.26 -12.06 -52.97
N GLN D 203 -0.06 -12.50 -52.61
CA GLN D 203 0.15 -13.84 -52.09
C GLN D 203 0.83 -13.83 -50.73
N ASP D 204 1.14 -12.65 -50.20
CA ASP D 204 1.70 -12.49 -48.88
C ASP D 204 0.69 -11.73 -48.04
N GLY D 205 -0.03 -12.46 -47.20
CA GLY D 205 -1.05 -11.87 -46.36
C GLY D 205 -0.59 -10.59 -45.68
N LEU D 206 -1.45 -9.58 -45.69
CA LEU D 206 -1.15 -8.28 -45.11
C LEU D 206 -2.14 -7.97 -44.00
N SER D 207 -1.74 -7.02 -43.17
CA SER D 207 -2.61 -6.48 -42.14
C SER D 207 -2.03 -5.16 -41.66
N PHE D 208 -2.92 -4.32 -41.15
CA PHE D 208 -2.53 -3.01 -40.64
C PHE D 208 -1.90 -2.18 -41.72
N HIS D 209 -2.41 -2.37 -42.91
CA HIS D 209 -1.98 -1.66 -44.09
C HIS D 209 -2.94 -0.52 -44.37
N VAL D 210 -2.38 0.66 -44.61
CA VAL D 210 -3.21 1.78 -45.02
C VAL D 210 -3.70 1.54 -46.44
N SER D 211 -4.97 1.83 -46.65
CA SER D 211 -5.65 1.58 -47.92
C SER D 211 -6.32 2.85 -48.37
N ILE D 212 -6.19 3.16 -49.66
CA ILE D 212 -6.70 4.39 -50.22
C ILE D 212 -7.49 4.07 -51.47
N ALA D 213 -8.80 4.27 -51.41
CA ALA D 213 -9.65 4.14 -52.58
C ALA D 213 -9.96 5.52 -53.10
N ARG D 214 -9.69 5.75 -54.39
CA ARG D 214 -9.97 7.05 -54.95
C ARG D 214 -11.27 7.04 -55.73
N ASN D 215 -11.34 6.28 -56.82
CA ASN D 215 -12.58 6.09 -57.56
C ASN D 215 -12.94 4.63 -57.72
N ASP D 216 -12.04 3.83 -58.27
CA ASP D 216 -12.28 2.44 -58.58
C ASP D 216 -11.08 1.58 -58.24
N THR D 217 -10.02 2.18 -57.71
CA THR D 217 -8.78 1.51 -57.40
C THR D 217 -8.50 1.69 -55.92
N VAL D 218 -7.94 0.66 -55.31
CA VAL D 218 -7.59 0.66 -53.91
C VAL D 218 -6.09 0.45 -53.81
N TYR D 219 -5.38 1.48 -53.41
CA TYR D 219 -3.94 1.40 -53.18
C TYR D 219 -3.74 0.84 -51.78
N ILE D 220 -3.32 -0.42 -51.73
CA ILE D 220 -2.93 -1.10 -50.50
C ILE D 220 -1.46 -0.75 -50.26
N LEU D 221 -1.20 -0.05 -49.17
CA LEU D 221 0.12 0.43 -48.85
C LEU D 221 0.65 -0.19 -47.58
N GLY D 222 1.95 -0.40 -47.55
CA GLY D 222 2.58 -0.89 -46.35
C GLY D 222 1.95 -2.17 -45.90
N GLY D 223 1.79 -2.29 -44.60
CA GLY D 223 1.24 -3.48 -44.00
C GLY D 223 2.28 -4.28 -43.25
N HIS D 224 1.80 -5.36 -42.68
CA HIS D 224 2.63 -6.30 -41.96
C HIS D 224 2.16 -7.70 -42.30
N SER D 225 3.10 -8.57 -42.63
CA SER D 225 2.82 -9.96 -42.94
C SER D 225 3.48 -10.83 -41.89
N LEU D 226 2.67 -11.59 -41.18
CA LEU D 226 3.19 -12.48 -40.14
C LEU D 226 3.96 -13.64 -40.76
N ALA D 227 3.49 -14.13 -41.91
CA ALA D 227 4.23 -15.15 -42.64
C ALA D 227 5.66 -14.73 -42.90
N SER D 228 5.96 -13.44 -42.76
CA SER D 228 7.29 -12.90 -42.96
C SER D 228 7.75 -12.03 -41.79
N ASN D 229 6.84 -11.53 -40.97
CA ASN D 229 7.11 -10.57 -39.91
C ASN D 229 7.69 -9.28 -40.47
N ILE D 230 7.65 -9.09 -41.77
CA ILE D 230 8.19 -7.91 -42.40
C ILE D 230 7.04 -6.98 -42.73
N ARG D 231 7.37 -5.71 -42.86
CA ARG D 231 6.44 -4.74 -43.40
C ARG D 231 6.83 -4.46 -44.83
N PRO D 232 6.31 -5.22 -45.78
CA PRO D 232 6.78 -5.07 -47.16
C PRO D 232 6.48 -3.69 -47.70
N ALA D 233 7.48 -3.09 -48.33
CA ALA D 233 7.29 -1.80 -48.95
C ALA D 233 6.53 -1.97 -50.26
N ASN D 234 5.32 -2.50 -50.15
CA ASN D 234 4.50 -2.76 -51.32
C ASN D 234 3.42 -1.71 -51.45
N LEU D 235 3.02 -1.48 -52.69
CA LEU D 235 1.96 -0.55 -53.08
C LEU D 235 1.05 -1.23 -54.07
N TYR D 236 0.43 -2.30 -53.61
CA TYR D 236 -0.52 -2.98 -54.45
C TYR D 236 -1.59 -1.99 -54.88
N ARG D 237 -2.01 -2.07 -56.12
CA ARG D 237 -3.08 -1.24 -56.65
C ARG D 237 -4.15 -2.20 -57.17
N ILE D 238 -5.26 -2.27 -56.45
CA ILE D 238 -6.34 -3.18 -56.76
C ILE D 238 -7.38 -2.39 -57.54
N ARG D 239 -7.32 -2.49 -58.86
CA ARG D 239 -8.28 -1.82 -59.71
C ARG D 239 -9.49 -2.71 -59.87
N VAL D 240 -10.66 -2.19 -59.52
CA VAL D 240 -11.91 -2.92 -59.60
C VAL D 240 -12.71 -2.38 -60.77
N ASP D 241 -13.07 -3.28 -61.68
CA ASP D 241 -14.00 -2.99 -62.76
C ASP D 241 -15.25 -3.83 -62.53
N LEU D 242 -16.38 -3.16 -62.37
CA LEU D 242 -17.66 -3.83 -62.07
C LEU D 242 -18.57 -3.78 -63.29
N PRO D 243 -18.48 -4.75 -64.19
CA PRO D 243 -19.57 -4.95 -65.16
C PRO D 243 -20.82 -5.41 -64.45
N LEU D 244 -21.94 -5.33 -65.17
CA LEU D 244 -23.20 -5.76 -64.59
C LEU D 244 -23.19 -7.22 -64.18
N GLY D 245 -22.38 -8.04 -64.83
CA GLY D 245 -22.32 -9.46 -64.52
C GLY D 245 -21.38 -9.75 -63.38
N THR D 246 -20.50 -10.72 -63.56
CA THR D 246 -19.49 -10.99 -62.55
C THR D 246 -18.47 -9.86 -62.53
N PRO D 247 -18.04 -9.41 -61.36
CA PRO D 247 -17.09 -8.30 -61.29
C PRO D 247 -15.72 -8.73 -61.82
N ALA D 248 -14.77 -7.80 -61.70
CA ALA D 248 -13.39 -8.02 -62.08
C ALA D 248 -12.52 -7.17 -61.18
N VAL D 249 -11.39 -7.75 -60.76
CA VAL D 249 -10.46 -7.06 -59.88
C VAL D 249 -9.06 -7.50 -60.23
N ASN D 250 -8.18 -6.55 -60.52
CA ASN D 250 -6.82 -6.83 -60.97
C ASN D 250 -5.87 -6.03 -60.08
N CYS D 251 -4.91 -6.72 -59.49
CA CYS D 251 -3.91 -6.03 -58.69
C CYS D 251 -2.63 -5.83 -59.48
N THR D 252 -1.95 -4.73 -59.19
CA THR D 252 -0.69 -4.40 -59.81
C THR D 252 0.24 -3.88 -58.73
N VAL D 253 1.36 -4.54 -58.52
CA VAL D 253 2.27 -4.19 -57.44
C VAL D 253 3.12 -3.01 -57.89
N LEU D 254 2.65 -1.80 -57.63
CA LEU D 254 3.39 -0.65 -58.10
C LEU D 254 4.60 -0.40 -57.23
N PRO D 255 5.62 0.26 -57.74
CA PRO D 255 6.78 0.60 -56.94
C PRO D 255 6.51 1.85 -56.11
N GLY D 256 7.54 2.31 -55.42
CA GLY D 256 7.39 3.47 -54.57
C GLY D 256 6.62 3.21 -53.30
N GLY D 257 6.17 1.99 -53.08
CA GLY D 257 5.47 1.68 -51.85
C GLY D 257 6.38 1.80 -50.65
N ILE D 258 5.78 2.15 -49.54
CA ILE D 258 6.52 2.36 -48.30
C ILE D 258 6.28 1.19 -47.36
N SER D 259 7.30 0.87 -46.57
CA SER D 259 7.22 -0.21 -45.60
C SER D 259 6.72 0.39 -44.30
N VAL D 260 5.40 0.38 -44.13
CA VAL D 260 4.76 0.93 -42.96
C VAL D 260 3.63 0.02 -42.52
N SER D 261 3.40 -0.01 -41.22
CA SER D 261 2.33 -0.79 -40.63
C SER D 261 1.58 0.06 -39.63
N SER D 262 0.29 -0.20 -39.51
CA SER D 262 -0.56 0.48 -38.56
C SER D 262 -0.67 1.95 -38.86
N ALA D 263 -0.23 2.36 -40.04
CA ALA D 263 -0.22 3.76 -40.38
C ALA D 263 -1.63 4.31 -40.43
N ILE D 264 -1.74 5.61 -40.27
CA ILE D 264 -2.99 6.33 -40.32
C ILE D 264 -3.03 7.10 -41.62
N LEU D 265 -4.19 7.12 -42.24
CA LEU D 265 -4.39 7.74 -43.55
C LEU D 265 -5.46 8.80 -43.42
N THR D 266 -5.09 10.05 -43.66
CA THR D 266 -6.03 11.15 -43.70
C THR D 266 -5.96 11.84 -45.05
N GLN D 267 -7.14 12.12 -45.61
CA GLN D 267 -7.24 12.86 -46.86
C GLN D 267 -7.13 14.34 -46.55
N THR D 268 -6.00 14.94 -46.94
CA THR D 268 -5.79 16.36 -46.78
C THR D 268 -6.51 17.14 -47.88
N ASN D 269 -6.25 16.78 -49.13
CA ASN D 269 -6.97 17.33 -50.26
C ASN D 269 -7.56 16.19 -51.07
N ASN D 270 -8.40 16.54 -52.03
CA ASN D 270 -8.96 15.52 -52.90
C ASN D 270 -7.83 14.83 -53.66
N ASP D 271 -7.80 13.52 -53.61
CA ASP D 271 -6.76 12.71 -54.23
C ASP D 271 -5.39 12.93 -53.61
N GLU D 272 -5.33 13.60 -52.46
CA GLU D 272 -4.07 13.84 -51.75
C GLU D 272 -4.25 13.46 -50.29
N PHE D 273 -3.82 12.25 -49.97
CA PHE D 273 -3.87 11.71 -48.62
C PHE D 273 -2.52 11.87 -47.94
N VAL D 274 -2.54 11.67 -46.62
CA VAL D 274 -1.32 11.67 -45.83
C VAL D 274 -1.29 10.38 -45.04
N ILE D 275 -0.25 9.58 -45.27
CA ILE D 275 -0.01 8.36 -44.52
C ILE D 275 0.98 8.74 -43.43
N VAL D 276 0.45 9.10 -42.29
CA VAL D 276 1.26 9.50 -41.16
C VAL D 276 1.42 8.32 -40.23
N GLY D 277 2.52 8.32 -39.49
CA GLY D 277 2.69 7.35 -38.45
C GLY D 277 2.75 5.93 -38.95
N GLY D 278 2.45 5.01 -38.05
CA GLY D 278 2.60 3.60 -38.32
C GLY D 278 3.90 3.06 -37.80
N TYR D 279 4.38 2.00 -38.41
CA TYR D 279 5.61 1.35 -37.98
C TYR D 279 6.39 0.87 -39.18
N GLN D 280 7.69 1.20 -39.20
CA GLN D 280 8.59 0.66 -40.21
C GLN D 280 9.03 -0.74 -39.82
N LEU D 281 9.22 -0.97 -38.54
CA LEU D 281 9.36 -2.30 -37.97
C LEU D 281 9.05 -2.19 -36.49
N GLU D 282 9.20 -3.31 -35.78
CA GLU D 282 8.65 -3.41 -34.44
C GLU D 282 9.13 -2.28 -33.54
N ASN D 283 10.43 -2.22 -33.30
CA ASN D 283 11.00 -1.20 -32.42
C ASN D 283 11.39 0.06 -33.17
N GLN D 284 10.80 0.29 -34.35
CA GLN D 284 11.08 1.50 -35.12
C GLN D 284 9.77 1.89 -35.79
N LYS D 285 9.13 2.92 -35.24
CA LYS D 285 7.89 3.40 -35.80
C LYS D 285 8.15 4.46 -36.87
N ARG D 286 7.25 4.51 -37.84
CA ARG D 286 7.42 5.40 -38.97
C ARG D 286 7.17 6.84 -38.57
N MET D 287 8.21 7.49 -38.07
CA MET D 287 8.11 8.88 -37.66
C MET D 287 8.18 9.84 -38.83
N VAL D 288 8.11 9.33 -40.06
CA VAL D 288 8.12 10.17 -41.25
C VAL D 288 6.73 10.09 -41.88
N CYS D 289 5.99 11.17 -41.76
CA CYS D 289 4.70 11.27 -42.43
C CYS D 289 4.92 11.36 -43.93
N SER D 290 4.12 10.61 -44.68
CA SER D 290 4.25 10.50 -46.12
C SER D 290 3.04 11.14 -46.78
N LEU D 291 3.25 11.70 -47.97
CA LEU D 291 2.16 12.21 -48.77
C LEU D 291 1.88 11.24 -49.90
N VAL D 292 0.59 11.06 -50.20
CA VAL D 292 0.14 10.14 -51.24
C VAL D 292 -0.78 10.94 -52.14
N SER D 293 -0.22 11.48 -53.21
CA SER D 293 -1.02 12.22 -54.18
C SER D 293 -1.41 11.28 -55.30
N LEU D 294 -2.71 11.18 -55.56
CA LEU D 294 -3.26 10.21 -56.48
C LEU D 294 -3.74 10.88 -57.76
N GLY D 295 -4.00 10.03 -58.76
CA GLY D 295 -4.61 10.47 -60.00
C GLY D 295 -5.57 9.41 -60.49
N ASP D 296 -5.98 9.50 -61.75
CA ASP D 296 -6.92 8.53 -62.28
C ASP D 296 -6.30 7.13 -62.31
N ASN D 297 -5.02 7.04 -62.67
CA ASN D 297 -4.31 5.77 -62.67
C ASN D 297 -2.87 5.92 -62.20
N THR D 298 -2.61 6.89 -61.32
CA THR D 298 -1.27 7.10 -60.80
C THR D 298 -1.32 7.36 -59.31
N ILE D 299 -0.14 7.26 -58.69
CA ILE D 299 0.01 7.47 -57.26
C ILE D 299 1.47 7.82 -56.96
N GLU D 300 1.68 8.84 -56.14
CA GLU D 300 3.01 9.29 -55.78
C GLU D 300 3.11 9.37 -54.27
N ILE D 301 4.00 8.59 -53.69
CA ILE D 301 4.24 8.57 -52.25
C ILE D 301 5.43 9.49 -51.99
N SER D 302 5.14 10.75 -51.72
CA SER D 302 6.18 11.66 -51.30
C SER D 302 6.45 11.48 -49.81
N GLU D 303 7.38 12.28 -49.30
CA GLU D 303 7.72 12.30 -47.89
C GLU D 303 7.54 13.72 -47.39
N MET D 304 6.45 13.96 -46.66
CA MET D 304 6.14 15.28 -46.17
C MET D 304 7.19 15.74 -45.17
N GLU D 305 7.06 17.00 -44.75
CA GLU D 305 7.91 17.51 -43.70
C GLU D 305 7.62 16.79 -42.40
N THR D 306 8.54 15.96 -41.96
CA THR D 306 8.38 15.23 -40.72
C THR D 306 7.93 16.18 -39.61
N PRO D 307 6.77 15.96 -39.00
CA PRO D 307 6.28 16.91 -38.01
C PRO D 307 7.23 17.06 -36.83
N ASP D 308 6.97 18.09 -36.03
CA ASP D 308 7.78 18.33 -34.84
C ASP D 308 7.39 17.28 -33.80
N TRP D 309 7.74 16.04 -34.09
CA TRP D 309 7.38 14.94 -33.20
C TRP D 309 7.89 15.21 -31.80
N THR D 310 6.97 15.19 -30.83
CA THR D 310 7.36 15.34 -29.44
C THR D 310 8.26 14.19 -29.02
N SER D 311 9.14 14.48 -28.06
CA SER D 311 9.98 13.43 -27.50
C SER D 311 9.12 12.27 -27.01
N ASP D 312 7.99 12.58 -26.39
CA ASP D 312 7.07 11.54 -25.95
C ASP D 312 6.72 10.61 -27.09
N ILE D 313 6.56 11.16 -28.29
CA ILE D 313 6.21 10.35 -29.44
C ILE D 313 7.44 9.67 -30.00
N LYS D 314 8.50 10.43 -30.26
CA LYS D 314 9.71 9.84 -30.82
C LYS D 314 10.19 8.65 -30.02
N HIS D 315 9.93 8.65 -28.71
CA HIS D 315 10.37 7.59 -27.83
C HIS D 315 9.25 6.65 -27.42
N SER D 316 8.07 6.84 -27.98
CA SER D 316 6.96 5.95 -27.70
C SER D 316 7.09 4.68 -28.55
N LYS D 317 7.47 3.58 -27.90
CA LYS D 317 7.59 2.32 -28.62
C LYS D 317 6.35 2.04 -29.43
N ILE D 318 5.21 2.15 -28.80
CA ILE D 318 3.91 1.96 -29.45
C ILE D 318 3.32 3.31 -29.76
N TRP D 319 2.56 3.43 -30.86
CA TRP D 319 1.76 4.65 -31.20
C TRP D 319 0.62 4.28 -32.17
N PHE D 320 -0.59 4.74 -31.91
CA PHE D 320 -1.78 4.36 -32.63
C PHE D 320 -2.53 5.63 -32.98
N GLY D 321 -3.62 5.48 -33.71
CA GLY D 321 -4.46 6.62 -33.99
C GLY D 321 -5.42 6.32 -35.11
N SER D 322 -6.08 7.38 -35.55
CA SER D 322 -7.09 7.29 -36.59
C SER D 322 -7.28 8.66 -37.21
N ASN D 323 -7.79 8.65 -38.42
CA ASN D 323 -8.01 9.88 -39.16
C ASN D 323 -9.29 10.54 -38.66
N MET D 324 -9.13 11.65 -37.94
CA MET D 324 -10.28 12.44 -37.55
C MET D 324 -11.19 12.68 -38.74
N GLY D 325 -10.62 12.97 -39.90
CA GLY D 325 -11.37 12.93 -41.14
C GLY D 325 -11.16 14.10 -42.08
N ASN D 326 -10.95 15.31 -41.55
CA ASN D 326 -10.85 16.47 -42.44
C ASN D 326 -9.45 16.55 -43.03
N GLY D 327 -8.46 16.79 -42.18
CA GLY D 327 -7.08 16.60 -42.54
C GLY D 327 -6.27 16.19 -41.34
N THR D 328 -6.96 15.91 -40.24
CA THR D 328 -6.33 15.75 -38.95
C THR D 328 -6.17 14.28 -38.62
N ILE D 329 -5.29 14.02 -37.66
CA ILE D 329 -4.90 12.69 -37.27
C ILE D 329 -4.90 12.68 -35.75
N PHE D 330 -5.80 11.90 -35.15
CA PHE D 330 -5.71 11.69 -33.72
C PHE D 330 -4.72 10.57 -33.46
N LEU D 331 -3.76 10.83 -32.59
CA LEU D 331 -2.59 9.98 -32.45
C LEU D 331 -2.26 9.83 -30.98
N GLY D 332 -2.32 8.60 -30.49
CA GLY D 332 -2.08 8.31 -29.10
C GLY D 332 -0.80 7.52 -28.91
N ILE D 333 -0.17 7.74 -27.77
CA ILE D 333 1.07 7.06 -27.40
C ILE D 333 0.93 6.62 -25.95
N PRO D 334 1.31 5.40 -25.61
CA PRO D 334 1.26 4.99 -24.21
C PRO D 334 2.13 5.87 -23.34
N GLY D 335 1.51 6.51 -22.36
CA GLY D 335 2.22 7.30 -21.38
C GLY D 335 1.89 6.86 -19.98
N ASP D 336 1.75 5.55 -19.79
CA ASP D 336 1.17 5.02 -18.57
C ASP D 336 2.22 4.97 -17.45
N ASN D 337 1.71 5.05 -16.23
CA ASN D 337 2.52 4.88 -15.03
C ASN D 337 2.09 3.70 -14.17
N LYS D 338 0.80 3.36 -14.17
CA LYS D 338 0.31 2.22 -13.41
C LYS D 338 0.57 2.40 -11.92
N MET D 341 -5.40 5.36 -13.15
CA MET D 341 -4.42 6.07 -13.95
C MET D 341 -5.01 6.48 -15.29
N SER D 342 -5.78 7.57 -15.31
CA SER D 342 -6.40 8.03 -16.54
C SER D 342 -5.43 8.90 -17.32
N GLU D 343 -4.20 8.41 -17.49
CA GLU D 343 -3.19 9.04 -18.32
C GLU D 343 -2.43 7.99 -19.11
N ALA D 344 -3.08 6.86 -19.37
CA ALA D 344 -2.40 5.75 -20.05
C ALA D 344 -1.87 6.18 -21.40
N PHE D 345 -2.65 6.96 -22.12
CA PHE D 345 -2.33 7.33 -23.49
C PHE D 345 -2.34 8.84 -23.61
N TYR D 346 -1.15 9.41 -23.83
CA TYR D 346 -1.04 10.80 -24.21
C TYR D 346 -1.44 10.95 -25.66
N PHE D 347 -2.28 11.93 -25.94
CA PHE D 347 -2.89 12.06 -27.24
C PHE D 347 -2.45 13.35 -27.91
N TYR D 348 -2.50 13.36 -29.23
CA TYR D 348 -2.06 14.46 -30.05
C TYR D 348 -2.96 14.57 -31.27
N THR D 349 -3.08 15.76 -31.80
CA THR D 349 -3.74 15.99 -33.07
C THR D 349 -2.71 16.50 -34.06
N LEU D 350 -2.63 15.84 -35.20
CA LEU D 350 -1.74 16.22 -36.28
C LEU D 350 -2.62 16.73 -37.42
N ARG D 351 -2.77 18.04 -37.48
CA ARG D 351 -3.51 18.65 -38.58
C ARG D 351 -2.59 18.88 -39.77
N CYS D 352 -2.91 18.26 -40.89
CA CYS D 352 -2.13 18.36 -42.10
C CYS D 352 -2.85 19.25 -43.10
N SER D 353 -2.19 20.35 -43.49
CA SER D 353 -2.78 21.32 -44.40
C SER D 353 -4.11 21.83 -43.85
MG MG K . 11.13 4.76 7.07
MG MG L . 12.76 8.27 9.11
ZN ZN M . 27.30 19.47 6.76
MG MG N . -12.13 -8.38 -8.03
ZN ZN O . -30.89 -11.37 -8.62
MG MG P . -10.05 -8.47 -5.99
#